data_8EAT
#
_entry.id   8EAT
#
_cell.length_a   1.00
_cell.length_b   1.00
_cell.length_c   1.00
_cell.angle_alpha   90.00
_cell.angle_beta   90.00
_cell.angle_gamma   90.00
#
_symmetry.space_group_name_H-M   'P 1'
#
loop_
_entity.id
_entity.type
_entity.pdbx_description
1 polymer 'Vacuolar ATPase assembly protein VMA22'
2 polymer 'Vacuolar ATPase assembly integral membrane protein VPH2'
3 polymer 'V-type proton ATPase subunit F'
4 polymer 'V0 assembly protein 1'
5 polymer "V-type proton ATPase subunit c''"
6 polymer 'V-type proton ATPase subunit d'
7 polymer 'V-type proton ATPase subunit c'
8 polymer "V-type proton ATPase subunit c'"
#
loop_
_entity_poly.entity_id
_entity_poly.type
_entity_poly.pdbx_seq_one_letter_code
_entity_poly.pdbx_strand_id
1 'polypeptide(L)'
;MSETRMAQNMDTTDEQYLRLIELLSNYDSTLEQLQKGFQDGYIQLSRSNYYNKDSLRGNYGEDYWDETYIGQLMATVEEK
NSKVVVEIVKRKAQDKQEKKEEEDNKLTQRKKGTKPEKQKTQSHKLKQDYDPILMFGGVLSVPSSLRQSQTSFKGCIPLI
AQLINYKNEILTLVETLSEQE
;
A
2 'polypeptide(L)'
;MFEIKLNDRITEFLRKFKNSAKSNEGIDEDIDLFLKRHAIPMQSLLFYVKEYRKDSDLQCSIKELLKPLEFEFKPKAVRG
LHYSEDFKKKLEFLKYQEQELEYQSMVKRSKSVFSLQEDDELTPSQINKQIKEQVTTVFNVLVSVISVVVAIWYWTGSST
NFPVHVRLLLCLFFGILVLVADVVVYNSYLKKLEEAKVKEKTKVEKKKVLSKITL
;
B
3 'polypeptide(L)'
;MAEKRTLIAVIADEDTTTGLLLAGIGQITPETQEKNFFVYQEGKTTKEEITDKFNHFTEERDDIAILLINQHIAENIRAR
VDSFTNAFPAILEIPSKDHPYDPEKDSVLKRVRKLFGE
;
F
4 'polypeptide(L)'
;MVFGQLYALFIFTLSCCISKTVQADSSKESSSFISFDKESNWDTISTISSTADVISSVDSAIAVFEFDNFSLLDNLMIDE
EYPFFNRFFANDVSLTVHDDSPLNISQSLSPIMEQFTVDELPESASDLLYEYSLDDKSIVLFKFTSDAYDLKKLDEFIDS
CLSFLEDKSGDNLTVVINSLGWAFEDEDGDDEYATEETLSHHDNNKGKEGDDDILSSIWTEGLLMCLIVSALLLFILIVA
LSWISNLDITYGALEKSTNPIKKNN
;
b
5 'polypeptide(L)'
;MNKESKDDDMSLGKFSFSHFLYYLVLIVVIVYGLYKLFTGHGSDINFGKFLLRTSPYMWANLGIALCVGLSVVGAAWGIF
ITGSSMIGAGVRAPRITTKNLISIIFCEVVAIYGLIIAIVFSSKLTVATAENMYSKSNLYTGYSLFWAGITVGASNLICG
IAVGITGATAAISDAADSALFVKILVIEIFGSILGLLGLIVGLLMAGKASEFQ
;
c
6 'polypeptide(L)'
;MEGVYFNIDNGFIEGVVRGYRNGLLSNNQYINLTQCDTLEDLKLQLSSTDYGNFLSSVSSESLTTSLIQEYASSKLYHEF
NYIRDQSSGSTRKFMDYITYGYMIDNVALMITGTIHDRDKGEILQRCHPLGWFDTLPTLSVATDLESLYETVLVDTPLAP
YFKNCFDTAEELDDMNIEIIRNKLYKAYLEDFYNFVTEEIPEPAKECMQTLLGFEADRRSINIALNSLQSSDIDPDLKSD
LLPNIGKLYPLATFHLAQAQDFEGVRAALANVYEYRGFLETGNLEDHFYQLEMELCRDAFTQQFAISTVWAWMKSKEQEV
RNITWIAECIAQNQRERINNYISVY
;
d
7 'polypeptide(L)'
;MTELCPVYAPFFGAIGCASAIIFTSLGAAYGTAKSGVGICATCVLRPDLLFKNIVPVIMAGIIAIYGLVVSVLVCYSLGQ
KQALYTGFIQLGAGLSVGLSGLAAGFAIGIVGDAGVRGSSQQPRLFVGMILILIFAEVLGLYGLIVALLLNSRATQDVVC
;
g,h,i,j,k,l,m,n
8 'polypeptide(L)'
;MSTQLASNIYAPLYAPFFGFAGCAAAMVLSCLGAAIGTAKSGIGIAGIGTFKPELIMKSLIPVVMSGILAIYGLVVAVLI
AGNLSPTEDYTLFNGFMHLSCGLCVGFACLSSGYAIGMVGDVGVRKYMHQPRLFVGIVLILIFSEVLGLYGMIVALILNT
RGSE
;
o
#
# COMPACT_ATOMS: atom_id res chain seq x y z
N ASP A 14 -86.96 -24.82 -6.84
CA ASP A 14 -86.78 -23.80 -7.86
C ASP A 14 -85.55 -24.10 -8.70
N GLU A 15 -85.70 -24.00 -10.02
CA GLU A 15 -84.59 -24.28 -10.93
C GLU A 15 -83.47 -23.26 -10.81
N GLN A 16 -83.78 -22.02 -10.39
CA GLN A 16 -82.76 -21.00 -10.30
C GLN A 16 -81.62 -21.41 -9.39
N TYR A 17 -81.89 -22.27 -8.40
CA TYR A 17 -80.84 -22.75 -7.52
C TYR A 17 -79.70 -23.37 -8.32
N LEU A 18 -79.99 -24.10 -9.39
CA LEU A 18 -78.93 -24.63 -10.23
C LEU A 18 -77.99 -23.51 -10.68
N ARG A 19 -78.55 -22.41 -11.17
CA ARG A 19 -77.74 -21.27 -11.55
C ARG A 19 -76.87 -20.82 -10.38
N LEU A 20 -77.44 -20.75 -9.18
CA LEU A 20 -76.63 -20.41 -8.01
C LEU A 20 -75.39 -21.29 -7.95
N ILE A 21 -75.56 -22.60 -8.09
CA ILE A 21 -74.40 -23.50 -8.07
C ILE A 21 -73.40 -23.05 -9.11
N GLU A 22 -73.86 -22.83 -10.36
CA GLU A 22 -72.96 -22.34 -11.39
C GLU A 22 -72.29 -21.05 -10.93
N LEU A 23 -73.08 -20.11 -10.39
CA LEU A 23 -72.49 -18.89 -9.85
C LEU A 23 -71.39 -19.24 -8.86
N LEU A 24 -71.69 -20.11 -7.90
CA LEU A 24 -70.68 -20.50 -6.93
C LEU A 24 -69.45 -21.07 -7.62
N SER A 25 -69.66 -21.88 -8.66
CA SER A 25 -68.52 -22.41 -9.40
C SER A 25 -67.63 -21.27 -9.90
N ASN A 26 -68.24 -20.28 -10.54
CA ASN A 26 -67.45 -19.14 -11.03
C ASN A 26 -66.76 -18.44 -9.88
N TYR A 27 -67.38 -18.43 -8.69
CA TYR A 27 -66.71 -17.94 -7.51
C TYR A 27 -65.53 -18.84 -7.16
N ASP A 28 -65.78 -20.15 -7.03
CA ASP A 28 -64.75 -21.05 -6.54
C ASP A 28 -63.50 -20.97 -7.42
N SER A 29 -63.67 -21.14 -8.73
CA SER A 29 -62.52 -21.03 -9.62
C SER A 29 -61.79 -19.72 -9.40
N THR A 30 -62.52 -18.61 -9.34
CA THR A 30 -61.88 -17.33 -9.13
C THR A 30 -61.03 -17.35 -7.87
N LEU A 31 -61.58 -17.87 -6.78
CA LEU A 31 -60.80 -17.96 -5.54
C LEU A 31 -59.48 -18.68 -5.81
N GLU A 32 -59.52 -19.81 -6.49
CA GLU A 32 -58.28 -20.50 -6.82
C GLU A 32 -57.41 -19.64 -7.72
N GLN A 33 -57.98 -19.01 -8.75
CA GLN A 33 -57.20 -18.09 -9.56
C GLN A 33 -56.77 -16.87 -8.76
N LEU A 34 -57.45 -16.60 -7.65
CA LEU A 34 -56.99 -15.59 -6.70
C LEU A 34 -56.04 -16.18 -5.68
N GLN A 35 -56.19 -17.47 -5.36
CA GLN A 35 -55.22 -18.12 -4.48
C GLN A 35 -53.85 -18.12 -5.13
N LYS A 36 -53.79 -18.49 -6.41
CA LYS A 36 -52.60 -18.19 -7.20
C LYS A 36 -52.56 -16.70 -7.49
N GLY A 37 -51.56 -16.28 -8.25
CA GLY A 37 -51.38 -14.87 -8.51
C GLY A 37 -50.81 -14.18 -7.29
N PHE A 38 -51.58 -14.12 -6.19
CA PHE A 38 -50.99 -13.73 -4.92
C PHE A 38 -49.94 -14.73 -4.48
N GLN A 39 -50.31 -16.01 -4.42
CA GLN A 39 -49.36 -17.04 -4.00
C GLN A 39 -48.07 -16.93 -4.80
N ASP A 40 -48.19 -16.88 -6.13
CA ASP A 40 -47.02 -16.64 -6.95
C ASP A 40 -46.49 -15.23 -6.74
N GLY A 41 -47.37 -14.24 -6.76
CA GLY A 41 -46.92 -12.86 -6.65
C GLY A 41 -46.11 -12.62 -5.39
N TYR A 42 -46.44 -13.32 -4.31
CA TYR A 42 -45.65 -13.22 -3.09
C TYR A 42 -44.31 -13.89 -3.25
N ILE A 43 -44.29 -15.13 -3.74
CA ILE A 43 -43.02 -15.87 -3.71
C ILE A 43 -41.99 -15.16 -4.59
N GLN A 44 -42.38 -14.76 -5.79
CA GLN A 44 -41.48 -13.96 -6.61
C GLN A 44 -41.10 -12.68 -5.89
N LEU A 45 -42.06 -12.01 -5.26
CA LEU A 45 -41.73 -10.85 -4.44
C LEU A 45 -40.68 -11.23 -3.40
N SER A 46 -40.88 -12.36 -2.72
CA SER A 46 -39.85 -12.81 -1.79
C SER A 46 -38.55 -13.08 -2.51
N ARG A 47 -38.61 -13.72 -3.67
CA ARG A 47 -37.40 -13.94 -4.45
C ARG A 47 -36.78 -12.64 -4.91
N SER A 48 -37.53 -11.55 -4.92
CA SER A 48 -36.97 -10.24 -5.20
C SER A 48 -36.25 -9.65 -4.00
N ASN A 49 -36.69 -9.97 -2.77
CA ASN A 49 -35.91 -9.59 -1.60
C ASN A 49 -34.59 -10.35 -1.60
N TYR A 50 -34.65 -11.66 -1.82
CA TYR A 50 -33.50 -12.38 -2.31
C TYR A 50 -33.11 -11.74 -3.65
N TYR A 51 -31.83 -11.82 -4.01
CA TYR A 51 -31.29 -10.95 -5.05
C TYR A 51 -31.27 -9.50 -4.61
N ASN A 52 -30.94 -9.25 -3.34
CA ASN A 52 -31.07 -7.92 -2.78
C ASN A 52 -29.86 -7.03 -3.06
N LYS A 53 -28.84 -7.55 -3.74
CA LYS A 53 -27.62 -6.77 -3.91
C LYS A 53 -27.90 -5.45 -4.63
N ASP A 54 -28.78 -5.47 -5.62
CA ASP A 54 -29.10 -4.26 -6.37
C ASP A 54 -30.15 -3.39 -5.69
N SER A 55 -30.80 -3.90 -4.65
CA SER A 55 -31.82 -3.12 -3.96
C SER A 55 -31.20 -2.04 -3.09
N LEU A 56 -32.00 -1.02 -2.78
CA LEU A 56 -31.51 0.09 -1.97
C LEU A 56 -31.13 -0.35 -0.56
N ARG A 57 -31.99 -1.18 0.06
CA ARG A 57 -31.82 -1.53 1.47
C ARG A 57 -31.94 -3.02 1.73
N GLY A 58 -32.59 -3.79 0.86
CA GLY A 58 -32.82 -5.20 1.11
C GLY A 58 -34.27 -5.59 0.83
N ASN A 59 -34.99 -5.97 1.88
CA ASN A 59 -36.38 -6.40 1.71
C ASN A 59 -37.20 -5.31 1.05
N TYR A 60 -37.97 -5.71 0.03
CA TYR A 60 -38.86 -4.77 -0.63
C TYR A 60 -40.15 -4.62 0.18
N GLY A 61 -40.39 -3.41 0.67
CA GLY A 61 -41.52 -3.15 1.53
C GLY A 61 -41.48 -1.71 2.02
N GLU A 62 -41.74 -1.54 3.31
CA GLU A 62 -41.64 -0.21 3.90
C GLU A 62 -40.28 0.40 3.58
N ASP A 63 -40.26 1.73 3.47
CA ASP A 63 -39.10 2.52 3.06
C ASP A 63 -38.91 2.51 1.55
N TYR A 64 -39.71 1.75 0.80
CA TYR A 64 -39.71 1.83 -0.65
C TYR A 64 -40.96 2.52 -1.18
N TRP A 65 -42.04 2.56 -0.38
CA TRP A 65 -43.30 3.11 -0.85
C TRP A 65 -43.25 4.63 -0.95
N ASP A 66 -44.12 5.18 -1.78
CA ASP A 66 -44.20 6.62 -2.01
C ASP A 66 -45.62 7.09 -1.76
N GLU A 67 -45.81 7.86 -0.69
CA GLU A 67 -47.13 8.40 -0.39
C GLU A 67 -47.63 9.30 -1.50
N THR A 68 -46.71 9.89 -2.28
CA THR A 68 -47.10 10.74 -3.40
C THR A 68 -47.61 9.95 -4.59
N TYR A 69 -47.56 8.62 -4.55
CA TYR A 69 -47.98 7.78 -5.67
C TYR A 69 -49.50 7.77 -5.72
N ILE A 70 -50.05 8.47 -6.71
CA ILE A 70 -51.47 8.39 -6.99
C ILE A 70 -51.77 7.08 -7.71
N GLY A 71 -52.83 6.40 -7.29
CA GLY A 71 -53.07 5.06 -7.77
C GLY A 71 -53.18 5.00 -9.28
N GLN A 72 -52.40 4.08 -9.87
CA GLN A 72 -52.55 3.79 -11.29
C GLN A 72 -53.88 3.11 -11.59
N LEU A 73 -54.53 2.57 -10.56
CA LEU A 73 -55.76 1.81 -10.72
C LEU A 73 -56.90 2.49 -9.99
N MET A 74 -58.03 2.64 -10.69
CA MET A 74 -59.23 3.24 -10.12
C MET A 74 -60.40 2.28 -10.28
N ALA A 75 -61.21 2.17 -9.24
CA ALA A 75 -62.35 1.27 -9.20
C ALA A 75 -63.64 2.09 -9.26
N THR A 76 -64.53 1.70 -10.15
CA THR A 76 -65.79 2.39 -10.39
C THR A 76 -66.94 1.50 -9.95
N VAL A 77 -67.88 2.08 -9.20
CA VAL A 77 -69.08 1.39 -8.74
C VAL A 77 -70.23 1.79 -9.64
N GLU A 78 -70.92 0.80 -10.21
CA GLU A 78 -72.01 1.08 -11.13
C GLU A 78 -73.33 1.34 -10.44
N GLU A 79 -73.72 0.47 -9.50
CA GLU A 79 -75.00 0.61 -8.80
C GLU A 79 -76.16 0.66 -9.79
N LYS A 80 -76.07 -0.12 -10.86
CA LYS A 80 -77.08 -0.15 -11.90
C LYS A 80 -78.20 -1.15 -11.62
N ASN A 81 -78.10 -1.90 -10.52
CA ASN A 81 -79.12 -2.89 -10.16
C ASN A 81 -78.98 -3.18 -8.67
N SER A 82 -79.94 -3.95 -8.15
CA SER A 82 -79.84 -4.36 -6.75
C SER A 82 -78.53 -5.08 -6.47
N LYS A 83 -77.98 -5.76 -7.46
CA LYS A 83 -76.64 -6.32 -7.35
C LYS A 83 -75.62 -5.24 -7.65
N VAL A 84 -74.79 -4.90 -6.66
CA VAL A 84 -73.75 -3.89 -6.87
C VAL A 84 -72.65 -4.48 -7.74
N VAL A 85 -72.25 -3.74 -8.77
CA VAL A 85 -71.24 -4.17 -9.72
C VAL A 85 -70.09 -3.19 -9.68
N VAL A 86 -68.87 -3.71 -9.56
CA VAL A 86 -67.66 -2.90 -9.45
C VAL A 86 -66.69 -3.32 -10.54
N GLU A 87 -66.03 -2.33 -11.13
CA GLU A 87 -65.02 -2.58 -12.15
C GLU A 87 -63.75 -1.85 -11.77
N ILE A 88 -62.62 -2.30 -12.34
CA ILE A 88 -61.32 -1.70 -12.09
C ILE A 88 -60.67 -1.40 -13.43
N VAL A 89 -60.16 -0.18 -13.57
CA VAL A 89 -59.53 0.28 -14.82
C VAL A 89 -58.37 1.19 -14.48
N LYS A 90 -57.71 1.69 -15.52
CA LYS A 90 -56.63 2.65 -15.32
C LYS A 90 -57.17 3.92 -14.69
N ARG A 91 -56.41 4.46 -13.73
CA ARG A 91 -56.85 5.66 -13.04
C ARG A 91 -56.88 6.85 -13.99
N LYS A 92 -57.84 7.74 -13.77
CA LYS A 92 -57.99 8.94 -14.59
C LYS A 92 -57.48 10.15 -13.82
N LYS A 127 -45.02 12.48 -13.39
CA LYS A 127 -46.39 12.51 -12.93
C LYS A 127 -46.64 11.42 -11.89
N GLN A 128 -47.69 11.60 -11.08
CA GLN A 128 -48.00 10.63 -10.03
C GLN A 128 -48.51 9.32 -10.61
N ASP A 129 -49.25 9.37 -11.72
CA ASP A 129 -49.79 8.17 -12.34
C ASP A 129 -48.72 7.50 -13.20
N TYR A 130 -47.73 6.95 -12.51
CA TYR A 130 -46.60 6.28 -13.13
C TYR A 130 -46.60 4.81 -12.77
N ASP A 131 -45.83 4.03 -13.53
CA ASP A 131 -45.79 2.59 -13.34
C ASP A 131 -45.21 2.28 -11.97
N PRO A 132 -45.89 1.52 -11.11
CA PRO A 132 -45.45 1.41 -9.71
C PRO A 132 -44.10 0.74 -9.51
N ILE A 133 -43.62 -0.05 -10.47
CA ILE A 133 -42.35 -0.73 -10.25
C ILE A 133 -41.22 0.26 -10.16
N LEU A 134 -41.33 1.40 -10.85
CA LEU A 134 -40.32 2.44 -10.74
C LEU A 134 -40.18 2.93 -9.31
N MET A 135 -41.21 2.70 -8.49
CA MET A 135 -41.13 3.05 -7.07
C MET A 135 -39.98 2.33 -6.39
N PHE A 136 -39.66 1.11 -6.83
CA PHE A 136 -38.59 0.31 -6.23
C PHE A 136 -37.27 0.46 -6.99
N GLY A 137 -37.14 1.46 -7.84
CA GLY A 137 -35.95 1.61 -8.65
C GLY A 137 -36.05 0.79 -9.92
N GLY A 138 -37.12 1.02 -10.69
CA GLY A 138 -37.54 0.12 -11.74
C GLY A 138 -36.79 0.23 -13.04
N VAL A 139 -35.87 1.17 -13.19
CA VAL A 139 -35.18 1.35 -14.47
C VAL A 139 -33.92 0.50 -14.54
N LEU A 140 -33.17 0.39 -13.44
CA LEU A 140 -31.89 -0.28 -13.44
C LEU A 140 -31.68 -1.27 -12.30
N SER A 141 -32.39 -1.12 -11.18
CA SER A 141 -32.04 -1.84 -9.97
C SER A 141 -33.00 -2.96 -9.58
N VAL A 142 -34.22 -2.97 -10.09
CA VAL A 142 -35.16 -4.04 -9.71
C VAL A 142 -34.65 -5.37 -10.25
N PRO A 143 -34.76 -6.46 -9.49
CA PRO A 143 -34.42 -7.77 -10.05
C PRO A 143 -35.46 -8.22 -11.05
N SER A 144 -35.04 -9.14 -11.92
CA SER A 144 -35.94 -9.65 -12.94
C SER A 144 -37.13 -10.39 -12.33
N SER A 145 -37.03 -10.78 -11.06
CA SER A 145 -38.13 -11.46 -10.40
C SER A 145 -39.17 -10.49 -9.84
N LEU A 146 -38.79 -9.25 -9.54
CA LEU A 146 -39.77 -8.26 -9.13
C LEU A 146 -40.75 -7.98 -10.27
N ARG A 147 -40.29 -8.04 -11.52
CA ARG A 147 -41.19 -7.88 -12.65
C ARG A 147 -42.20 -9.02 -12.71
N GLN A 148 -41.76 -10.25 -12.46
CA GLN A 148 -42.70 -11.37 -12.41
C GLN A 148 -43.70 -11.18 -11.28
N SER A 149 -43.23 -10.70 -10.13
CA SER A 149 -44.14 -10.43 -9.03
C SER A 149 -45.17 -9.37 -9.42
N GLN A 150 -44.72 -8.32 -10.09
CA GLN A 150 -45.64 -7.29 -10.55
C GLN A 150 -46.66 -7.87 -11.53
N THR A 151 -46.21 -8.74 -12.43
CA THR A 151 -47.12 -9.35 -13.39
C THR A 151 -48.19 -10.17 -12.67
N SER A 152 -47.78 -10.96 -11.69
CA SER A 152 -48.76 -11.76 -10.95
C SER A 152 -49.74 -10.88 -10.20
N PHE A 153 -49.23 -9.83 -9.54
CA PHE A 153 -50.12 -8.97 -8.76
C PHE A 153 -51.10 -8.22 -9.66
N LYS A 154 -50.64 -7.75 -10.83
CA LYS A 154 -51.56 -7.15 -11.79
C LYS A 154 -52.60 -8.15 -12.25
N GLY A 155 -52.18 -9.37 -12.58
CA GLY A 155 -53.13 -10.39 -12.98
C GLY A 155 -54.15 -10.70 -11.92
N CYS A 156 -53.81 -10.46 -10.65
CA CYS A 156 -54.77 -10.65 -9.56
C CYS A 156 -55.91 -9.63 -9.61
N ILE A 157 -55.63 -8.40 -10.05
CA ILE A 157 -56.63 -7.33 -9.91
C ILE A 157 -57.93 -7.65 -10.65
N PRO A 158 -57.90 -8.06 -11.92
CA PRO A 158 -59.17 -8.45 -12.56
C PRO A 158 -59.88 -9.54 -11.80
N LEU A 159 -59.14 -10.47 -11.22
CA LEU A 159 -59.75 -11.49 -10.38
C LEU A 159 -60.32 -10.89 -9.11
N ILE A 160 -59.71 -9.84 -8.57
CA ILE A 160 -60.27 -9.15 -7.41
C ILE A 160 -61.63 -8.55 -7.76
N ALA A 161 -61.70 -7.86 -8.90
CA ALA A 161 -62.97 -7.28 -9.33
C ALA A 161 -64.02 -8.36 -9.55
N GLN A 162 -63.63 -9.44 -10.24
CA GLN A 162 -64.55 -10.54 -10.44
C GLN A 162 -65.05 -11.10 -9.12
N LEU A 163 -64.14 -11.32 -8.17
CA LEU A 163 -64.53 -11.90 -6.89
C LEU A 163 -65.50 -10.99 -6.15
N ILE A 164 -65.25 -9.68 -6.17
CA ILE A 164 -66.19 -8.75 -5.55
C ILE A 164 -67.57 -8.90 -6.20
N ASN A 165 -67.60 -8.93 -7.53
CA ASN A 165 -68.88 -9.03 -8.22
C ASN A 165 -69.61 -10.31 -7.83
N TYR A 166 -68.92 -11.45 -7.87
CA TYR A 166 -69.58 -12.72 -7.56
C TYR A 166 -70.02 -12.78 -6.11
N LYS A 167 -69.22 -12.23 -5.20
CA LYS A 167 -69.64 -12.18 -3.80
C LYS A 167 -70.94 -11.40 -3.66
N ASN A 168 -71.02 -10.25 -4.33
CA ASN A 168 -72.25 -9.46 -4.25
C ASN A 168 -73.44 -10.18 -4.86
N GLU A 169 -73.26 -10.85 -6.00
CA GLU A 169 -74.36 -11.59 -6.60
C GLU A 169 -74.81 -12.74 -5.70
N ILE A 170 -73.87 -13.44 -5.09
CA ILE A 170 -74.22 -14.54 -4.19
C ILE A 170 -74.99 -14.02 -2.99
N LEU A 171 -74.58 -12.88 -2.44
CA LEU A 171 -75.32 -12.31 -1.32
C LEU A 171 -76.72 -11.86 -1.75
N THR A 172 -76.86 -11.30 -2.95
CA THR A 172 -78.18 -10.93 -3.44
C THR A 172 -79.08 -12.14 -3.59
N LEU A 173 -78.54 -13.24 -4.13
CA LEU A 173 -79.33 -14.45 -4.27
C LEU A 173 -79.68 -15.05 -2.90
N VAL A 174 -78.76 -14.96 -1.94
CA VAL A 174 -79.05 -15.45 -0.60
C VAL A 174 -80.18 -14.67 0.03
N GLU A 175 -80.15 -13.34 -0.10
CA GLU A 175 -81.26 -12.52 0.38
C GLU A 175 -82.54 -12.76 -0.41
N THR A 176 -82.42 -13.19 -1.67
CA THR A 176 -83.60 -13.43 -2.50
C THR A 176 -84.31 -14.73 -2.10
N LEU A 177 -83.55 -15.79 -1.83
CA LEU A 177 -84.14 -17.08 -1.49
C LEU A 177 -84.68 -17.05 -0.06
N MET B 1 -61.81 -24.85 -4.51
CA MET B 1 -61.65 -24.34 -3.12
C MET B 1 -62.37 -25.24 -2.13
N PHE B 2 -63.53 -25.75 -2.53
CA PHE B 2 -64.31 -26.64 -1.70
C PHE B 2 -65.28 -27.44 -2.55
N GLU B 3 -65.54 -28.67 -2.13
CA GLU B 3 -66.53 -29.54 -2.76
C GLU B 3 -67.79 -29.59 -1.92
N ILE B 4 -68.76 -30.37 -2.40
CA ILE B 4 -70.04 -30.54 -1.72
C ILE B 4 -70.06 -31.89 -1.01
N LYS B 5 -70.53 -31.90 0.23
CA LYS B 5 -70.63 -33.14 0.98
C LYS B 5 -71.62 -34.09 0.32
N LEU B 6 -71.36 -35.39 0.47
CA LEU B 6 -72.18 -36.41 -0.16
C LEU B 6 -73.40 -36.74 0.70
N ASN B 7 -74.32 -35.78 0.85
CA ASN B 7 -75.53 -36.01 1.62
C ASN B 7 -76.45 -36.97 0.86
N ASP B 8 -77.62 -37.23 1.46
CA ASP B 8 -78.56 -38.17 0.87
C ASP B 8 -78.95 -37.75 -0.55
N ARG B 9 -79.24 -36.46 -0.74
CA ARG B 9 -79.57 -35.97 -2.07
C ARG B 9 -78.40 -36.18 -3.02
N ILE B 10 -77.18 -35.88 -2.55
CA ILE B 10 -76.01 -36.04 -3.40
C ILE B 10 -75.82 -37.50 -3.80
N THR B 11 -75.93 -38.41 -2.83
CA THR B 11 -75.75 -39.83 -3.12
C THR B 11 -76.81 -40.32 -4.09
N GLU B 12 -78.07 -39.96 -3.85
CA GLU B 12 -79.15 -40.40 -4.75
C GLU B 12 -78.96 -39.86 -6.16
N PHE B 13 -78.59 -38.59 -6.28
CA PHE B 13 -78.41 -38.00 -7.60
C PHE B 13 -77.22 -38.63 -8.31
N LEU B 14 -76.13 -38.91 -7.59
CA LEU B 14 -74.99 -39.58 -8.19
C LEU B 14 -75.36 -40.98 -8.67
N ARG B 15 -76.14 -41.71 -7.87
CA ARG B 15 -76.57 -43.03 -8.27
C ARG B 15 -77.44 -42.96 -9.52
N LYS B 16 -78.35 -41.99 -9.58
CA LYS B 16 -79.18 -41.83 -10.77
C LYS B 16 -78.33 -41.48 -11.98
N PHE B 17 -77.35 -40.59 -11.82
CA PHE B 17 -76.51 -40.19 -12.94
C PHE B 17 -75.67 -41.36 -13.43
N LYS B 18 -75.25 -42.24 -12.52
CA LYS B 18 -74.49 -43.41 -12.93
C LYS B 18 -75.23 -44.24 -13.98
N ASN B 19 -76.56 -44.24 -13.95
CA ASN B 19 -77.38 -44.89 -14.96
C ASN B 19 -78.20 -43.88 -15.75
N SER B 20 -77.62 -42.73 -16.09
CA SER B 20 -78.33 -41.65 -16.77
C SER B 20 -77.39 -41.06 -17.80
N ALA B 21 -77.72 -39.87 -18.30
CA ALA B 21 -76.89 -39.20 -19.30
C ALA B 21 -75.45 -39.03 -18.82
N LYS B 22 -75.24 -38.89 -17.51
CA LYS B 22 -73.90 -38.81 -16.96
C LYS B 22 -73.22 -40.16 -16.83
N SER B 23 -73.76 -41.21 -17.46
CA SER B 23 -73.19 -42.55 -17.37
C SER B 23 -71.92 -42.71 -18.18
N ASN B 24 -71.38 -41.64 -18.76
CA ASN B 24 -70.13 -41.72 -19.49
C ASN B 24 -69.03 -42.28 -18.61
N GLU B 25 -68.00 -42.86 -19.24
CA GLU B 25 -66.93 -43.50 -18.48
C GLU B 25 -66.27 -42.51 -17.53
N GLY B 26 -65.86 -41.34 -18.05
CA GLY B 26 -65.21 -40.36 -17.20
C GLY B 26 -66.13 -39.83 -16.11
N ILE B 27 -67.37 -39.49 -16.47
CA ILE B 27 -68.31 -38.95 -15.49
C ILE B 27 -68.63 -40.01 -14.44
N ASP B 28 -68.85 -41.25 -14.88
CA ASP B 28 -69.14 -42.33 -13.92
C ASP B 28 -67.97 -42.56 -12.98
N GLU B 29 -66.74 -42.56 -13.51
CA GLU B 29 -65.57 -42.73 -12.67
C GLU B 29 -65.44 -41.59 -11.67
N ASP B 30 -65.70 -40.36 -12.12
CA ASP B 30 -65.64 -39.22 -11.20
C ASP B 30 -66.69 -39.35 -10.10
N ILE B 31 -67.89 -39.78 -10.46
CA ILE B 31 -68.94 -39.96 -9.46
C ILE B 31 -68.54 -41.04 -8.45
N ASP B 32 -67.97 -42.14 -8.93
CA ASP B 32 -67.53 -43.20 -8.03
C ASP B 32 -66.43 -42.70 -7.11
N LEU B 33 -65.48 -41.93 -7.63
CA LEU B 33 -64.42 -41.38 -6.79
C LEU B 33 -65.00 -40.43 -5.74
N PHE B 34 -65.96 -39.60 -6.13
CA PHE B 34 -66.60 -38.70 -5.17
C PHE B 34 -67.29 -39.48 -4.07
N LEU B 35 -68.00 -40.55 -4.44
CA LEU B 35 -68.60 -41.42 -3.43
C LEU B 35 -67.53 -41.97 -2.50
N LYS B 36 -66.40 -42.40 -3.06
CA LYS B 36 -65.27 -42.78 -2.23
C LYS B 36 -64.70 -41.58 -1.48
N ARG B 37 -64.68 -40.42 -2.13
CA ARG B 37 -64.16 -39.21 -1.49
C ARG B 37 -65.18 -38.52 -0.60
N HIS B 38 -66.43 -38.99 -0.58
CA HIS B 38 -67.49 -38.42 0.26
C HIS B 38 -67.83 -37.00 -0.16
N ALA B 39 -67.41 -36.58 -1.35
CA ALA B 39 -67.75 -35.26 -1.86
C ALA B 39 -67.47 -35.22 -3.35
N ILE B 40 -68.18 -34.32 -4.04
CA ILE B 40 -68.07 -34.16 -5.48
C ILE B 40 -67.81 -32.68 -5.78
N PRO B 41 -66.96 -32.35 -6.75
CA PRO B 41 -66.86 -30.95 -7.17
C PRO B 41 -68.20 -30.43 -7.63
N MET B 42 -68.52 -29.19 -7.22
CA MET B 42 -69.85 -28.66 -7.48
C MET B 42 -70.03 -28.25 -8.94
N GLN B 43 -68.94 -27.98 -9.65
CA GLN B 43 -69.04 -27.79 -11.10
C GLN B 43 -69.50 -29.09 -11.76
N SER B 44 -68.95 -30.22 -11.32
CA SER B 44 -69.43 -31.51 -11.81
C SER B 44 -70.88 -31.74 -11.43
N LEU B 45 -71.28 -31.28 -10.23
CA LEU B 45 -72.68 -31.40 -9.83
C LEU B 45 -73.58 -30.61 -10.78
N LEU B 46 -73.17 -29.40 -11.15
CA LEU B 46 -73.96 -28.61 -12.10
C LEU B 46 -74.01 -29.29 -13.46
N PHE B 47 -72.89 -29.88 -13.89
CA PHE B 47 -72.88 -30.60 -15.16
C PHE B 47 -73.85 -31.78 -15.13
N TYR B 48 -73.86 -32.54 -14.03
CA TYR B 48 -74.79 -33.66 -13.91
C TYR B 48 -76.23 -33.17 -13.87
N VAL B 49 -76.48 -32.03 -13.20
CA VAL B 49 -77.82 -31.47 -13.18
C VAL B 49 -78.26 -31.12 -14.60
N LYS B 50 -77.37 -30.48 -15.37
CA LYS B 50 -77.69 -30.19 -16.77
C LYS B 50 -77.98 -31.45 -17.55
N GLU B 51 -77.20 -32.51 -17.32
CA GLU B 51 -77.43 -33.77 -18.01
C GLU B 51 -78.81 -34.33 -17.67
N TYR B 52 -79.19 -34.28 -16.39
CA TYR B 52 -80.50 -34.80 -15.99
C TYR B 52 -81.62 -33.96 -16.57
N ARG B 53 -81.50 -32.64 -16.51
CA ARG B 53 -82.53 -31.76 -17.02
C ARG B 53 -82.47 -31.65 -18.54
N ILE B 62 -84.47 -36.76 -12.72
CA ILE B 62 -84.01 -35.50 -12.15
C ILE B 62 -84.35 -35.46 -10.66
N LYS B 63 -83.70 -34.54 -9.95
CA LYS B 63 -83.92 -34.38 -8.51
C LYS B 63 -83.89 -32.89 -8.17
N GLU B 64 -84.48 -32.56 -7.03
CA GLU B 64 -84.55 -31.17 -6.59
C GLU B 64 -83.18 -30.67 -6.17
N LEU B 65 -83.07 -29.36 -5.99
CA LEU B 65 -81.81 -28.72 -5.62
C LEU B 65 -81.64 -28.60 -4.11
N LEU B 66 -82.73 -28.40 -3.37
CA LEU B 66 -82.62 -28.22 -1.93
C LEU B 66 -82.01 -29.45 -1.28
N LYS B 67 -81.10 -29.23 -0.32
CA LYS B 67 -80.43 -30.32 0.36
C LYS B 67 -79.70 -29.75 1.57
N PRO B 68 -79.27 -30.62 2.50
CA PRO B 68 -78.49 -30.15 3.68
C PRO B 68 -77.05 -29.79 3.31
N LEU B 69 -76.86 -28.55 2.86
CA LEU B 69 -75.57 -28.10 2.37
C LEU B 69 -74.48 -28.31 3.40
N GLU B 70 -73.34 -28.83 2.95
CA GLU B 70 -72.15 -28.98 3.76
C GLU B 70 -70.93 -28.96 2.85
N PHE B 71 -70.11 -27.94 3.03
CA PHE B 71 -68.98 -27.68 2.14
C PHE B 71 -67.73 -28.35 2.70
N GLU B 72 -67.15 -29.25 1.91
CA GLU B 72 -65.90 -29.92 2.25
C GLU B 72 -64.76 -29.03 1.74
N PHE B 73 -64.18 -28.27 2.65
CA PHE B 73 -63.08 -27.38 2.30
C PHE B 73 -61.79 -28.18 2.13
N LYS B 74 -60.87 -27.62 1.34
CA LYS B 74 -59.59 -28.26 1.12
C LYS B 74 -58.87 -28.41 2.46
N PRO B 75 -58.39 -29.60 2.82
CA PRO B 75 -57.79 -29.78 4.14
C PRO B 75 -56.57 -28.89 4.32
N LYS B 76 -56.43 -28.34 5.52
CA LYS B 76 -55.26 -27.53 5.85
C LYS B 76 -54.03 -28.43 5.96
N ALA B 77 -52.90 -27.94 5.46
CA ALA B 77 -51.67 -28.70 5.54
C ALA B 77 -51.27 -28.90 6.99
N VAL B 78 -50.75 -30.09 7.29
CA VAL B 78 -50.29 -30.42 8.63
C VAL B 78 -48.81 -30.06 8.69
N ARG B 79 -48.48 -29.10 9.54
CA ARG B 79 -47.10 -28.62 9.62
C ARG B 79 -46.25 -29.59 10.43
N GLY B 80 -45.14 -30.02 9.85
CA GLY B 80 -44.27 -30.99 10.51
C GLY B 80 -44.54 -32.43 10.15
N LEU B 81 -45.29 -32.70 9.09
CA LEU B 81 -45.61 -34.08 8.74
C LEU B 81 -44.37 -34.83 8.26
N HIS B 82 -43.46 -34.17 7.55
CA HIS B 82 -42.28 -34.80 7.01
C HIS B 82 -41.13 -34.86 8.01
N TYR B 83 -41.32 -34.34 9.22
CA TYR B 83 -40.27 -34.41 10.23
C TYR B 83 -39.93 -35.86 10.55
N SER B 84 -38.63 -36.16 10.60
CA SER B 84 -38.18 -37.43 11.12
C SER B 84 -38.18 -37.40 12.64
N GLU B 85 -38.39 -38.57 13.25
CA GLU B 85 -38.43 -38.64 14.70
C GLU B 85 -37.17 -38.07 15.33
N ASP B 86 -36.02 -38.29 14.70
CA ASP B 86 -34.79 -37.66 15.18
C ASP B 86 -34.88 -36.15 15.09
N PHE B 87 -35.43 -35.63 13.99
CA PHE B 87 -35.65 -34.19 13.89
C PHE B 87 -36.61 -33.69 14.95
N LYS B 88 -37.66 -34.46 15.22
CA LYS B 88 -38.61 -34.08 16.26
C LYS B 88 -37.91 -34.00 17.62
N LYS B 89 -37.06 -34.98 17.93
CA LYS B 89 -36.32 -34.94 19.18
C LYS B 89 -35.37 -33.76 19.24
N LYS B 90 -34.70 -33.45 18.12
CA LYS B 90 -33.80 -32.30 18.09
C LYS B 90 -34.57 -31.01 18.35
N LEU B 91 -35.73 -30.86 17.71
CA LEU B 91 -36.54 -29.67 17.95
C LEU B 91 -37.02 -29.61 19.40
N GLU B 92 -37.38 -30.76 19.97
CA GLU B 92 -37.81 -30.78 21.37
C GLU B 92 -36.67 -30.35 22.29
N PHE B 93 -35.46 -30.84 22.05
CA PHE B 93 -34.33 -30.45 22.87
C PHE B 93 -34.04 -28.96 22.75
N LEU B 94 -34.08 -28.45 21.52
CA LEU B 94 -33.84 -27.02 21.33
C LEU B 94 -34.93 -26.19 22.01
N LYS B 95 -36.17 -26.65 21.95
CA LYS B 95 -37.26 -25.95 22.63
C LYS B 95 -37.07 -25.97 24.14
N TYR B 96 -36.60 -27.09 24.68
CA TYR B 96 -36.32 -27.16 26.12
C TYR B 96 -35.22 -26.19 26.49
N GLN B 97 -34.17 -26.11 25.67
CA GLN B 97 -33.09 -25.16 25.93
C GLN B 97 -33.59 -23.73 25.89
N GLU B 98 -34.43 -23.41 24.89
CA GLU B 98 -34.99 -22.07 24.79
C GLU B 98 -35.86 -21.74 25.99
N GLN B 99 -36.69 -22.69 26.44
CA GLN B 99 -37.51 -22.47 27.62
C GLN B 99 -36.63 -22.23 28.85
N GLU B 100 -35.57 -23.02 28.99
CA GLU B 100 -34.65 -22.82 30.11
C GLU B 100 -34.02 -21.44 30.06
N LEU B 101 -33.69 -20.97 28.86
CA LEU B 101 -32.97 -19.70 28.72
C LEU B 101 -33.70 -18.56 29.41
N GLU B 102 -35.03 -18.63 29.49
CA GLU B 102 -35.80 -17.52 30.04
C GLU B 102 -35.49 -17.23 31.50
N TYR B 103 -34.99 -18.22 32.25
CA TYR B 103 -34.65 -18.03 33.65
C TYR B 103 -33.25 -18.46 34.03
N GLN B 104 -32.65 -19.42 33.31
CA GLN B 104 -31.26 -19.77 33.59
C GLN B 104 -30.33 -18.60 33.32
N SER B 105 -30.59 -17.84 32.26
CA SER B 105 -29.82 -16.64 31.95
C SER B 105 -30.33 -15.41 32.67
N MET B 106 -31.42 -15.50 33.40
CA MET B 106 -31.98 -14.36 34.12
C MET B 106 -31.02 -13.90 35.21
N GLU C 3 -72.04 7.90 -9.34
CA GLU C 3 -71.45 7.52 -8.05
C GLU C 3 -70.04 8.08 -7.94
N LYS C 4 -69.75 8.74 -6.82
CA LYS C 4 -68.46 9.39 -6.63
C LYS C 4 -67.37 8.45 -6.14
N ARG C 5 -67.73 7.25 -5.69
CA ARG C 5 -66.75 6.29 -5.19
C ARG C 5 -65.83 5.87 -6.33
N THR C 6 -64.57 6.27 -6.25
CA THR C 6 -63.61 5.98 -7.30
C THR C 6 -62.23 5.58 -6.79
N LEU C 7 -62.04 5.40 -5.48
CA LEU C 7 -60.75 5.08 -4.91
C LEU C 7 -60.82 3.73 -4.21
N ILE C 8 -59.65 3.19 -3.90
CA ILE C 8 -59.52 1.89 -3.23
C ILE C 8 -58.80 2.09 -1.92
N ALA C 9 -59.27 1.40 -0.88
CA ALA C 9 -58.65 1.40 0.43
C ALA C 9 -58.21 -0.01 0.77
N VAL C 10 -57.11 -0.11 1.52
CA VAL C 10 -56.52 -1.39 1.89
C VAL C 10 -56.06 -1.32 3.33
N ILE C 11 -56.39 -2.34 4.11
CA ILE C 11 -55.71 -2.63 5.37
C ILE C 11 -55.11 -4.02 5.23
N ALA C 12 -53.79 -4.10 5.33
CA ALA C 12 -53.09 -5.29 4.89
C ALA C 12 -51.74 -5.37 5.56
N ASP C 13 -51.04 -6.48 5.32
CA ASP C 13 -49.68 -6.63 5.77
C ASP C 13 -48.73 -5.86 4.85
N GLU C 14 -47.49 -5.72 5.30
CA GLU C 14 -46.51 -4.95 4.52
C GLU C 14 -46.27 -5.60 3.16
N ASP C 15 -46.19 -6.92 3.12
CA ASP C 15 -45.91 -7.62 1.87
C ASP C 15 -47.13 -7.62 0.94
N THR C 16 -48.33 -7.83 1.50
CA THR C 16 -49.53 -7.72 0.69
C THR C 16 -49.70 -6.29 0.18
N THR C 17 -49.41 -5.30 1.01
CA THR C 17 -49.47 -3.92 0.56
C THR C 17 -48.45 -3.66 -0.54
N THR C 18 -47.26 -4.22 -0.42
CA THR C 18 -46.27 -4.08 -1.49
C THR C 18 -46.77 -4.70 -2.78
N GLY C 19 -47.40 -5.88 -2.68
CA GLY C 19 -47.94 -6.51 -3.88
C GLY C 19 -49.02 -5.68 -4.52
N LEU C 20 -49.92 -5.12 -3.70
CA LEU C 20 -50.99 -4.27 -4.24
C LEU C 20 -50.42 -3.01 -4.87
N LEU C 21 -49.41 -2.40 -4.25
CA LEU C 21 -48.74 -1.26 -4.86
C LEU C 21 -48.16 -1.63 -6.21
N LEU C 22 -47.50 -2.78 -6.29
CA LEU C 22 -46.99 -3.25 -7.56
C LEU C 22 -48.11 -3.46 -8.57
N ALA C 23 -49.30 -3.83 -8.09
CA ALA C 23 -50.43 -4.01 -8.99
C ALA C 23 -50.84 -2.69 -9.63
N GLY C 24 -50.84 -1.61 -8.87
CA GLY C 24 -51.21 -0.31 -9.40
C GLY C 24 -51.96 0.57 -8.41
N ILE C 25 -52.38 -0.01 -7.29
CA ILE C 25 -53.07 0.76 -6.26
C ILE C 25 -52.12 1.81 -5.71
N GLY C 26 -52.66 3.00 -5.42
CA GLY C 26 -51.84 4.08 -4.91
C GLY C 26 -51.97 4.26 -3.40
N GLN C 27 -50.96 4.92 -2.83
CA GLN C 27 -50.91 5.15 -1.39
C GLN C 27 -51.92 6.21 -0.93
N ILE C 28 -52.43 7.04 -1.83
CA ILE C 28 -53.36 8.10 -1.46
C ILE C 28 -54.31 8.32 -2.63
N THR C 29 -55.42 9.01 -2.36
CA THR C 29 -56.44 9.22 -3.38
C THR C 29 -55.91 10.16 -4.48
N PRO C 30 -56.48 10.07 -5.68
CA PRO C 30 -56.03 10.98 -6.75
C PRO C 30 -56.19 12.45 -6.40
N GLU C 31 -57.25 12.82 -5.70
CA GLU C 31 -57.45 14.19 -5.24
C GLU C 31 -57.79 14.16 -3.76
N THR C 32 -57.38 15.21 -3.05
CA THR C 32 -57.49 15.24 -1.60
C THR C 32 -56.83 13.99 -1.01
N GLN C 33 -55.67 13.64 -1.52
CA GLN C 33 -55.03 12.37 -1.19
C GLN C 33 -54.82 12.22 0.31
N GLU C 34 -55.16 11.05 0.83
CA GLU C 34 -54.90 10.71 2.22
C GLU C 34 -54.45 9.27 2.28
N LYS C 35 -53.63 8.96 3.27
CA LYS C 35 -53.10 7.61 3.43
C LYS C 35 -54.22 6.60 3.54
N ASN C 36 -54.33 5.71 2.55
CA ASN C 36 -55.38 4.70 2.52
C ASN C 36 -54.87 3.30 2.81
N PHE C 37 -53.63 3.17 3.27
CA PHE C 37 -53.04 1.88 3.59
C PHE C 37 -52.76 1.80 5.09
N PHE C 38 -53.26 0.75 5.73
CA PHE C 38 -52.94 0.43 7.11
C PHE C 38 -52.13 -0.86 7.11
N VAL C 39 -50.91 -0.81 7.64
CA VAL C 39 -49.96 -1.91 7.52
C VAL C 39 -50.04 -2.69 8.83
N TYR C 40 -50.91 -3.69 8.86
CA TYR C 40 -51.06 -4.53 10.05
C TYR C 40 -49.80 -5.38 10.24
N GLN C 41 -49.39 -5.51 11.51
CA GLN C 41 -48.23 -6.31 11.87
C GLN C 41 -48.66 -7.40 12.84
N GLU C 42 -48.29 -8.63 12.54
CA GLU C 42 -48.66 -9.74 13.40
C GLU C 42 -48.00 -9.59 14.76
N GLY C 43 -48.79 -9.85 15.81
CA GLY C 43 -48.28 -9.78 17.17
C GLY C 43 -48.02 -8.39 17.68
N LYS C 44 -48.29 -7.34 16.89
CA LYS C 44 -48.03 -5.96 17.30
C LYS C 44 -49.20 -5.04 16.98
N THR C 45 -50.42 -5.57 16.96
CA THR C 45 -51.61 -4.77 16.72
C THR C 45 -52.81 -5.45 17.36
N THR C 46 -53.49 -4.73 18.25
CA THR C 46 -54.64 -5.26 18.95
C THR C 46 -55.90 -5.06 18.11
N LYS C 47 -56.96 -5.78 18.49
CA LYS C 47 -58.22 -5.69 17.77
C LYS C 47 -58.72 -4.25 17.70
N GLU C 48 -58.42 -3.45 18.72
CA GLU C 48 -58.94 -2.09 18.76
C GLU C 48 -58.44 -1.28 17.57
N GLU C 49 -57.13 -1.35 17.28
CA GLU C 49 -56.59 -0.58 16.17
C GLU C 49 -57.18 -1.03 14.85
N ILE C 50 -57.30 -2.34 14.65
CA ILE C 50 -57.83 -2.86 13.39
C ILE C 50 -59.27 -2.39 13.20
N THR C 51 -60.08 -2.50 14.26
CA THR C 51 -61.45 -2.03 14.19
C THR C 51 -61.52 -0.53 13.94
N ASP C 52 -60.64 0.24 14.57
CA ASP C 52 -60.64 1.68 14.38
C ASP C 52 -60.36 2.05 12.93
N LYS C 53 -59.34 1.42 12.34
CA LYS C 53 -59.03 1.72 10.93
C LYS C 53 -60.11 1.20 10.00
N PHE C 54 -60.72 0.05 10.31
CA PHE C 54 -61.83 -0.45 9.51
C PHE C 54 -62.98 0.54 9.52
N ASN C 55 -63.31 1.08 10.69
CA ASN C 55 -64.35 2.10 10.78
C ASN C 55 -63.94 3.35 10.02
N HIS C 56 -62.67 3.73 10.13
CA HIS C 56 -62.19 4.90 9.39
C HIS C 56 -62.44 4.75 7.89
N PHE C 57 -62.12 3.58 7.34
CA PHE C 57 -62.28 3.36 5.90
C PHE C 57 -63.73 3.10 5.49
N THR C 58 -64.57 2.57 6.37
CA THR C 58 -65.93 2.21 6.00
C THR C 58 -66.94 3.33 6.23
N GLU C 59 -66.80 4.09 7.32
CA GLU C 59 -67.70 5.20 7.62
C GLU C 59 -67.28 6.49 6.93
N GLU C 60 -66.08 6.98 7.20
CA GLU C 60 -65.55 8.14 6.52
C GLU C 60 -64.96 7.72 5.18
N ARG C 61 -64.33 8.67 4.47
CA ARG C 61 -63.73 8.39 3.18
C ARG C 61 -64.78 7.81 2.21
N ASP C 62 -65.75 8.67 1.91
CA ASP C 62 -66.91 8.25 1.12
C ASP C 62 -66.54 7.76 -0.28
N ASP C 63 -65.34 8.08 -0.76
CA ASP C 63 -64.94 7.68 -2.10
C ASP C 63 -64.41 6.25 -2.18
N ILE C 64 -64.26 5.58 -1.04
CA ILE C 64 -63.66 4.25 -0.99
C ILE C 64 -64.65 3.20 -1.50
N ALA C 65 -64.50 2.80 -2.76
CA ALA C 65 -65.38 1.79 -3.33
C ALA C 65 -65.06 0.41 -2.78
N ILE C 66 -63.78 0.06 -2.71
CA ILE C 66 -63.34 -1.29 -2.37
C ILE C 66 -62.42 -1.21 -1.15
N LEU C 67 -62.63 -2.10 -0.20
CA LEU C 67 -61.78 -2.21 0.99
C LEU C 67 -61.17 -3.60 0.99
N LEU C 68 -59.90 -3.69 0.60
CA LEU C 68 -59.20 -4.96 0.55
C LEU C 68 -58.55 -5.23 1.91
N ILE C 69 -58.84 -6.40 2.46
CA ILE C 69 -58.41 -6.78 3.80
C ILE C 69 -57.75 -8.15 3.72
N ASN C 70 -56.54 -8.26 4.28
CA ASN C 70 -55.92 -9.58 4.41
C ASN C 70 -56.77 -10.45 5.33
N GLN C 71 -57.00 -11.70 4.92
CA GLN C 71 -58.02 -12.49 5.59
C GLN C 71 -57.71 -12.72 7.06
N HIS C 72 -56.44 -12.79 7.44
CA HIS C 72 -56.12 -12.95 8.85
C HIS C 72 -56.52 -11.73 9.65
N ILE C 73 -56.41 -10.54 9.05
CA ILE C 73 -56.90 -9.33 9.72
C ILE C 73 -58.39 -9.43 9.96
N ALA C 74 -59.15 -9.88 8.94
CA ALA C 74 -60.59 -10.02 9.11
C ALA C 74 -60.91 -11.06 10.17
N GLU C 75 -60.21 -12.19 10.17
CA GLU C 75 -60.44 -13.21 11.19
C GLU C 75 -60.14 -12.67 12.58
N ASN C 76 -59.19 -11.74 12.69
CA ASN C 76 -58.95 -11.10 13.99
C ASN C 76 -60.17 -10.30 14.43
N ILE C 77 -60.82 -9.59 13.51
CA ILE C 77 -61.94 -8.72 13.83
C ILE C 77 -63.23 -9.19 13.16
N ARG C 78 -63.41 -10.50 13.01
CA ARG C 78 -64.57 -11.03 12.30
C ARG C 78 -65.88 -10.44 12.82
N ALA C 79 -65.98 -10.23 14.13
CA ALA C 79 -67.23 -9.72 14.69
C ALA C 79 -67.56 -8.35 14.13
N ARG C 80 -66.57 -7.46 14.05
CA ARG C 80 -66.82 -6.12 13.52
C ARG C 80 -67.25 -6.19 12.05
N VAL C 81 -66.59 -7.06 11.26
CA VAL C 81 -66.96 -7.19 9.86
C VAL C 81 -68.39 -7.71 9.72
N ASP C 82 -68.75 -8.68 10.56
CA ASP C 82 -70.13 -9.18 10.54
C ASP C 82 -71.12 -8.08 10.90
N SER C 83 -70.79 -7.24 11.89
CA SER C 83 -71.65 -6.11 12.20
C SER C 83 -71.76 -5.16 11.03
N PHE C 84 -70.66 -4.92 10.32
CA PHE C 84 -70.69 -4.04 9.16
C PHE C 84 -71.68 -4.56 8.12
N THR C 85 -72.47 -3.64 7.56
CA THR C 85 -73.45 -3.99 6.53
C THR C 85 -73.67 -2.76 5.68
N ASN C 86 -73.24 -2.82 4.42
CA ASN C 86 -73.39 -1.71 3.50
C ASN C 86 -73.22 -2.21 2.07
N ALA C 87 -73.55 -1.35 1.13
CA ALA C 87 -73.43 -1.67 -0.29
C ALA C 87 -72.50 -0.75 -1.06
N PHE C 88 -72.43 0.54 -0.72
CA PHE C 88 -71.51 1.43 -1.43
C PHE C 88 -70.06 0.96 -1.28
N PRO C 89 -69.55 0.72 -0.08
CA PRO C 89 -68.23 0.12 0.05
C PRO C 89 -68.32 -1.40 0.11
N ALA C 90 -67.46 -2.04 -0.68
CA ALA C 90 -67.43 -3.50 -0.78
C ALA C 90 -66.14 -4.01 -0.17
N ILE C 91 -66.27 -4.90 0.80
CA ILE C 91 -65.11 -5.49 1.45
C ILE C 91 -64.77 -6.81 0.76
N LEU C 92 -63.48 -7.09 0.66
CA LEU C 92 -63.01 -8.32 0.03
C LEU C 92 -61.79 -8.82 0.77
N GLU C 93 -61.88 -10.01 1.35
CA GLU C 93 -60.72 -10.62 1.99
C GLU C 93 -59.81 -11.21 0.92
N ILE C 94 -58.52 -10.96 1.04
CA ILE C 94 -57.55 -11.47 0.07
C ILE C 94 -56.51 -12.31 0.79
N PRO C 95 -55.88 -13.27 0.12
CA PRO C 95 -54.89 -14.12 0.79
C PRO C 95 -53.67 -13.32 1.22
N SER C 96 -53.02 -13.80 2.29
CA SER C 96 -51.80 -13.20 2.79
C SER C 96 -50.62 -14.10 2.43
N LYS C 97 -49.41 -13.59 2.72
CA LYS C 97 -48.20 -14.34 2.41
C LYS C 97 -48.14 -15.63 3.20
N ASP C 98 -48.30 -15.54 4.52
CA ASP C 98 -48.16 -16.70 5.39
C ASP C 98 -49.49 -17.41 5.63
N HIS C 99 -50.61 -16.69 5.55
CA HIS C 99 -51.93 -17.31 5.69
C HIS C 99 -52.65 -17.27 4.35
N PRO C 100 -52.70 -18.37 3.59
CA PRO C 100 -53.46 -18.35 2.34
C PRO C 100 -54.95 -18.20 2.60
N TYR C 101 -55.68 -17.91 1.54
CA TYR C 101 -57.13 -17.77 1.64
C TYR C 101 -57.73 -19.04 2.21
N ASP C 102 -58.52 -18.90 3.26
CA ASP C 102 -59.14 -20.03 3.94
C ASP C 102 -60.65 -19.96 3.76
N PRO C 103 -61.27 -20.83 2.94
CA PRO C 103 -62.71 -20.73 2.75
C PRO C 103 -63.51 -20.94 4.02
N GLU C 104 -62.97 -21.65 5.01
CA GLU C 104 -63.69 -21.88 6.26
C GLU C 104 -63.88 -20.61 7.06
N LYS C 105 -63.20 -19.52 6.71
CA LYS C 105 -63.34 -18.24 7.39
C LYS C 105 -63.94 -17.18 6.46
N ASP C 106 -64.67 -17.61 5.44
CA ASP C 106 -65.29 -16.72 4.47
C ASP C 106 -66.78 -16.63 4.79
N SER C 107 -67.29 -15.41 4.87
CA SER C 107 -68.69 -15.21 5.22
C SER C 107 -69.63 -15.81 4.19
N VAL C 108 -69.22 -15.80 2.90
CA VAL C 108 -70.09 -16.30 1.85
C VAL C 108 -70.39 -17.77 2.05
N LEU C 109 -69.37 -18.56 2.42
CA LEU C 109 -69.59 -19.99 2.61
C LEU C 109 -70.64 -20.25 3.68
N LYS C 110 -70.51 -19.60 4.83
CA LYS C 110 -71.47 -19.80 5.92
C LYS C 110 -72.86 -19.30 5.51
N ARG C 111 -72.92 -18.14 4.85
CA ARG C 111 -74.21 -17.60 4.45
C ARG C 111 -74.93 -18.51 3.48
N VAL C 112 -74.20 -19.08 2.51
CA VAL C 112 -74.81 -20.00 1.56
C VAL C 112 -75.20 -21.31 2.26
N ARG C 113 -74.36 -21.79 3.18
CA ARG C 113 -74.71 -22.99 3.91
C ARG C 113 -76.00 -22.79 4.71
N LYS C 114 -76.21 -21.59 5.22
CA LYS C 114 -77.45 -21.29 5.93
C LYS C 114 -78.68 -21.46 5.06
N LEU C 115 -78.54 -21.42 3.73
CA LEU C 115 -79.66 -21.59 2.84
C LEU C 115 -80.15 -23.03 2.76
N PHE C 116 -79.25 -24.00 2.93
CA PHE C 116 -79.60 -25.41 2.73
C PHE C 116 -80.12 -25.65 1.32
N GLY C 117 -79.54 -24.93 0.35
CA GLY C 117 -79.95 -25.06 -1.03
C GLY C 117 -79.49 -23.88 -1.89
N ASP D 212 54.41 1.23 5.80
CA ASP D 212 53.68 2.05 6.75
C ASP D 212 52.72 1.18 7.56
N ASP D 213 52.20 0.13 6.91
CA ASP D 213 51.39 -0.93 7.51
C ASP D 213 50.21 -0.42 8.32
N ILE D 214 49.78 0.83 8.14
CA ILE D 214 48.57 1.30 8.79
C ILE D 214 47.39 1.16 7.85
N LEU D 215 46.18 1.09 8.43
CA LEU D 215 44.98 1.06 7.62
C LEU D 215 44.80 2.38 6.89
N SER D 216 44.66 3.47 7.64
CA SER D 216 44.61 4.81 7.07
C SER D 216 44.94 5.80 8.18
N SER D 217 45.35 6.99 7.76
CA SER D 217 45.59 8.06 8.71
C SER D 217 44.31 8.70 9.21
N ILE D 218 43.25 8.72 8.39
CA ILE D 218 41.96 9.26 8.79
C ILE D 218 41.06 8.11 9.23
N TRP D 219 40.82 7.17 8.32
CA TRP D 219 39.91 6.06 8.57
C TRP D 219 40.63 4.92 9.30
N THR D 220 41.17 5.24 10.47
CA THR D 220 41.89 4.25 11.24
C THR D 220 40.97 3.07 11.57
N GLU D 221 41.56 2.00 12.07
CA GLU D 221 40.76 0.85 12.47
C GLU D 221 39.86 1.19 13.65
N GLY D 222 40.30 2.09 14.53
CA GLY D 222 39.45 2.50 15.63
C GLY D 222 38.23 3.28 15.16
N LEU D 223 38.44 4.23 14.25
CA LEU D 223 37.32 5.00 13.73
C LEU D 223 36.38 4.11 12.93
N LEU D 224 36.92 3.18 12.14
CA LEU D 224 36.05 2.26 11.41
C LEU D 224 35.29 1.36 12.36
N MET D 225 35.92 0.88 13.43
CA MET D 225 35.20 0.06 14.40
C MET D 225 34.06 0.85 15.02
N CYS D 226 34.34 2.09 15.44
CA CYS D 226 33.30 2.91 16.06
C CYS D 226 32.17 3.20 15.09
N LEU D 227 32.50 3.51 13.83
CA LEU D 227 31.47 3.81 12.86
C LEU D 227 30.67 2.57 12.50
N ILE D 228 31.29 1.41 12.46
CA ILE D 228 30.57 0.16 12.16
C ILE D 228 29.60 -0.15 13.29
N VAL D 229 30.06 -0.02 14.53
CA VAL D 229 29.17 -0.27 15.67
C VAL D 229 28.03 0.74 15.68
N SER D 230 28.35 2.01 15.42
CA SER D 230 27.32 3.04 15.37
C SER D 230 26.33 2.80 14.25
N ALA D 231 26.79 2.28 13.11
CA ALA D 231 25.90 1.98 12.01
C ALA D 231 25.02 0.78 12.31
N LEU D 232 25.55 -0.23 13.00
CA LEU D 232 24.72 -1.33 13.46
C LEU D 232 23.64 -0.83 14.41
N LEU D 233 24.02 0.00 15.37
CA LEU D 233 23.06 0.51 16.33
C LEU D 233 22.06 1.45 15.68
N LEU D 234 22.46 2.21 14.67
CA LEU D 234 21.51 3.04 13.94
C LEU D 234 20.59 2.21 13.07
N PHE D 235 21.07 1.11 12.50
CA PHE D 235 20.17 0.23 11.78
C PHE D 235 19.10 -0.32 12.73
N ILE D 236 19.52 -0.79 13.90
CA ILE D 236 18.56 -1.30 14.88
C ILE D 236 17.61 -0.18 15.31
N LEU D 237 18.15 1.02 15.54
CA LEU D 237 17.32 2.13 15.98
C LEU D 237 16.31 2.54 14.92
N ILE D 238 16.73 2.57 13.66
CA ILE D 238 15.82 2.94 12.58
C ILE D 238 14.75 1.88 12.40
N VAL D 239 15.11 0.61 12.54
CA VAL D 239 14.10 -0.45 12.47
C VAL D 239 13.10 -0.28 13.61
N ALA D 240 13.59 -0.05 14.83
CA ALA D 240 12.69 0.13 15.96
C ALA D 240 11.80 1.35 15.76
N LEU D 241 12.36 2.45 15.26
CA LEU D 241 11.58 3.66 15.06
C LEU D 241 10.54 3.48 13.96
N SER D 242 10.89 2.76 12.89
CA SER D 242 9.90 2.47 11.86
C SER D 242 8.81 1.56 12.37
N TRP D 243 9.11 0.73 13.38
CA TRP D 243 8.06 -0.07 14.00
C TRP D 243 7.15 0.77 14.87
N ILE D 244 7.73 1.63 15.72
CA ILE D 244 6.93 2.43 16.63
C ILE D 244 6.15 3.52 15.90
N SER D 245 6.66 4.03 14.78
CA SER D 245 5.93 5.07 14.05
C SER D 245 4.73 4.48 13.33
N ASN D 246 4.83 3.23 12.89
CA ASN D 246 3.74 2.55 12.21
C ASN D 246 2.70 1.99 13.18
N LEU D 247 2.70 2.46 14.42
CA LEU D 247 1.76 1.98 15.43
C LEU D 247 0.54 2.88 15.38
N ASP D 248 -0.52 2.39 14.73
CA ASP D 248 -1.74 3.16 14.57
C ASP D 248 -2.71 2.86 15.71
N ILE D 249 -3.50 3.87 16.08
CA ILE D 249 -4.52 3.69 17.12
C ILE D 249 -5.77 3.09 16.49
N THR D 250 -6.41 2.17 17.23
CA THR D 250 -7.64 1.53 16.77
C THR D 250 -8.83 2.39 17.16
N TYR D 251 -9.01 3.48 16.40
CA TYR D 251 -10.18 4.31 16.60
C TYR D 251 -11.45 3.53 16.32
N GLY D 252 -12.57 4.04 16.80
CA GLY D 252 -13.83 3.36 16.65
C GLY D 252 -14.18 2.59 17.90
N ALA D 253 -13.19 1.92 18.48
CA ALA D 253 -13.37 1.32 19.80
C ALA D 253 -13.34 2.38 20.88
N LEU D 254 -12.76 3.54 20.59
CA LEU D 254 -12.64 4.62 21.55
C LEU D 254 -13.71 5.68 21.39
N GLU D 255 -14.37 5.74 20.25
CA GLU D 255 -15.41 6.73 20.00
C GLU D 255 -16.67 6.03 19.51
N LYS D 256 -17.82 6.59 19.84
CA LYS D 256 -19.11 5.95 19.60
C LYS D 256 -20.00 6.88 18.81
N SER D 257 -20.79 6.28 17.92
CA SER D 257 -21.76 7.01 17.11
C SER D 257 -21.14 8.24 16.44
N SER E 16 11.19 8.79 -2.90
CA SER E 16 11.57 7.96 -1.77
C SER E 16 12.97 8.31 -1.29
N PHE E 17 13.06 8.84 -0.07
CA PHE E 17 14.36 9.25 0.45
C PHE E 17 15.24 8.06 0.76
N SER E 18 14.65 6.92 1.11
CA SER E 18 15.46 5.74 1.44
C SER E 18 16.19 5.23 0.21
N HIS E 19 15.48 5.04 -0.90
CA HIS E 19 16.13 4.57 -2.12
C HIS E 19 17.07 5.61 -2.68
N PHE E 20 16.75 6.89 -2.53
CA PHE E 20 17.67 7.94 -2.95
C PHE E 20 18.96 7.88 -2.15
N LEU E 21 18.84 7.65 -0.84
CA LEU E 21 20.04 7.52 -0.01
C LEU E 21 20.84 6.29 -0.42
N TYR E 22 20.17 5.18 -0.71
CA TYR E 22 20.89 4.00 -1.16
C TYR E 22 21.65 4.27 -2.46
N TYR E 23 21.00 4.93 -3.41
CA TYR E 23 21.67 5.26 -4.66
C TYR E 23 22.82 6.22 -4.44
N LEU E 24 22.66 7.18 -3.54
CA LEU E 24 23.76 8.11 -3.26
C LEU E 24 24.94 7.39 -2.63
N VAL E 25 24.68 6.46 -1.70
CA VAL E 25 25.77 5.70 -1.10
C VAL E 25 26.46 4.85 -2.17
N LEU E 26 25.68 4.22 -3.05
CA LEU E 26 26.28 3.41 -4.11
C LEU E 26 27.13 4.28 -5.03
N ILE E 27 26.63 5.46 -5.40
CA ILE E 27 27.36 6.34 -6.30
C ILE E 27 28.65 6.81 -5.64
N VAL E 28 28.57 7.18 -4.35
CA VAL E 28 29.75 7.63 -3.64
C VAL E 28 30.77 6.51 -3.53
N VAL E 29 30.32 5.30 -3.24
CA VAL E 29 31.24 4.17 -3.13
C VAL E 29 31.91 3.89 -4.46
N ILE E 30 31.15 3.89 -5.55
CA ILE E 30 31.72 3.63 -6.86
C ILE E 30 32.70 4.74 -7.24
N VAL E 31 32.33 5.99 -6.98
CA VAL E 31 33.20 7.11 -7.33
C VAL E 31 34.48 7.07 -6.52
N TYR E 32 34.38 6.76 -5.23
CA TYR E 32 35.58 6.66 -4.40
C TYR E 32 36.46 5.50 -4.84
N GLY E 33 35.86 4.36 -5.15
CA GLY E 33 36.64 3.24 -5.64
C GLY E 33 37.36 3.57 -6.93
N LEU E 34 36.65 4.23 -7.86
CA LEU E 34 37.28 4.60 -9.12
C LEU E 34 38.37 5.65 -8.92
N TYR E 35 38.15 6.61 -8.02
CA TYR E 35 39.17 7.61 -7.74
C TYR E 35 40.43 6.95 -7.18
N LYS E 36 40.26 6.01 -6.26
CA LYS E 36 41.42 5.33 -5.69
C LYS E 36 42.09 4.44 -6.73
N LEU E 37 41.30 3.77 -7.58
CA LEU E 37 41.85 2.85 -8.55
C LEU E 37 42.63 3.59 -9.64
N PHE E 38 42.03 4.63 -10.20
CA PHE E 38 42.66 5.36 -11.29
C PHE E 38 43.92 6.07 -10.82
N THR E 39 43.91 6.64 -9.62
CA THR E 39 45.08 7.31 -9.09
C THR E 39 46.18 6.35 -8.66
N GLY E 40 46.04 5.06 -8.94
CA GLY E 40 47.08 4.11 -8.60
C GLY E 40 47.07 3.69 -7.15
N HIS E 41 46.03 4.01 -6.40
CA HIS E 41 45.93 3.70 -4.99
C HIS E 41 44.77 2.75 -4.70
N GLY E 42 44.50 1.84 -5.62
CA GLY E 42 43.38 0.94 -5.43
C GLY E 42 43.52 0.09 -4.19
N SER E 43 44.74 -0.31 -3.87
CA SER E 43 45.00 -1.14 -2.70
C SER E 43 44.85 -0.37 -1.39
N ASP E 44 44.72 0.96 -1.44
CA ASP E 44 44.44 1.71 -0.23
C ASP E 44 43.14 1.25 0.41
N ILE E 45 42.14 0.93 -0.40
CA ILE E 45 40.94 0.30 0.11
C ILE E 45 41.26 -1.14 0.43
N ASN E 46 41.60 -1.42 1.69
CA ASN E 46 42.21 -2.68 2.09
C ASN E 46 41.29 -3.35 3.11
N PHE E 47 40.55 -4.36 2.65
CA PHE E 47 39.72 -5.14 3.57
C PHE E 47 40.55 -6.08 4.42
N GLY E 48 41.69 -6.54 3.89
CA GLY E 48 42.58 -7.39 4.66
C GLY E 48 43.13 -6.68 5.88
N LYS E 49 43.61 -5.44 5.70
CA LYS E 49 44.12 -4.69 6.85
C LYS E 49 42.99 -4.32 7.81
N PHE E 50 41.80 -4.04 7.27
CA PHE E 50 40.66 -3.78 8.13
C PHE E 50 40.37 -4.97 9.03
N LEU E 51 40.40 -6.18 8.46
CA LEU E 51 40.13 -7.36 9.26
C LEU E 51 41.26 -7.69 10.22
N LEU E 52 42.51 -7.46 9.80
CA LEU E 52 43.65 -7.82 10.62
C LEU E 52 43.83 -6.86 11.80
N ARG E 53 43.64 -5.57 11.58
CA ARG E 53 43.84 -4.58 12.62
C ARG E 53 42.61 -4.39 13.49
N THR E 54 41.42 -4.65 12.96
CA THR E 54 40.20 -4.59 13.75
C THR E 54 40.27 -5.58 14.91
N SER E 55 39.82 -5.16 16.07
CA SER E 55 40.01 -5.94 17.27
C SER E 55 39.25 -7.25 17.17
N PRO E 56 39.87 -8.40 17.47
CA PRO E 56 39.10 -9.65 17.46
C PRO E 56 37.94 -9.63 18.42
N TYR E 57 38.04 -8.83 19.47
CA TYR E 57 36.97 -8.73 20.44
C TYR E 57 35.73 -8.09 19.86
N MET E 58 35.87 -7.16 18.91
CA MET E 58 34.68 -6.63 18.24
C MET E 58 33.93 -7.75 17.55
N TRP E 59 34.64 -8.57 16.78
CA TRP E 59 33.99 -9.66 16.08
C TRP E 59 33.35 -10.64 17.06
N ALA E 60 34.08 -11.03 18.10
CA ALA E 60 33.55 -12.01 19.04
C ALA E 60 32.32 -11.47 19.76
N ASN E 61 32.37 -10.21 20.21
CA ASN E 61 31.27 -9.67 20.99
C ASN E 61 30.08 -9.32 20.12
N LEU E 62 30.31 -8.85 18.89
CA LEU E 62 29.21 -8.72 17.95
C LEU E 62 28.59 -10.08 17.67
N GLY E 63 29.39 -11.12 17.56
CA GLY E 63 28.85 -12.45 17.35
C GLY E 63 27.96 -12.87 18.50
N ILE E 64 28.42 -12.70 19.74
CA ILE E 64 27.61 -13.11 20.89
C ILE E 64 26.36 -12.25 20.99
N ALA E 65 26.50 -10.94 20.88
CA ALA E 65 25.37 -10.04 21.01
C ALA E 65 24.34 -10.29 19.93
N LEU E 66 24.77 -10.42 18.67
CA LEU E 66 23.84 -10.69 17.59
C LEU E 66 23.24 -12.08 17.69
N CYS E 67 24.02 -13.08 18.12
CA CYS E 67 23.45 -14.40 18.35
C CYS E 67 22.26 -14.31 19.28
N VAL E 68 22.49 -13.83 20.51
CA VAL E 68 21.40 -13.80 21.48
C VAL E 68 20.30 -12.85 21.02
N GLY E 69 20.67 -11.69 20.49
CA GLY E 69 19.67 -10.69 20.14
C GLY E 69 18.79 -11.14 19.00
N LEU E 70 19.37 -11.70 17.94
CA LEU E 70 18.57 -12.15 16.81
C LEU E 70 17.81 -13.43 17.13
N SER E 71 18.36 -14.32 17.95
CA SER E 71 17.58 -15.45 18.41
C SER E 71 16.35 -14.98 19.18
N VAL E 72 16.53 -14.02 20.08
CA VAL E 72 15.40 -13.50 20.84
C VAL E 72 14.45 -12.72 19.94
N VAL E 73 14.98 -12.05 18.93
CA VAL E 73 14.11 -11.34 17.99
C VAL E 73 13.24 -12.31 17.23
N GLY E 74 13.81 -13.42 16.75
CA GLY E 74 13.00 -14.41 16.07
C GLY E 74 12.00 -15.06 17.00
N ALA E 75 12.44 -15.42 18.21
CA ALA E 75 11.52 -16.03 19.16
C ALA E 75 10.36 -15.10 19.47
N ALA E 76 10.65 -13.83 19.77
CA ALA E 76 9.59 -12.87 20.06
C ALA E 76 8.71 -12.64 18.84
N TRP E 77 9.32 -12.65 17.66
CA TRP E 77 8.56 -12.39 16.44
C TRP E 77 7.50 -13.46 16.26
N GLY E 78 7.96 -14.71 16.19
CA GLY E 78 7.04 -15.82 16.05
C GLY E 78 6.09 -15.91 17.22
N ILE E 79 6.55 -15.54 18.41
CA ILE E 79 5.68 -15.58 19.57
C ILE E 79 4.51 -14.62 19.39
N PHE E 80 4.76 -13.42 18.88
CA PHE E 80 3.62 -12.50 18.79
C PHE E 80 2.72 -12.88 17.64
N ILE E 81 3.29 -13.41 16.55
CA ILE E 81 2.43 -13.88 15.46
C ILE E 81 1.51 -14.98 15.98
N THR E 82 2.08 -15.99 16.62
CA THR E 82 1.29 -17.11 17.12
C THR E 82 0.32 -16.65 18.20
N GLY E 83 0.76 -15.76 19.08
CA GLY E 83 -0.12 -15.33 20.16
C GLY E 83 -1.29 -14.52 19.66
N SER E 84 -1.05 -13.60 18.74
CA SER E 84 -2.15 -12.83 18.17
C SER E 84 -3.12 -13.75 17.44
N SER E 85 -2.60 -14.74 16.71
CA SER E 85 -3.51 -15.64 16.00
C SER E 85 -4.27 -16.57 16.96
N MET E 86 -3.62 -17.05 18.02
CA MET E 86 -4.30 -17.86 19.02
C MET E 86 -5.39 -17.07 19.71
N ILE E 87 -5.12 -15.81 20.03
CA ILE E 87 -6.09 -14.99 20.73
C ILE E 87 -7.25 -14.63 19.81
N GLY E 88 -6.97 -14.26 18.57
CA GLY E 88 -8.04 -13.98 17.64
C GLY E 88 -8.89 -15.21 17.37
N ALA E 89 -8.24 -16.35 17.13
CA ALA E 89 -8.96 -17.58 16.88
C ALA E 89 -9.61 -18.12 18.15
N GLY E 90 -9.00 -17.87 19.30
CA GLY E 90 -9.51 -18.42 20.54
C GLY E 90 -10.73 -17.70 21.08
N VAL E 91 -11.11 -16.56 20.51
CA VAL E 91 -12.30 -15.85 20.97
C VAL E 91 -13.54 -16.71 20.79
N ARG E 92 -13.72 -17.24 19.58
CA ARG E 92 -14.86 -18.11 19.31
C ARG E 92 -14.63 -19.50 19.86
N ALA E 93 -13.40 -20.00 19.81
CA ALA E 93 -13.05 -21.35 20.23
C ALA E 93 -11.87 -21.28 21.20
N PRO E 94 -12.12 -20.94 22.46
CA PRO E 94 -11.01 -20.84 23.43
C PRO E 94 -10.28 -22.15 23.66
N ARG E 95 -10.91 -23.28 23.34
CA ARG E 95 -10.28 -24.57 23.58
C ARG E 95 -8.93 -24.68 22.90
N ILE E 96 -8.72 -23.93 21.81
CA ILE E 96 -7.47 -24.04 21.08
C ILE E 96 -6.30 -23.53 21.89
N THR E 97 -6.54 -22.69 22.90
CA THR E 97 -5.46 -21.99 23.57
C THR E 97 -4.41 -22.97 24.09
N THR E 98 -4.80 -23.79 25.06
CA THR E 98 -3.81 -24.64 25.73
C THR E 98 -3.04 -25.49 24.74
N LYS E 99 -3.76 -26.23 23.89
CA LYS E 99 -3.09 -27.13 22.95
C LYS E 99 -2.19 -26.38 21.98
N ASN E 100 -2.46 -25.09 21.75
CA ASN E 100 -1.64 -24.31 20.85
C ASN E 100 -0.45 -23.65 21.53
N LEU E 101 -0.36 -23.72 22.86
CA LEU E 101 0.81 -23.17 23.52
C LEU E 101 2.09 -23.85 23.04
N ILE E 102 1.99 -25.07 22.53
CA ILE E 102 3.16 -25.73 21.96
C ILE E 102 3.75 -24.87 20.84
N SER E 103 2.90 -24.28 20.01
CA SER E 103 3.39 -23.40 18.96
C SER E 103 4.20 -22.25 19.54
N ILE E 104 3.81 -21.75 20.71
CA ILE E 104 4.61 -20.71 21.38
C ILE E 104 5.93 -21.31 21.87
N ILE E 105 5.88 -22.53 22.41
CA ILE E 105 7.09 -23.14 22.92
C ILE E 105 8.13 -23.28 21.80
N PHE E 106 7.70 -23.77 20.63
CA PHE E 106 8.63 -23.91 19.51
C PHE E 106 9.25 -22.58 19.11
N CYS E 107 8.61 -21.46 19.45
CA CYS E 107 9.25 -20.17 19.26
C CYS E 107 10.18 -19.84 20.42
N GLU E 108 9.71 -20.07 21.65
CA GLU E 108 10.55 -19.80 22.81
C GLU E 108 11.83 -20.61 22.75
N VAL E 109 11.72 -21.88 22.36
CA VAL E 109 12.91 -22.72 22.24
C VAL E 109 13.94 -22.06 21.34
N VAL E 110 13.47 -21.39 20.28
CA VAL E 110 14.41 -20.75 19.35
C VAL E 110 15.28 -19.74 20.08
N ALA E 111 14.70 -19.00 21.04
CA ALA E 111 15.52 -18.09 21.82
C ALA E 111 16.58 -18.84 22.61
N ILE E 112 16.20 -19.96 23.23
CA ILE E 112 17.15 -20.73 24.02
C ILE E 112 18.32 -21.16 23.17
N TYR E 113 18.06 -21.58 21.94
CA TYR E 113 19.16 -21.94 21.04
C TYR E 113 20.21 -20.84 21.00
N GLY E 114 19.78 -19.58 20.88
CA GLY E 114 20.73 -18.50 20.92
C GLY E 114 21.41 -18.38 22.28
N LEU E 115 20.63 -18.42 23.34
CA LEU E 115 21.20 -18.27 24.68
C LEU E 115 22.24 -19.34 24.94
N ILE E 116 21.88 -20.61 24.77
CA ILE E 116 22.81 -21.70 25.03
C ILE E 116 24.04 -21.56 24.15
N ILE E 117 23.96 -20.79 23.06
CA ILE E 117 25.14 -20.55 22.24
C ILE E 117 25.85 -19.30 22.72
N ALA E 118 25.11 -18.23 22.99
CA ALA E 118 25.74 -17.00 23.45
C ALA E 118 26.46 -17.21 24.77
N ILE E 119 26.02 -18.18 25.56
CA ILE E 119 26.71 -18.50 26.81
C ILE E 119 27.92 -19.38 26.55
N VAL E 120 27.87 -20.22 25.51
CA VAL E 120 29.05 -21.00 25.16
C VAL E 120 30.12 -20.11 24.56
N PHE E 121 29.74 -19.30 23.57
CA PHE E 121 30.70 -18.40 22.93
C PHE E 121 31.34 -17.45 23.93
N SER E 122 30.58 -17.02 24.95
CA SER E 122 31.13 -16.11 25.93
C SER E 122 32.29 -16.74 26.69
N SER E 123 32.29 -18.07 26.83
CA SER E 123 33.41 -18.73 27.50
C SER E 123 34.70 -18.60 26.71
N LYS E 124 34.60 -18.28 25.41
CA LYS E 124 35.79 -18.02 24.61
C LYS E 124 36.31 -16.61 24.77
N LEU E 125 35.57 -15.73 25.42
CA LEU E 125 36.00 -14.35 25.61
C LEU E 125 36.93 -14.28 26.81
N THR E 126 38.24 -14.25 26.55
CA THR E 126 39.25 -14.14 27.58
C THR E 126 40.22 -13.05 27.16
N VAL E 127 40.91 -12.49 28.14
CA VAL E 127 41.84 -11.40 27.88
C VAL E 127 43.08 -11.98 27.21
N ALA E 128 43.36 -11.50 26.00
CA ALA E 128 44.56 -11.91 25.28
C ALA E 128 45.65 -10.87 25.45
N THR E 129 46.89 -11.35 25.58
CA THR E 129 48.00 -10.44 25.78
C THR E 129 48.20 -9.55 24.55
N ALA E 130 48.87 -8.42 24.76
CA ALA E 130 49.06 -7.46 23.68
C ALA E 130 49.82 -8.07 22.52
N GLU E 131 50.87 -8.84 22.80
CA GLU E 131 51.65 -9.45 21.73
C GLU E 131 50.80 -10.43 20.94
N ASN E 132 49.98 -11.22 21.62
CA ASN E 132 49.11 -12.18 20.94
C ASN E 132 47.77 -11.59 20.56
N MET E 133 47.61 -10.26 20.63
CA MET E 133 46.32 -9.65 20.38
C MET E 133 45.75 -10.06 19.03
N TYR E 134 46.59 -10.03 17.99
CA TYR E 134 46.15 -10.29 16.63
C TYR E 134 46.79 -11.54 16.04
N SER E 135 47.01 -12.56 16.86
CA SER E 135 47.64 -13.78 16.37
C SER E 135 46.66 -14.54 15.48
N LYS E 136 47.16 -15.62 14.88
CA LYS E 136 46.30 -16.45 14.02
C LYS E 136 45.13 -17.01 14.82
N SER E 137 45.41 -17.55 16.01
CA SER E 137 44.36 -18.16 16.80
C SER E 137 43.33 -17.12 17.25
N ASN E 138 43.78 -15.94 17.67
CA ASN E 138 42.84 -14.94 18.18
C ASN E 138 42.02 -14.33 17.05
N LEU E 139 42.64 -14.04 15.91
CA LEU E 139 41.89 -13.56 14.76
C LEU E 139 40.88 -14.61 14.31
N TYR E 140 41.31 -15.87 14.27
CA TYR E 140 40.40 -16.94 13.88
C TYR E 140 39.24 -17.04 14.85
N THR E 141 39.50 -16.92 16.15
CA THR E 141 38.42 -16.98 17.12
C THR E 141 37.47 -15.80 16.98
N GLY E 142 38.00 -14.60 16.73
CA GLY E 142 37.14 -13.47 16.52
C GLY E 142 36.21 -13.68 15.36
N TYR E 143 36.77 -14.06 14.20
CA TYR E 143 35.95 -14.32 13.03
C TYR E 143 34.98 -15.46 13.28
N SER E 144 35.46 -16.52 13.93
CA SER E 144 34.64 -17.70 14.17
C SER E 144 33.43 -17.37 15.01
N LEU E 145 33.63 -16.66 16.12
CA LEU E 145 32.51 -16.32 16.98
C LEU E 145 31.60 -15.29 16.31
N PHE E 146 32.16 -14.35 15.55
CA PHE E 146 31.31 -13.40 14.84
C PHE E 146 30.38 -14.11 13.88
N TRP E 147 30.93 -14.97 13.02
CA TRP E 147 30.12 -15.59 11.99
C TRP E 147 29.28 -16.73 12.53
N ALA E 148 29.75 -17.46 13.55
CA ALA E 148 28.90 -18.43 14.22
C ALA E 148 27.74 -17.75 14.92
N GLY E 149 27.99 -16.59 15.54
CA GLY E 149 26.91 -15.86 16.17
C GLY E 149 25.89 -15.35 15.17
N ILE E 150 26.35 -14.82 14.04
CA ILE E 150 25.40 -14.40 13.01
C ILE E 150 24.66 -15.61 12.45
N THR E 151 25.36 -16.73 12.23
CA THR E 151 24.69 -17.93 11.75
C THR E 151 23.59 -18.34 12.70
N VAL E 152 23.91 -18.50 13.98
CA VAL E 152 22.91 -18.93 14.96
C VAL E 152 21.80 -17.90 15.07
N GLY E 153 22.15 -16.62 15.14
CA GLY E 153 21.15 -15.59 15.35
C GLY E 153 20.20 -15.46 14.18
N ALA E 154 20.73 -15.45 12.95
CA ALA E 154 19.87 -15.32 11.78
C ALA E 154 19.11 -16.60 11.49
N SER E 155 19.73 -17.77 11.72
CA SER E 155 18.99 -19.01 11.59
C SER E 155 17.84 -19.06 12.57
N ASN E 156 18.07 -18.62 13.80
CA ASN E 156 17.00 -18.58 14.80
C ASN E 156 15.98 -17.49 14.49
N LEU E 157 16.40 -16.38 13.92
CA LEU E 157 15.44 -15.36 13.50
C LEU E 157 14.48 -15.93 12.45
N ILE E 158 15.04 -16.54 11.41
CA ILE E 158 14.23 -17.12 10.35
C ILE E 158 13.38 -18.25 10.90
N CYS E 159 13.96 -19.11 11.74
CA CYS E 159 13.22 -20.23 12.30
C CYS E 159 12.09 -19.75 13.19
N GLY E 160 12.33 -18.73 14.01
CA GLY E 160 11.27 -18.19 14.84
C GLY E 160 10.15 -17.58 14.03
N ILE E 161 10.49 -16.82 12.98
CA ILE E 161 9.46 -16.23 12.14
C ILE E 161 8.65 -17.33 11.44
N ALA E 162 9.33 -18.34 10.90
CA ALA E 162 8.64 -19.41 10.20
C ALA E 162 7.77 -20.22 11.15
N VAL E 163 8.28 -20.56 12.33
CA VAL E 163 7.50 -21.30 13.30
C VAL E 163 6.32 -20.46 13.79
N GLY E 164 6.50 -19.14 13.88
CA GLY E 164 5.39 -18.29 14.26
C GLY E 164 4.30 -18.25 13.20
N ILE E 165 4.70 -18.15 11.94
CA ILE E 165 3.71 -18.18 10.86
C ILE E 165 2.97 -19.51 10.87
N THR E 166 3.71 -20.62 10.99
CA THR E 166 3.06 -21.93 11.03
C THR E 166 2.23 -22.10 12.29
N GLY E 167 2.61 -21.46 13.40
CA GLY E 167 1.82 -21.57 14.60
C GLY E 167 0.53 -20.79 14.53
N ALA E 168 0.56 -19.61 13.92
CA ALA E 168 -0.66 -18.88 13.64
C ALA E 168 -1.58 -19.69 12.74
N THR E 169 -1.00 -20.29 11.70
CA THR E 169 -1.76 -21.15 10.82
C THR E 169 -2.35 -22.34 11.58
N ALA E 170 -1.57 -22.94 12.47
CA ALA E 170 -2.05 -24.08 13.24
C ALA E 170 -3.17 -23.68 14.17
N ALA E 171 -3.05 -22.51 14.80
CA ALA E 171 -4.10 -22.05 15.71
C ALA E 171 -5.40 -21.80 14.95
N ILE E 172 -5.29 -21.18 13.77
CA ILE E 172 -6.49 -20.93 12.98
C ILE E 172 -7.12 -22.24 12.51
N SER E 173 -6.29 -23.18 12.05
CA SER E 173 -6.81 -24.48 11.64
C SER E 173 -7.45 -25.22 12.81
N ASP E 174 -6.82 -25.16 13.98
CA ASP E 174 -7.36 -25.83 15.16
C ASP E 174 -8.70 -25.23 15.54
N ALA E 175 -8.83 -23.90 15.46
CA ALA E 175 -10.14 -23.29 15.67
C ALA E 175 -11.13 -23.80 14.64
N ALA E 176 -10.71 -23.92 13.39
CA ALA E 176 -11.60 -24.45 12.36
C ALA E 176 -12.02 -25.89 12.67
N ASP E 177 -11.07 -26.71 13.09
CA ASP E 177 -11.35 -28.10 13.43
C ASP E 177 -10.14 -28.69 14.13
N SER E 178 -10.37 -29.41 15.23
CA SER E 178 -9.27 -29.93 16.01
C SER E 178 -8.42 -30.92 15.21
N ALA E 179 -9.07 -31.77 14.40
CA ALA E 179 -8.34 -32.80 13.68
C ALA E 179 -7.27 -32.21 12.77
N LEU E 180 -7.40 -30.95 12.39
CA LEU E 180 -6.39 -30.29 11.57
C LEU E 180 -5.09 -30.03 12.32
N PHE E 181 -5.18 -29.63 13.60
CA PHE E 181 -4.01 -29.09 14.28
C PHE E 181 -2.81 -30.01 14.16
N VAL E 182 -3.00 -31.30 14.41
CA VAL E 182 -1.85 -32.21 14.43
C VAL E 182 -1.08 -32.11 13.12
N LYS E 183 -1.78 -32.09 11.99
CA LYS E 183 -1.07 -31.96 10.72
C LYS E 183 -0.17 -30.74 10.73
N ILE E 184 -0.73 -29.57 11.05
CA ILE E 184 0.07 -28.36 11.03
C ILE E 184 1.18 -28.45 12.05
N LEU E 185 0.96 -29.18 13.15
CA LEU E 185 2.03 -29.34 14.13
C LEU E 185 3.27 -29.91 13.46
N VAL E 186 3.09 -30.90 12.59
CA VAL E 186 4.24 -31.46 11.89
C VAL E 186 5.00 -30.36 11.16
N ILE E 187 4.28 -29.47 10.49
CA ILE E 187 4.94 -28.38 9.79
C ILE E 187 5.77 -27.56 10.76
N GLU E 188 5.21 -27.22 11.93
CA GLU E 188 5.98 -26.49 12.92
C GLU E 188 7.27 -27.23 13.26
N ILE E 189 7.20 -28.55 13.41
CA ILE E 189 8.42 -29.31 13.66
C ILE E 189 9.41 -29.10 12.53
N PHE E 190 8.94 -29.26 11.29
CA PHE E 190 9.83 -29.02 10.16
C PHE E 190 10.36 -27.60 10.16
N GLY E 191 9.62 -26.66 10.75
CA GLY E 191 10.14 -25.32 10.92
C GLY E 191 11.16 -25.23 12.03
N SER E 192 10.86 -25.84 13.19
CA SER E 192 11.74 -25.70 14.34
C SER E 192 13.13 -26.23 14.04
N ILE E 193 13.22 -27.29 13.24
CA ILE E 193 14.52 -27.86 12.91
C ILE E 193 15.42 -26.82 12.28
N LEU E 194 14.86 -25.88 11.52
CA LEU E 194 15.68 -24.84 10.91
C LEU E 194 16.50 -24.13 11.96
N GLY E 195 15.91 -23.80 13.11
CA GLY E 195 16.69 -23.25 14.19
C GLY E 195 17.75 -24.21 14.69
N LEU E 196 17.35 -25.46 14.96
CA LEU E 196 18.31 -26.42 15.50
C LEU E 196 19.50 -26.59 14.60
N LEU E 197 19.27 -26.80 13.30
CA LEU E 197 20.39 -26.91 12.37
C LEU E 197 21.32 -25.72 12.51
N GLY E 198 20.77 -24.51 12.55
CA GLY E 198 21.63 -23.34 12.75
C GLY E 198 22.50 -23.50 13.97
N LEU E 199 21.89 -23.87 15.09
CA LEU E 199 22.66 -24.12 16.30
C LEU E 199 23.80 -25.09 16.01
N ILE E 200 23.49 -26.23 15.38
CA ILE E 200 24.52 -27.21 15.09
C ILE E 200 25.64 -26.55 14.31
N VAL E 201 25.30 -25.82 13.25
CA VAL E 201 26.34 -25.21 12.44
C VAL E 201 27.18 -24.27 13.28
N GLY E 202 26.54 -23.48 14.14
CA GLY E 202 27.30 -22.62 15.02
C GLY E 202 28.28 -23.42 15.85
N LEU E 203 27.80 -24.51 16.46
CA LEU E 203 28.67 -25.30 17.32
C LEU E 203 29.81 -25.92 16.53
N LEU E 204 29.66 -26.02 15.21
CA LEU E 204 30.74 -26.54 14.38
C LEU E 204 31.66 -25.41 13.92
N MET E 205 31.11 -24.21 13.71
CA MET E 205 31.95 -23.08 13.33
C MET E 205 32.85 -22.66 14.48
N ALA E 206 32.30 -22.60 15.68
CA ALA E 206 33.06 -22.20 16.87
C ALA E 206 33.61 -23.39 17.63
N GLY E 207 33.51 -24.60 17.08
CA GLY E 207 34.02 -25.76 17.80
C GLY E 207 35.53 -25.72 17.96
N LYS E 208 36.24 -25.38 16.90
CA LYS E 208 37.70 -25.37 16.91
C LYS E 208 38.28 -24.00 17.22
N ALA E 209 37.45 -23.02 17.55
CA ALA E 209 37.92 -21.69 17.92
C ALA E 209 38.26 -21.69 19.39
N SER E 210 39.56 -21.68 19.70
CA SER E 210 40.00 -21.70 21.09
C SER E 210 39.83 -20.34 21.73
N GLU E 211 39.82 -20.33 23.06
CA GLU E 211 39.67 -19.09 23.80
C GLU E 211 40.71 -18.07 23.35
N PHE E 212 40.40 -16.79 23.61
CA PHE E 212 41.36 -15.74 23.35
C PHE E 212 42.56 -15.90 24.28
N GLN E 213 43.76 -15.75 23.71
CA GLN E 213 44.98 -15.98 24.47
C GLN E 213 46.17 -15.38 23.74
N MET F 1 7.22 -11.54 3.13
CA MET F 1 6.07 -12.50 3.16
C MET F 1 4.89 -11.88 3.91
N GLU F 2 3.69 -12.38 3.61
CA GLU F 2 2.48 -11.78 4.17
C GLU F 2 2.43 -11.94 5.68
N GLY F 3 2.63 -13.16 6.17
CA GLY F 3 2.50 -13.42 7.59
C GLY F 3 3.61 -12.80 8.42
N VAL F 4 4.68 -12.35 7.79
CA VAL F 4 5.78 -11.74 8.53
C VAL F 4 5.30 -10.47 9.23
N TYR F 5 4.64 -9.59 8.49
CA TYR F 5 4.18 -8.32 9.05
C TYR F 5 2.66 -8.23 9.23
N PHE F 6 1.90 -9.19 8.72
CA PHE F 6 0.45 -9.06 8.80
C PHE F 6 -0.04 -9.03 10.24
N ASN F 7 0.48 -9.92 11.08
CA ASN F 7 -0.06 -10.09 12.41
C ASN F 7 0.36 -8.99 13.39
N ILE F 8 1.04 -7.95 12.92
CA ILE F 8 1.34 -6.82 13.80
C ILE F 8 0.07 -6.05 14.12
N ASP F 9 -0.75 -5.79 13.11
CA ASP F 9 -1.98 -5.04 13.27
C ASP F 9 -3.23 -5.88 13.10
N ASN F 10 -3.19 -6.85 12.18
CA ASN F 10 -4.38 -7.58 11.76
C ASN F 10 -4.41 -9.02 12.24
N GLY F 11 -3.59 -9.38 13.22
CA GLY F 11 -3.60 -10.75 13.71
C GLY F 11 -4.88 -11.09 14.44
N PHE F 12 -5.24 -10.28 15.44
CA PHE F 12 -6.48 -10.49 16.17
C PHE F 12 -7.69 -10.35 15.25
N ILE F 13 -7.67 -9.35 14.37
CA ILE F 13 -8.79 -9.13 13.46
C ILE F 13 -8.97 -10.33 12.55
N GLU F 14 -7.87 -10.81 11.97
CA GLU F 14 -7.97 -11.93 11.04
C GLU F 14 -8.38 -13.20 11.76
N GLY F 15 -7.90 -13.42 12.99
CA GLY F 15 -8.35 -14.58 13.74
C GLY F 15 -9.83 -14.52 14.04
N VAL F 16 -10.33 -13.36 14.47
CA VAL F 16 -11.74 -13.24 14.80
C VAL F 16 -12.60 -13.41 13.55
N VAL F 17 -12.18 -12.81 12.44
CA VAL F 17 -12.96 -12.93 11.20
C VAL F 17 -12.94 -14.35 10.70
N ARG F 18 -11.82 -15.05 10.88
CA ARG F 18 -11.76 -16.46 10.51
C ARG F 18 -12.68 -17.29 11.40
N GLY F 19 -12.81 -16.91 12.67
CA GLY F 19 -13.81 -17.55 13.50
C GLY F 19 -15.22 -17.33 12.99
N TYR F 20 -15.52 -16.09 12.59
CA TYR F 20 -16.81 -15.81 11.97
C TYR F 20 -17.02 -16.69 10.74
N ARG F 21 -15.99 -16.83 9.91
CA ARG F 21 -16.07 -17.71 8.76
C ARG F 21 -16.39 -19.14 9.18
N ASN F 22 -15.74 -19.61 10.24
CA ASN F 22 -16.09 -20.90 10.81
C ASN F 22 -17.53 -20.94 11.28
N GLY F 23 -18.13 -19.79 11.55
CA GLY F 23 -19.53 -19.73 11.93
C GLY F 23 -20.51 -19.74 10.79
N LEU F 24 -20.06 -19.69 9.55
CA LEU F 24 -20.97 -19.72 8.42
C LEU F 24 -21.66 -21.08 8.34
N LEU F 25 -22.97 -21.06 8.09
CA LEU F 25 -23.73 -22.30 8.05
C LEU F 25 -23.17 -23.22 6.97
N SER F 26 -22.90 -24.46 7.36
CA SER F 26 -22.50 -25.47 6.38
C SER F 26 -23.72 -26.00 5.66
N ASN F 27 -23.48 -26.66 4.52
CA ASN F 27 -24.60 -27.22 3.77
C ASN F 27 -25.44 -28.15 4.62
N ASN F 28 -24.82 -28.84 5.59
CA ASN F 28 -25.59 -29.69 6.50
C ASN F 28 -26.53 -28.86 7.36
N GLN F 29 -26.04 -27.73 7.90
CA GLN F 29 -26.90 -26.87 8.70
C GLN F 29 -28.00 -26.25 7.86
N TYR F 30 -27.67 -25.87 6.61
CA TYR F 30 -28.71 -25.37 5.71
C TYR F 30 -29.76 -26.44 5.46
N ILE F 31 -29.35 -27.69 5.28
CA ILE F 31 -30.31 -28.76 5.07
C ILE F 31 -31.18 -28.93 6.30
N ASN F 32 -30.58 -28.87 7.49
CA ASN F 32 -31.37 -28.99 8.72
C ASN F 32 -32.40 -27.87 8.82
N LEU F 33 -32.01 -26.65 8.46
CA LEU F 33 -32.99 -25.56 8.42
C LEU F 33 -34.08 -25.84 7.40
N THR F 34 -33.68 -26.34 6.23
CA THR F 34 -34.65 -26.66 5.18
C THR F 34 -35.68 -27.65 5.68
N GLN F 35 -35.26 -28.63 6.47
CA GLN F 35 -36.21 -29.61 7.01
C GLN F 35 -37.25 -28.92 7.91
N CYS F 36 -36.92 -27.77 8.49
CA CYS F 36 -37.86 -27.08 9.34
C CYS F 36 -39.09 -26.68 8.55
N ASP F 37 -40.25 -26.74 9.21
CA ASP F 37 -41.51 -26.57 8.51
C ASP F 37 -42.35 -25.44 9.07
N THR F 38 -41.86 -24.70 10.06
CA THR F 38 -42.52 -23.49 10.55
C THR F 38 -41.46 -22.50 11.00
N LEU F 39 -41.83 -21.22 11.07
CA LEU F 39 -40.87 -20.19 11.45
C LEU F 39 -40.34 -20.40 12.85
N GLU F 40 -41.19 -20.81 13.80
CA GLU F 40 -40.71 -21.07 15.16
C GLU F 40 -39.76 -22.26 15.17
N ASP F 41 -40.05 -23.30 14.39
CA ASP F 41 -39.12 -24.42 14.28
C ASP F 41 -37.81 -23.98 13.65
N LEU F 42 -37.86 -23.11 12.64
CA LEU F 42 -36.63 -22.58 12.06
C LEU F 42 -35.86 -21.78 13.10
N LYS F 43 -36.54 -21.02 13.94
CA LYS F 43 -35.86 -20.26 14.99
C LYS F 43 -35.16 -21.19 15.97
N LEU F 44 -35.85 -22.25 16.38
CA LEU F 44 -35.22 -23.24 17.27
C LEU F 44 -34.00 -23.84 16.61
N GLN F 45 -34.14 -24.29 15.36
CA GLN F 45 -33.03 -24.94 14.67
C GLN F 45 -31.87 -23.98 14.48
N LEU F 46 -32.17 -22.71 14.18
CA LEU F 46 -31.15 -21.70 13.94
C LEU F 46 -30.46 -21.28 15.23
N SER F 47 -31.11 -21.51 16.38
CA SER F 47 -30.46 -21.28 17.66
C SER F 47 -29.32 -22.25 17.93
N SER F 48 -29.28 -23.39 17.22
CA SER F 48 -28.21 -24.35 17.43
C SER F 48 -26.92 -23.99 16.70
N THR F 49 -26.96 -23.01 15.79
CA THR F 49 -25.79 -22.56 15.08
C THR F 49 -25.16 -21.38 15.81
N ASP F 50 -24.18 -20.75 15.16
CA ASP F 50 -23.56 -19.57 15.75
C ASP F 50 -24.47 -18.36 15.75
N TYR F 51 -25.63 -18.44 15.09
CA TYR F 51 -26.61 -17.38 15.22
C TYR F 51 -27.15 -17.31 16.65
N GLY F 52 -27.13 -18.44 17.36
CA GLY F 52 -27.50 -18.45 18.76
C GLY F 52 -28.89 -17.90 19.01
N ASN F 53 -29.03 -17.08 20.05
CA ASN F 53 -30.32 -16.56 20.47
C ASN F 53 -30.59 -15.18 19.90
N PHE F 54 -30.14 -14.92 18.67
CA PHE F 54 -30.33 -13.60 18.08
C PHE F 54 -31.81 -13.24 18.00
N LEU F 55 -32.70 -14.23 18.01
CA LEU F 55 -34.13 -13.99 18.00
C LEU F 55 -34.78 -14.23 19.35
N SER F 56 -34.02 -14.12 20.45
CA SER F 56 -34.60 -14.27 21.77
C SER F 56 -35.62 -13.18 22.07
N SER F 57 -35.43 -11.98 21.53
CA SER F 57 -36.35 -10.88 21.80
C SER F 57 -37.67 -11.04 21.07
N VAL F 58 -37.78 -11.99 20.16
CA VAL F 58 -38.97 -12.18 19.33
C VAL F 58 -39.70 -13.41 19.82
N SER F 59 -40.97 -13.24 20.18
CA SER F 59 -41.79 -14.36 20.56
C SER F 59 -42.11 -15.22 19.34
N SER F 60 -42.47 -16.48 19.58
CA SER F 60 -42.74 -17.39 18.48
C SER F 60 -43.83 -16.87 17.57
N GLU F 61 -44.86 -16.21 18.14
CA GLU F 61 -45.95 -15.67 17.34
C GLU F 61 -45.58 -14.37 16.62
N SER F 62 -44.77 -13.52 17.26
CA SER F 62 -44.37 -12.27 16.60
C SER F 62 -43.35 -12.52 15.50
N LEU F 63 -42.81 -13.73 15.41
CA LEU F 63 -41.76 -14.02 14.46
C LEU F 63 -42.28 -13.94 13.03
N THR F 64 -41.53 -13.24 12.17
CA THR F 64 -41.85 -13.14 10.76
C THR F 64 -40.55 -13.05 9.97
N THR F 65 -40.64 -13.39 8.68
CA THR F 65 -39.44 -13.49 7.86
C THR F 65 -38.68 -12.18 7.80
N SER F 66 -39.40 -11.05 7.78
CA SER F 66 -38.71 -9.76 7.83
C SER F 66 -37.94 -9.59 9.12
N LEU F 67 -38.49 -10.03 10.25
CA LEU F 67 -37.75 -9.97 11.50
C LEU F 67 -36.53 -10.87 11.47
N ILE F 68 -36.66 -12.07 10.90
CA ILE F 68 -35.52 -12.98 10.82
C ILE F 68 -34.40 -12.34 10.01
N GLN F 69 -34.74 -11.81 8.83
CA GLN F 69 -33.73 -11.16 8.00
C GLN F 69 -33.12 -9.96 8.72
N GLU F 70 -33.96 -9.14 9.35
CA GLU F 70 -33.48 -7.94 10.02
C GLU F 70 -32.53 -8.29 11.15
N TYR F 71 -32.86 -9.31 11.94
CA TYR F 71 -32.05 -9.66 13.09
C TYR F 71 -30.74 -10.33 12.68
N ALA F 72 -30.79 -11.21 11.67
CA ALA F 72 -29.55 -11.80 11.17
C ALA F 72 -28.65 -10.72 10.59
N SER F 73 -29.22 -9.77 9.84
CA SER F 73 -28.41 -8.70 9.29
C SER F 73 -27.86 -7.77 10.38
N SER F 74 -28.64 -7.55 11.44
CA SER F 74 -28.13 -6.77 12.57
C SER F 74 -26.98 -7.47 13.25
N LYS F 75 -27.06 -8.79 13.41
CA LYS F 75 -25.94 -9.54 13.95
C LYS F 75 -24.70 -9.40 13.07
N LEU F 76 -24.90 -9.51 11.75
CA LEU F 76 -23.78 -9.36 10.83
C LEU F 76 -23.16 -7.98 10.95
N TYR F 77 -24.00 -6.94 11.03
CA TYR F 77 -23.48 -5.58 11.11
C TYR F 77 -22.80 -5.30 12.44
N HIS F 78 -23.31 -5.86 13.55
CA HIS F 78 -22.61 -5.71 14.82
C HIS F 78 -21.25 -6.38 14.77
N GLU F 79 -21.17 -7.57 14.17
CA GLU F 79 -19.88 -8.23 14.04
C GLU F 79 -18.92 -7.42 13.17
N PHE F 80 -19.40 -6.89 12.04
CA PHE F 80 -18.53 -6.09 11.19
C PHE F 80 -18.07 -4.83 11.90
N ASN F 81 -18.96 -4.16 12.63
CA ASN F 81 -18.57 -2.97 13.36
C ASN F 81 -17.57 -3.29 14.46
N TYR F 82 -17.72 -4.44 15.12
CA TYR F 82 -16.72 -4.85 16.09
C TYR F 82 -15.36 -5.04 15.44
N ILE F 83 -15.32 -5.71 14.29
CA ILE F 83 -14.04 -5.92 13.61
C ILE F 83 -13.47 -4.58 13.17
N ARG F 84 -14.32 -3.65 12.76
CA ARG F 84 -13.86 -2.32 12.37
C ARG F 84 -13.26 -1.58 13.55
N ASP F 85 -13.86 -1.74 14.73
CA ASP F 85 -13.34 -1.05 15.91
C ASP F 85 -11.90 -1.46 16.20
N GLN F 86 -11.60 -2.74 16.06
CA GLN F 86 -10.24 -3.24 16.30
C GLN F 86 -9.28 -2.87 15.19
N SER F 87 -9.76 -2.26 14.11
CA SER F 87 -8.94 -1.98 12.93
C SER F 87 -8.29 -0.62 13.02
N SER F 88 -7.11 -0.51 12.40
CA SER F 88 -6.35 0.73 12.40
C SER F 88 -5.53 0.84 11.12
N GLY F 89 -5.28 2.08 10.71
CA GLY F 89 -4.41 2.32 9.57
C GLY F 89 -5.03 1.87 8.27
N SER F 90 -4.25 1.11 7.49
CA SER F 90 -4.73 0.64 6.20
C SER F 90 -5.93 -0.28 6.34
N THR F 91 -5.93 -1.13 7.37
CA THR F 91 -7.10 -1.96 7.61
C THR F 91 -8.32 -1.12 7.90
N ARG F 92 -8.16 -0.06 8.71
CA ARG F 92 -9.30 0.81 9.00
C ARG F 92 -9.79 1.49 7.74
N LYS F 93 -8.88 1.90 6.86
CA LYS F 93 -9.30 2.46 5.58
C LYS F 93 -10.06 1.43 4.76
N PHE F 94 -9.60 0.18 4.80
CA PHE F 94 -10.25 -0.89 4.06
C PHE F 94 -11.68 -1.07 4.53
N MET F 95 -11.90 -1.10 5.85
CA MET F 95 -13.25 -1.25 6.38
C MET F 95 -14.10 -0.02 6.14
N ASP F 96 -13.51 1.18 6.23
CA ASP F 96 -14.25 2.38 5.89
C ASP F 96 -14.73 2.31 4.45
N TYR F 97 -13.87 1.85 3.55
CA TYR F 97 -14.28 1.67 2.16
C TYR F 97 -15.40 0.66 2.04
N ILE F 98 -15.31 -0.44 2.79
CA ILE F 98 -16.39 -1.43 2.77
C ILE F 98 -17.71 -0.76 3.14
N THR F 99 -17.67 0.13 4.13
CA THR F 99 -18.90 0.82 4.53
C THR F 99 -19.31 1.88 3.52
N TYR F 100 -18.39 2.33 2.66
CA TYR F 100 -18.74 3.36 1.69
C TYR F 100 -19.84 2.89 0.75
N GLY F 101 -19.86 1.61 0.39
CA GLY F 101 -20.92 1.11 -0.47
C GLY F 101 -22.30 1.26 0.17
N TYR F 102 -22.41 0.90 1.44
CA TYR F 102 -23.67 1.09 2.15
C TYR F 102 -23.97 2.56 2.39
N MET F 103 -22.95 3.40 2.51
CA MET F 103 -23.18 4.85 2.56
C MET F 103 -23.83 5.33 1.27
N ILE F 104 -23.35 4.84 0.13
CA ILE F 104 -23.94 5.20 -1.16
C ILE F 104 -25.37 4.69 -1.24
N ASP F 105 -25.59 3.45 -0.80
CA ASP F 105 -26.95 2.93 -0.72
C ASP F 105 -27.84 3.80 0.13
N ASN F 106 -27.34 4.28 1.28
CA ASN F 106 -28.16 5.10 2.17
C ASN F 106 -28.45 6.46 1.54
N VAL F 107 -27.49 7.05 0.85
CA VAL F 107 -27.74 8.29 0.13
C VAL F 107 -28.87 8.09 -0.87
N ALA F 108 -28.77 7.02 -1.68
CA ALA F 108 -29.80 6.76 -2.67
C ALA F 108 -31.16 6.50 -2.03
N LEU F 109 -31.17 5.75 -0.93
CA LEU F 109 -32.43 5.46 -0.24
C LEU F 109 -33.06 6.74 0.30
N MET F 110 -32.24 7.61 0.90
CA MET F 110 -32.76 8.85 1.45
C MET F 110 -33.36 9.73 0.36
N ILE F 111 -32.67 9.85 -0.77
CA ILE F 111 -33.19 10.72 -1.82
C ILE F 111 -34.41 10.11 -2.49
N THR F 112 -34.44 8.78 -2.61
CA THR F 112 -35.62 8.11 -3.15
C THR F 112 -36.83 8.31 -2.23
N GLY F 113 -36.61 8.22 -0.92
CA GLY F 113 -37.69 8.52 0.01
C GLY F 113 -38.11 9.97 -0.04
N THR F 114 -37.15 10.86 -0.27
CA THR F 114 -37.47 12.29 -0.37
C THR F 114 -38.38 12.55 -1.57
N ILE F 115 -38.04 12.01 -2.73
CA ILE F 115 -38.92 12.18 -3.88
C ILE F 115 -40.20 11.39 -3.69
N HIS F 116 -40.19 10.40 -2.80
CA HIS F 116 -41.36 9.58 -2.53
C HIS F 116 -42.22 10.12 -1.40
N ASP F 117 -41.89 11.30 -0.87
CA ASP F 117 -42.73 11.99 0.12
C ASP F 117 -42.74 11.25 1.46
N ARG F 118 -41.56 10.77 1.87
CA ARG F 118 -41.36 10.22 3.21
C ARG F 118 -40.33 11.06 3.94
N ASP F 119 -40.65 11.47 5.16
CA ASP F 119 -39.77 12.32 5.93
C ASP F 119 -38.48 11.57 6.29
N LYS F 120 -37.40 12.34 6.45
CA LYS F 120 -36.12 11.73 6.77
C LYS F 120 -36.17 11.03 8.12
N GLY F 121 -37.02 11.51 9.04
CA GLY F 121 -37.08 10.90 10.36
C GLY F 121 -37.42 9.42 10.30
N GLU F 122 -38.41 9.05 9.48
CA GLU F 122 -38.75 7.64 9.34
C GLU F 122 -37.76 6.89 8.46
N ILE F 123 -37.13 7.58 7.51
CA ILE F 123 -36.19 6.91 6.61
C ILE F 123 -34.93 6.48 7.37
N LEU F 124 -34.48 7.29 8.33
CA LEU F 124 -33.31 6.92 9.12
C LEU F 124 -33.50 5.58 9.83
N GLN F 125 -34.74 5.20 10.12
CA GLN F 125 -34.97 3.87 10.71
C GLN F 125 -34.67 2.77 9.71
N ARG F 126 -34.62 3.07 8.42
CA ARG F 126 -34.34 2.07 7.40
C ARG F 126 -32.89 2.07 6.95
N CYS F 127 -32.13 3.13 7.24
CA CYS F 127 -30.74 3.19 6.83
C CYS F 127 -29.92 2.10 7.49
N HIS F 128 -29.00 1.51 6.73
CA HIS F 128 -28.14 0.48 7.30
C HIS F 128 -27.23 1.06 8.37
N PRO F 129 -26.98 0.34 9.46
CA PRO F 129 -26.04 0.87 10.46
C PRO F 129 -24.65 1.13 9.91
N LEU F 130 -24.20 0.32 8.96
CA LEU F 130 -22.87 0.50 8.40
C LEU F 130 -22.74 1.84 7.69
N GLY F 131 -23.76 2.24 6.95
CA GLY F 131 -23.71 3.43 6.14
C GLY F 131 -24.04 4.73 6.84
N TRP F 132 -24.22 4.70 8.16
CA TRP F 132 -24.58 5.92 8.88
C TRP F 132 -23.42 6.91 8.89
N PHE F 133 -23.74 8.18 8.66
CA PHE F 133 -22.78 9.26 8.81
C PHE F 133 -23.52 10.51 9.29
N ASP F 134 -22.76 11.45 9.84
CA ASP F 134 -23.38 12.55 10.59
C ASP F 134 -24.39 13.31 9.75
N THR F 135 -24.00 13.74 8.55
CA THR F 135 -24.85 14.60 7.73
C THR F 135 -25.83 13.82 6.88
N LEU F 136 -26.08 12.55 7.20
CA LEU F 136 -27.02 11.74 6.41
C LEU F 136 -28.41 12.34 6.35
N PRO F 137 -29.04 12.74 7.46
CA PRO F 137 -30.37 13.37 7.35
C PRO F 137 -30.34 14.77 6.79
N THR F 138 -29.19 15.45 6.83
CA THR F 138 -29.12 16.82 6.35
C THR F 138 -28.97 16.87 4.84
N LEU F 139 -28.47 15.80 4.23
CA LEU F 139 -28.24 15.81 2.79
C LEU F 139 -29.53 16.01 1.99
N SER F 140 -30.60 15.32 2.39
CA SER F 140 -31.86 15.37 1.64
C SER F 140 -32.64 16.63 1.97
N VAL F 141 -32.09 17.80 1.63
CA VAL F 141 -32.79 19.06 1.89
C VAL F 141 -34.03 19.18 1.02
N ALA F 142 -33.91 18.85 -0.28
CA ALA F 142 -35.02 19.03 -1.20
C ALA F 142 -34.76 18.17 -2.43
N THR F 143 -35.77 18.11 -3.30
CA THR F 143 -35.68 17.34 -4.53
C THR F 143 -35.02 18.17 -5.63
N ASP F 144 -33.77 18.57 -5.42
CA ASP F 144 -33.05 19.38 -6.38
C ASP F 144 -31.56 19.10 -6.26
N LEU F 145 -30.82 19.49 -7.30
CA LEU F 145 -29.39 19.23 -7.34
C LEU F 145 -28.62 19.99 -6.26
N GLU F 146 -29.25 20.99 -5.63
CA GLU F 146 -28.60 21.71 -4.54
C GLU F 146 -28.37 20.82 -3.32
N SER F 147 -29.01 19.65 -3.27
CA SER F 147 -28.81 18.73 -2.19
C SER F 147 -27.51 17.94 -2.39
N LEU F 148 -27.18 17.13 -1.39
CA LEU F 148 -26.02 16.23 -1.44
C LEU F 148 -24.76 17.07 -1.60
N TYR F 149 -23.97 16.88 -2.66
CA TYR F 149 -22.65 17.49 -2.74
C TYR F 149 -22.72 19.01 -2.64
N GLU F 150 -23.81 19.61 -3.13
CA GLU F 150 -23.91 21.07 -3.12
C GLU F 150 -23.90 21.64 -1.70
N THR F 151 -24.57 20.99 -0.76
CA THR F 151 -24.71 21.53 0.60
C THR F 151 -24.02 20.66 1.64
N VAL F 152 -24.35 19.37 1.71
CA VAL F 152 -23.94 18.55 2.84
C VAL F 152 -22.96 17.43 2.47
N LEU F 153 -23.12 16.82 1.30
CA LEU F 153 -22.32 15.63 0.97
C LEU F 153 -20.83 15.93 0.90
N VAL F 154 -20.43 17.19 0.82
CA VAL F 154 -19.01 17.53 0.77
C VAL F 154 -18.29 17.09 2.04
N ASP F 155 -18.99 17.05 3.18
CA ASP F 155 -18.39 16.62 4.43
C ASP F 155 -18.28 15.10 4.54
N THR F 156 -18.99 14.36 3.70
CA THR F 156 -18.99 12.91 3.73
C THR F 156 -17.77 12.36 3.00
N PRO F 157 -17.41 11.09 3.27
CA PRO F 157 -16.31 10.49 2.49
C PRO F 157 -16.68 10.20 1.05
N LEU F 158 -17.95 10.33 0.68
CA LEU F 158 -18.38 10.15 -0.69
C LEU F 158 -18.14 11.38 -1.55
N ALA F 159 -17.68 12.48 -0.96
CA ALA F 159 -17.54 13.73 -1.70
C ALA F 159 -16.72 13.59 -2.97
N PRO F 160 -15.57 12.91 -2.98
CA PRO F 160 -14.77 12.85 -4.21
C PRO F 160 -15.49 12.17 -5.36
N TYR F 161 -16.53 11.39 -5.09
CA TYR F 161 -17.20 10.63 -6.14
C TYR F 161 -18.24 11.44 -6.90
N PHE F 162 -18.59 12.64 -6.42
CA PHE F 162 -19.57 13.48 -7.10
C PHE F 162 -18.97 14.33 -8.22
N LYS F 163 -17.65 14.36 -8.35
CA LYS F 163 -17.01 15.16 -9.38
C LYS F 163 -17.48 14.74 -10.78
N GLU F 171 -34.82 17.65 -12.81
CA GLU F 171 -33.66 16.95 -12.27
C GLU F 171 -34.03 16.22 -10.97
N LEU F 172 -33.12 15.37 -10.51
CA LEU F 172 -33.33 14.60 -9.27
C LEU F 172 -34.58 13.75 -9.35
N ASP F 173 -34.92 13.28 -10.54
CA ASP F 173 -36.03 12.34 -10.70
C ASP F 173 -35.57 10.94 -10.32
N ASP F 174 -36.52 10.01 -10.28
CA ASP F 174 -36.19 8.63 -9.95
C ASP F 174 -35.11 8.08 -10.87
N MET F 175 -35.25 8.31 -12.18
CA MET F 175 -34.19 7.91 -13.10
C MET F 175 -32.90 8.64 -12.78
N ASN F 176 -32.97 9.94 -12.50
CA ASN F 176 -31.78 10.67 -12.10
C ASN F 176 -31.21 10.15 -10.80
N ILE F 177 -32.06 9.74 -9.86
CA ILE F 177 -31.59 9.15 -8.63
C ILE F 177 -30.77 7.90 -8.93
N GLU F 178 -31.29 7.02 -9.78
CA GLU F 178 -30.57 5.78 -10.07
C GLU F 178 -29.29 6.04 -10.83
N ILE F 179 -29.29 7.04 -11.72
CA ILE F 179 -28.07 7.38 -12.43
C ILE F 179 -27.02 7.89 -11.44
N ILE F 180 -27.44 8.69 -10.47
CA ILE F 180 -26.50 9.18 -9.46
C ILE F 180 -25.95 8.02 -8.64
N ARG F 181 -26.81 7.09 -8.25
CA ARG F 181 -26.34 5.93 -7.50
C ARG F 181 -25.35 5.10 -8.30
N ASN F 182 -25.64 4.85 -9.58
CA ASN F 182 -24.74 4.02 -10.37
C ASN F 182 -23.42 4.73 -10.63
N LYS F 183 -23.45 6.04 -10.87
CA LYS F 183 -22.21 6.79 -10.98
C LYS F 183 -21.41 6.72 -9.68
N LEU F 184 -22.09 6.80 -8.54
CA LEU F 184 -21.40 6.73 -7.25
C LEU F 184 -20.74 5.37 -7.07
N TYR F 185 -21.45 4.27 -7.37
CA TYR F 185 -20.77 2.97 -7.33
C TYR F 185 -19.61 2.91 -8.29
N LYS F 186 -19.73 3.45 -9.49
CA LYS F 186 -18.63 3.37 -10.44
C LYS F 186 -17.40 4.05 -9.88
N ALA F 187 -17.55 5.29 -9.41
CA ALA F 187 -16.42 6.02 -8.85
C ALA F 187 -15.88 5.33 -7.59
N TYR F 188 -16.77 4.84 -6.72
CA TYR F 188 -16.34 4.21 -5.49
C TYR F 188 -15.58 2.92 -5.75
N LEU F 189 -16.05 2.10 -6.69
CA LEU F 189 -15.37 0.86 -6.99
C LEU F 189 -14.01 1.15 -7.63
N GLU F 190 -13.93 2.14 -8.50
CA GLU F 190 -12.62 2.50 -9.05
C GLU F 190 -11.68 2.96 -7.94
N ASP F 191 -12.17 3.80 -7.04
CA ASP F 191 -11.32 4.32 -5.97
C ASP F 191 -10.86 3.21 -5.04
N PHE F 192 -11.75 2.28 -4.71
CA PHE F 192 -11.40 1.18 -3.82
C PHE F 192 -10.48 0.17 -4.48
N TYR F 193 -10.66 -0.08 -5.78
CA TYR F 193 -9.69 -0.91 -6.49
C TYR F 193 -8.31 -0.24 -6.47
N ASN F 194 -8.27 1.07 -6.65
CA ASN F 194 -7.00 1.79 -6.60
C ASN F 194 -6.39 1.71 -5.21
N PHE F 195 -7.21 1.88 -4.16
CA PHE F 195 -6.70 1.79 -2.80
C PHE F 195 -6.16 0.39 -2.51
N VAL F 196 -6.88 -0.63 -2.96
CA VAL F 196 -6.41 -2.00 -2.77
C VAL F 196 -5.07 -2.20 -3.46
N THR F 197 -4.95 -1.71 -4.70
CA THR F 197 -3.72 -1.89 -5.45
C THR F 197 -2.56 -1.16 -4.80
N GLU F 198 -2.83 0.00 -4.21
CA GLU F 198 -1.75 0.87 -3.72
C GLU F 198 -1.42 0.66 -2.25
N GLU F 199 -2.27 -0.01 -1.47
CA GLU F 199 -2.13 -0.01 -0.03
C GLU F 199 -2.34 -1.35 0.66
N ILE F 200 -2.71 -2.40 -0.05
CA ILE F 200 -3.04 -3.70 0.54
C ILE F 200 -1.94 -4.69 0.19
N PRO F 201 -1.45 -5.49 1.13
CA PRO F 201 -0.38 -6.43 0.83
C PRO F 201 -0.77 -7.42 -0.26
N GLU F 202 0.23 -8.11 -0.80
CA GLU F 202 0.07 -8.79 -2.09
C GLU F 202 -1.02 -9.85 -2.09
N PRO F 203 -1.09 -10.79 -1.15
CA PRO F 203 -2.17 -11.80 -1.24
C PRO F 203 -3.54 -11.16 -1.13
N ALA F 204 -3.75 -10.34 -0.11
CA ALA F 204 -4.99 -9.59 -0.02
C ALA F 204 -5.17 -8.67 -1.22
N LYS F 205 -4.08 -8.10 -1.74
CA LYS F 205 -4.19 -7.22 -2.89
C LYS F 205 -4.82 -7.95 -4.07
N GLU F 206 -4.26 -9.11 -4.43
CA GLU F 206 -4.78 -9.85 -5.57
C GLU F 206 -6.18 -10.39 -5.29
N CYS F 207 -6.43 -10.86 -4.07
CA CYS F 207 -7.74 -11.41 -3.76
C CYS F 207 -8.81 -10.33 -3.86
N MET F 208 -8.55 -9.15 -3.28
CA MET F 208 -9.51 -8.07 -3.36
C MET F 208 -9.63 -7.54 -4.77
N GLN F 209 -8.54 -7.56 -5.54
CA GLN F 209 -8.63 -7.16 -6.94
C GLN F 209 -9.56 -8.07 -7.71
N THR F 210 -9.44 -9.38 -7.50
CA THR F 210 -10.35 -10.33 -8.15
C THR F 210 -11.79 -10.11 -7.70
N LEU F 211 -12.00 -9.92 -6.40
CA LEU F 211 -13.36 -9.75 -5.88
C LEU F 211 -13.99 -8.47 -6.39
N LEU F 212 -13.22 -7.38 -6.45
CA LEU F 212 -13.73 -6.12 -6.96
C LEU F 212 -13.92 -6.17 -8.46
N GLY F 213 -13.07 -6.89 -9.19
CA GLY F 213 -13.32 -7.12 -10.59
C GLY F 213 -14.64 -7.83 -10.81
N PHE F 214 -14.90 -8.86 -10.01
CA PHE F 214 -16.17 -9.56 -10.12
C PHE F 214 -17.35 -8.65 -9.77
N GLU F 215 -17.18 -7.83 -8.72
CA GLU F 215 -18.26 -6.93 -8.33
C GLU F 215 -18.55 -5.91 -9.44
N ALA F 216 -17.50 -5.33 -10.00
CA ALA F 216 -17.68 -4.36 -11.07
C ALA F 216 -18.28 -5.02 -12.30
N ASP F 217 -17.90 -6.27 -12.58
CA ASP F 217 -18.49 -6.97 -13.72
C ASP F 217 -19.95 -7.29 -13.46
N ARG F 218 -20.29 -7.71 -12.25
CA ARG F 218 -21.70 -7.91 -11.91
C ARG F 218 -22.50 -6.65 -12.16
N ARG F 219 -22.01 -5.52 -11.68
CA ARG F 219 -22.69 -4.26 -11.96
C ARG F 219 -22.78 -4.03 -13.47
N SER F 220 -21.63 -3.86 -14.13
CA SER F 220 -21.62 -3.61 -15.57
C SER F 220 -22.65 -4.47 -16.30
N ILE F 221 -22.66 -5.78 -16.04
CA ILE F 221 -23.60 -6.65 -16.73
C ILE F 221 -25.04 -6.31 -16.37
N ASN F 222 -25.31 -6.07 -15.09
CA ASN F 222 -26.68 -5.78 -14.67
C ASN F 222 -27.18 -4.48 -15.29
N ILE F 223 -26.35 -3.43 -15.27
CA ILE F 223 -26.72 -2.17 -15.89
C ILE F 223 -26.92 -2.34 -17.39
N ALA F 224 -26.00 -3.06 -18.04
CA ALA F 224 -26.11 -3.25 -19.49
C ALA F 224 -27.40 -3.96 -19.85
N LEU F 225 -27.76 -4.99 -19.09
CA LEU F 225 -28.98 -5.74 -19.36
C LEU F 225 -30.22 -4.90 -19.06
N ASN F 226 -30.21 -4.20 -17.93
CA ASN F 226 -31.42 -3.51 -17.48
C ASN F 226 -31.69 -2.23 -18.26
N SER F 227 -30.64 -1.57 -18.74
CA SER F 227 -30.83 -0.33 -19.49
C SER F 227 -31.51 -0.57 -20.83
N LEU F 228 -31.57 -1.82 -21.30
CA LEU F 228 -32.30 -2.12 -22.52
C LEU F 228 -33.80 -1.91 -22.37
N GLN F 229 -34.33 -2.01 -21.15
CA GLN F 229 -35.77 -1.94 -20.91
C GLN F 229 -36.27 -0.50 -21.02
N SER F 230 -36.21 0.03 -22.24
CA SER F 230 -36.78 1.34 -22.57
C SER F 230 -36.22 2.44 -21.68
N SER F 231 -35.00 2.28 -21.20
CA SER F 231 -34.37 3.32 -20.39
C SER F 231 -33.93 4.48 -21.25
N ASP F 232 -33.84 5.66 -20.63
CA ASP F 232 -33.38 6.86 -21.31
C ASP F 232 -31.87 7.00 -21.31
N ILE F 233 -31.14 6.06 -20.70
CA ILE F 233 -29.69 6.16 -20.63
C ILE F 233 -29.11 5.89 -22.01
N ASP F 234 -28.47 6.91 -22.59
CA ASP F 234 -27.79 6.75 -23.86
C ASP F 234 -26.49 5.97 -23.67
N PRO F 235 -25.93 5.43 -24.75
CA PRO F 235 -24.69 4.67 -24.62
C PRO F 235 -23.56 5.46 -23.99
N ASP F 236 -23.53 6.78 -24.16
CA ASP F 236 -22.54 7.60 -23.46
C ASP F 236 -22.72 7.49 -21.95
N LEU F 237 -23.96 7.64 -21.48
CA LEU F 237 -24.22 7.52 -20.05
C LEU F 237 -23.89 6.12 -19.56
N LYS F 238 -24.24 5.09 -20.33
CA LYS F 238 -23.89 3.73 -19.93
C LYS F 238 -22.39 3.57 -19.81
N SER F 239 -21.63 4.08 -20.78
CA SER F 239 -20.18 4.07 -20.67
C SER F 239 -19.73 4.78 -19.40
N ASP F 240 -20.43 5.85 -19.02
CA ASP F 240 -20.11 6.55 -17.78
C ASP F 240 -20.51 5.77 -16.53
N LEU F 241 -21.39 4.77 -16.67
CA LEU F 241 -21.86 4.01 -15.52
C LEU F 241 -21.08 2.72 -15.28
N LEU F 242 -20.32 2.25 -16.27
CA LEU F 242 -19.62 0.98 -16.14
C LEU F 242 -18.24 1.19 -15.54
N PRO F 243 -17.88 0.54 -14.45
CA PRO F 243 -16.57 0.78 -13.83
C PRO F 243 -15.42 0.37 -14.72
N ASN F 244 -14.30 1.06 -14.53
CA ASN F 244 -13.09 0.84 -15.33
C ASN F 244 -12.20 -0.26 -14.76
N ILE F 245 -12.63 -0.98 -13.73
CA ILE F 245 -11.80 -1.93 -13.02
C ILE F 245 -12.20 -3.37 -13.28
N GLY F 246 -13.35 -3.60 -13.90
CA GLY F 246 -13.84 -4.96 -14.02
C GLY F 246 -13.01 -5.81 -14.94
N LYS F 247 -13.23 -7.13 -14.85
CA LYS F 247 -12.62 -8.06 -15.79
C LYS F 247 -13.08 -7.81 -17.22
N LEU F 248 -14.24 -7.18 -17.39
CA LEU F 248 -14.74 -6.82 -18.71
C LEU F 248 -14.03 -5.61 -19.29
N TYR F 249 -13.39 -4.79 -18.47
CA TYR F 249 -12.76 -3.57 -18.97
C TYR F 249 -11.49 -3.91 -19.75
N PRO F 250 -11.20 -3.20 -20.86
CA PRO F 250 -12.02 -2.18 -21.53
C PRO F 250 -12.81 -2.71 -22.73
N LEU F 251 -12.40 -3.86 -23.28
CA LEU F 251 -13.05 -4.38 -24.47
C LEU F 251 -14.53 -4.70 -24.20
N ALA F 252 -14.78 -5.68 -23.33
CA ALA F 252 -16.15 -6.12 -23.09
C ALA F 252 -16.99 -5.01 -22.49
N THR F 253 -16.39 -4.14 -21.68
CA THR F 253 -17.14 -3.00 -21.15
C THR F 253 -17.62 -2.10 -22.27
N PHE F 254 -16.74 -1.80 -23.24
CA PHE F 254 -17.14 -0.98 -24.38
C PHE F 254 -18.24 -1.66 -25.18
N HIS F 255 -18.08 -2.97 -25.43
CA HIS F 255 -19.09 -3.69 -26.20
C HIS F 255 -20.44 -3.65 -25.50
N LEU F 256 -20.45 -3.83 -24.17
CA LEU F 256 -21.70 -3.75 -23.42
C LEU F 256 -22.29 -2.34 -23.50
N ALA F 257 -21.45 -1.32 -23.36
CA ALA F 257 -21.96 0.04 -23.36
C ALA F 257 -22.61 0.37 -24.70
N GLN F 258 -21.98 -0.01 -25.81
CA GLN F 258 -22.53 0.31 -27.12
C GLN F 258 -23.71 -0.57 -27.49
N ALA F 259 -23.75 -1.81 -27.01
CA ALA F 259 -24.79 -2.73 -27.39
C ALA F 259 -26.16 -2.19 -26.98
N GLN F 260 -27.13 -2.28 -27.89
CA GLN F 260 -28.50 -1.83 -27.65
C GLN F 260 -29.51 -2.96 -27.82
N ASP F 261 -29.04 -4.21 -27.77
CA ASP F 261 -29.93 -5.36 -27.91
C ASP F 261 -29.38 -6.50 -27.06
N PHE F 262 -30.27 -7.42 -26.70
CA PHE F 262 -29.88 -8.55 -25.86
C PHE F 262 -28.80 -9.39 -26.53
N GLU F 263 -28.94 -9.61 -27.84
CA GLU F 263 -27.97 -10.44 -28.55
C GLU F 263 -26.57 -9.82 -28.51
N GLY F 264 -26.47 -8.50 -28.67
CA GLY F 264 -25.16 -7.86 -28.57
C GLY F 264 -24.55 -8.01 -27.19
N VAL F 265 -25.36 -7.89 -26.15
CA VAL F 265 -24.86 -8.07 -24.79
C VAL F 265 -24.35 -9.50 -24.62
N ARG F 266 -25.11 -10.48 -25.11
CA ARG F 266 -24.68 -11.86 -25.00
C ARG F 266 -23.39 -12.10 -25.77
N ALA F 267 -23.24 -11.48 -26.94
CA ALA F 267 -21.99 -11.60 -27.68
C ALA F 267 -20.83 -11.00 -26.90
N ALA F 268 -21.05 -9.85 -26.25
CA ALA F 268 -20.00 -9.25 -25.45
C ALA F 268 -19.60 -10.14 -24.29
N LEU F 269 -20.57 -10.73 -23.58
CA LEU F 269 -20.23 -11.67 -22.50
C LEU F 269 -19.51 -12.90 -23.04
N ALA F 270 -19.91 -13.39 -24.23
CA ALA F 270 -19.23 -14.55 -24.79
C ALA F 270 -17.75 -14.30 -25.02
N ASN F 271 -17.35 -13.02 -25.09
CA ASN F 271 -15.94 -12.70 -25.29
C ASN F 271 -15.11 -13.05 -24.06
N VAL F 272 -15.71 -13.05 -22.87
CA VAL F 272 -15.00 -13.25 -21.61
C VAL F 272 -15.25 -14.67 -21.13
N TYR F 273 -14.16 -15.40 -20.89
CA TYR F 273 -14.26 -16.79 -20.44
C TYR F 273 -14.90 -16.88 -19.07
N GLU F 274 -14.55 -15.96 -18.17
CA GLU F 274 -15.00 -16.07 -16.78
C GLU F 274 -16.52 -15.97 -16.66
N TYR F 275 -17.17 -15.28 -17.60
CA TYR F 275 -18.60 -15.02 -17.49
C TYR F 275 -19.45 -15.68 -18.58
N ARG F 276 -18.86 -16.05 -19.73
CA ARG F 276 -19.64 -16.68 -20.77
C ARG F 276 -20.28 -17.96 -20.24
N GLY F 277 -21.59 -18.08 -20.44
CA GLY F 277 -22.39 -19.13 -19.85
C GLY F 277 -23.33 -18.65 -18.76
N PHE F 278 -23.06 -17.48 -18.18
CA PHE F 278 -23.97 -16.92 -17.20
C PHE F 278 -25.27 -16.45 -17.85
N LEU F 279 -25.18 -15.76 -18.98
CA LEU F 279 -26.35 -15.24 -19.66
C LEU F 279 -26.97 -16.26 -20.60
N GLU F 280 -26.31 -17.41 -20.82
CA GLU F 280 -26.85 -18.39 -21.75
C GLU F 280 -28.04 -19.13 -21.15
N THR F 281 -27.99 -19.46 -19.87
CA THR F 281 -29.00 -20.31 -19.27
C THR F 281 -29.19 -19.95 -17.80
N GLY F 282 -30.27 -20.47 -17.22
CA GLY F 282 -30.56 -20.26 -15.83
C GLY F 282 -30.78 -18.79 -15.49
N ASN F 283 -31.16 -18.55 -14.25
CA ASN F 283 -31.37 -17.19 -13.75
C ASN F 283 -30.00 -16.55 -13.55
N LEU F 284 -29.82 -15.35 -14.11
CA LEU F 284 -28.51 -14.72 -14.10
C LEU F 284 -28.03 -14.43 -12.68
N GLU F 285 -28.92 -13.90 -11.84
CA GLU F 285 -28.52 -13.56 -10.48
C GLU F 285 -28.02 -14.77 -9.72
N ASP F 286 -28.60 -15.94 -9.98
CA ASP F 286 -28.11 -17.15 -9.35
C ASP F 286 -26.66 -17.43 -9.75
N HIS F 287 -26.34 -17.26 -11.03
CA HIS F 287 -24.96 -17.47 -11.47
C HIS F 287 -24.02 -16.46 -10.84
N PHE F 288 -24.44 -15.20 -10.75
CA PHE F 288 -23.59 -14.19 -10.12
C PHE F 288 -23.35 -14.52 -8.66
N TYR F 289 -24.38 -14.94 -7.94
CA TYR F 289 -24.22 -15.30 -6.54
C TYR F 289 -23.35 -16.54 -6.37
N GLN F 290 -23.49 -17.53 -7.24
CA GLN F 290 -22.63 -18.70 -7.17
C GLN F 290 -21.17 -18.33 -7.40
N LEU F 291 -20.92 -17.47 -8.39
CA LEU F 291 -19.56 -17.03 -8.64
C LEU F 291 -19.01 -16.25 -7.46
N GLU F 292 -19.83 -15.38 -6.87
CA GLU F 292 -19.38 -14.63 -5.69
C GLU F 292 -19.00 -15.58 -4.56
N MET F 293 -19.84 -16.59 -4.33
CA MET F 293 -19.56 -17.52 -3.23
C MET F 293 -18.31 -18.34 -3.51
N GLU F 294 -18.11 -18.76 -4.75
CA GLU F 294 -16.88 -19.48 -5.09
C GLU F 294 -15.67 -18.59 -4.88
N LEU F 295 -15.75 -17.32 -5.28
CA LEU F 295 -14.63 -16.41 -5.08
C LEU F 295 -14.34 -16.21 -3.61
N CYS F 296 -15.38 -16.05 -2.79
CA CYS F 296 -15.18 -15.87 -1.35
C CYS F 296 -14.59 -17.12 -0.71
N ARG F 297 -15.08 -18.30 -1.10
CA ARG F 297 -14.54 -19.54 -0.58
C ARG F 297 -13.06 -19.68 -0.94
N ASP F 298 -12.70 -19.30 -2.16
CA ASP F 298 -11.28 -19.25 -2.52
C ASP F 298 -10.54 -18.23 -1.67
N ALA F 299 -11.15 -17.08 -1.42
CA ALA F 299 -10.52 -16.04 -0.62
C ALA F 299 -10.24 -16.49 0.80
N PHE F 300 -10.99 -17.47 1.30
CA PHE F 300 -10.73 -17.98 2.65
C PHE F 300 -9.58 -18.98 2.70
N THR F 301 -9.09 -19.44 1.55
CA THR F 301 -7.93 -20.33 1.56
C THR F 301 -6.64 -19.57 1.85
N GLN F 302 -6.60 -18.28 1.55
CA GLN F 302 -5.42 -17.46 1.84
C GLN F 302 -5.47 -17.04 3.30
N GLN F 303 -4.39 -17.33 4.02
CA GLN F 303 -4.38 -17.18 5.47
C GLN F 303 -4.15 -15.74 5.91
N PHE F 304 -2.98 -15.19 5.57
CA PHE F 304 -2.63 -13.84 6.02
C PHE F 304 -3.08 -12.80 4.99
N ALA F 305 -4.39 -12.64 4.90
CA ALA F 305 -5.02 -11.72 3.97
C ALA F 305 -6.16 -11.00 4.66
N ILE F 306 -6.24 -9.68 4.46
CA ILE F 306 -7.37 -8.91 4.95
C ILE F 306 -8.58 -9.03 4.05
N SER F 307 -8.42 -9.55 2.84
CA SER F 307 -9.56 -9.86 2.00
C SER F 307 -10.53 -10.79 2.72
N THR F 308 -10.01 -11.62 3.62
CA THR F 308 -10.87 -12.48 4.44
C THR F 308 -12.02 -11.70 5.05
N VAL F 309 -11.84 -10.40 5.28
CA VAL F 309 -12.93 -9.59 5.81
C VAL F 309 -14.02 -9.44 4.76
N TRP F 310 -13.67 -8.90 3.59
CA TRP F 310 -14.64 -8.79 2.51
C TRP F 310 -15.27 -10.14 2.21
N ALA F 311 -14.43 -11.15 1.99
CA ALA F 311 -14.94 -12.49 1.71
C ALA F 311 -15.91 -12.94 2.79
N TRP F 312 -15.66 -12.55 4.04
CA TRP F 312 -16.59 -12.90 5.10
C TRP F 312 -17.89 -12.11 4.97
N MET F 313 -17.79 -10.79 4.80
CA MET F 313 -19.00 -9.98 4.69
C MET F 313 -19.91 -10.54 3.62
N LYS F 314 -19.44 -10.54 2.36
CA LYS F 314 -20.27 -11.00 1.26
C LYS F 314 -20.69 -12.44 1.46
N SER F 315 -19.94 -13.21 2.25
CA SER F 315 -20.40 -14.55 2.60
C SER F 315 -21.55 -14.47 3.60
N LYS F 316 -21.33 -13.81 4.73
CA LYS F 316 -22.38 -13.70 5.73
C LYS F 316 -23.62 -13.04 5.16
N GLU F 317 -23.45 -11.98 4.39
CA GLU F 317 -24.59 -11.38 3.72
C GLU F 317 -25.36 -12.42 2.92
N GLN F 318 -24.66 -13.22 2.10
CA GLN F 318 -25.34 -14.28 1.39
C GLN F 318 -26.08 -15.19 2.35
N GLU F 319 -25.43 -15.56 3.45
CA GLU F 319 -26.10 -16.38 4.44
C GLU F 319 -27.42 -15.76 4.87
N VAL F 320 -27.41 -14.45 5.14
CA VAL F 320 -28.62 -13.78 5.58
C VAL F 320 -29.71 -13.92 4.53
N ARG F 321 -29.35 -13.87 3.26
CA ARG F 321 -30.33 -14.13 2.21
C ARG F 321 -30.84 -15.56 2.28
N ASN F 322 -29.93 -16.53 2.37
CA ASN F 322 -30.36 -17.92 2.38
C ASN F 322 -31.29 -18.18 3.54
N ILE F 323 -30.88 -17.81 4.76
CA ILE F 323 -31.72 -18.03 5.92
C ILE F 323 -33.04 -17.28 5.76
N THR F 324 -33.03 -16.16 5.05
CA THR F 324 -34.27 -15.47 4.77
C THR F 324 -35.10 -16.22 3.74
N TRP F 325 -34.45 -16.67 2.66
CA TRP F 325 -35.20 -17.35 1.60
C TRP F 325 -35.85 -18.61 2.14
N ILE F 326 -35.11 -19.42 2.88
CA ILE F 326 -35.73 -20.56 3.56
C ILE F 326 -36.88 -20.07 4.43
N ALA F 327 -36.63 -19.03 5.22
CA ALA F 327 -37.69 -18.52 6.09
C ALA F 327 -38.90 -18.09 5.28
N GLU F 328 -38.70 -17.64 4.05
CA GLU F 328 -39.83 -17.33 3.18
C GLU F 328 -40.54 -18.61 2.76
N CYS F 329 -39.79 -19.58 2.23
CA CYS F 329 -40.41 -20.79 1.73
C CYS F 329 -41.13 -21.52 2.85
N ILE F 330 -40.57 -21.54 4.05
CA ILE F 330 -41.26 -22.11 5.20
C ILE F 330 -42.52 -21.30 5.50
N ALA F 331 -42.40 -19.98 5.50
CA ALA F 331 -43.55 -19.15 5.83
C ALA F 331 -44.66 -19.27 4.79
N GLN F 332 -44.28 -19.32 3.52
CA GLN F 332 -45.24 -19.37 2.43
C GLN F 332 -45.58 -20.78 1.99
N ASN F 333 -44.99 -21.81 2.60
CA ASN F 333 -45.21 -23.19 2.19
C ASN F 333 -44.89 -23.37 0.71
N GLN F 334 -43.72 -22.85 0.31
CA GLN F 334 -43.23 -23.00 -1.05
C GLN F 334 -42.04 -23.96 -1.03
N ARG F 335 -42.19 -25.05 -0.27
CA ARG F 335 -41.08 -25.94 0.00
C ARG F 335 -40.47 -26.53 -1.26
N GLU F 336 -41.20 -26.53 -2.38
CA GLU F 336 -40.67 -27.10 -3.61
C GLU F 336 -39.48 -26.34 -4.16
N ARG F 337 -39.19 -25.13 -3.66
CA ARG F 337 -38.04 -24.35 -4.08
C ARG F 337 -37.18 -23.92 -2.90
N ILE F 338 -37.41 -24.52 -1.72
CA ILE F 338 -36.70 -24.12 -0.52
C ILE F 338 -35.20 -24.29 -0.67
N ASN F 339 -34.76 -25.12 -1.61
CA ASN F 339 -33.34 -25.38 -1.82
C ASN F 339 -32.70 -24.46 -2.86
N ASN F 340 -33.34 -23.36 -3.23
CA ASN F 340 -32.78 -22.50 -4.28
C ASN F 340 -31.67 -21.60 -3.78
N TYR F 341 -31.22 -21.75 -2.54
CA TYR F 341 -30.15 -20.92 -2.01
C TYR F 341 -28.79 -21.40 -2.50
N ILE F 342 -27.80 -20.51 -2.42
CA ILE F 342 -26.41 -20.83 -2.74
C ILE F 342 -25.66 -20.99 -1.43
N SER F 343 -25.00 -22.14 -1.28
CA SER F 343 -24.18 -22.43 -0.10
C SER F 343 -22.96 -23.24 -0.53
N VAL F 344 -21.78 -22.62 -0.43
CA VAL F 344 -20.54 -23.30 -0.79
C VAL F 344 -19.88 -23.97 0.41
N TYR F 345 -20.32 -23.66 1.63
CA TYR F 345 -19.71 -24.22 2.82
C TYR F 345 -20.50 -25.42 3.32
N THR G 2 48.05 3.52 23.00
CA THR G 2 48.19 2.28 23.74
C THR G 2 47.63 1.13 22.91
N GLU G 3 48.13 -0.08 23.16
CA GLU G 3 47.67 -1.25 22.41
C GLU G 3 46.37 -1.80 22.97
N LEU G 4 46.39 -2.23 24.24
CA LEU G 4 45.22 -2.83 24.84
C LEU G 4 44.20 -1.81 25.32
N CYS G 5 44.61 -0.57 25.56
CA CYS G 5 43.75 0.45 26.16
C CYS G 5 43.76 1.69 25.29
N PRO G 6 43.18 1.62 24.10
CA PRO G 6 43.15 2.78 23.21
C PRO G 6 42.21 3.86 23.73
N VAL G 7 42.37 5.06 23.15
CA VAL G 7 41.62 6.22 23.61
C VAL G 7 40.14 6.05 23.31
N TYR G 8 39.80 5.45 22.18
CA TYR G 8 38.41 5.29 21.77
C TYR G 8 37.71 4.13 22.46
N ALA G 9 38.43 3.36 23.29
CA ALA G 9 37.82 2.20 23.92
C ALA G 9 36.55 2.52 24.71
N PRO G 10 36.47 3.61 25.48
CA PRO G 10 35.24 3.90 26.23
C PRO G 10 34.01 4.09 25.36
N PHE G 11 34.18 4.45 24.07
CA PHE G 11 33.02 4.63 23.21
C PHE G 11 32.12 3.41 23.26
N PHE G 12 32.66 2.25 22.90
CA PHE G 12 31.85 1.04 22.88
C PHE G 12 31.22 0.77 24.23
N GLY G 13 31.83 1.26 25.31
CA GLY G 13 31.22 1.16 26.60
C GLY G 13 30.05 2.10 26.74
N ALA G 14 30.30 3.40 26.51
CA ALA G 14 29.26 4.39 26.71
C ALA G 14 28.08 4.16 25.79
N ILE G 15 28.34 3.81 24.53
CA ILE G 15 27.25 3.50 23.60
C ILE G 15 26.63 2.15 23.91
N GLY G 16 27.33 1.26 24.62
CA GLY G 16 26.65 0.09 25.16
C GLY G 16 25.68 0.47 26.25
N CYS G 17 26.14 1.23 27.24
CA CYS G 17 25.27 1.70 28.31
C CYS G 17 24.03 2.37 27.75
N ALA G 18 24.21 3.24 26.76
CA ALA G 18 23.05 3.88 26.14
C ALA G 18 22.15 2.84 25.47
N SER G 19 22.73 1.95 24.67
CA SER G 19 21.91 1.02 23.91
C SER G 19 20.97 0.24 24.82
N ALA G 20 21.51 -0.33 25.89
CA ALA G 20 20.70 -1.15 26.78
C ALA G 20 19.45 -0.41 27.22
N ILE G 21 19.57 0.90 27.49
CA ILE G 21 18.42 1.63 27.99
C ILE G 21 17.61 2.20 26.85
N ILE G 22 18.23 2.46 25.70
CA ILE G 22 17.49 3.03 24.59
C ILE G 22 16.58 1.96 23.98
N PHE G 23 17.16 0.90 23.45
CA PHE G 23 16.38 -0.11 22.76
C PHE G 23 15.31 -0.70 23.66
N THR G 24 15.66 -1.10 24.88
CA THR G 24 14.65 -1.54 25.82
C THR G 24 13.56 -0.48 26.00
N SER G 25 13.96 0.77 26.28
CA SER G 25 12.96 1.82 26.45
C SER G 25 12.17 2.04 25.17
N LEU G 26 12.71 1.66 24.02
CA LEU G 26 11.88 1.63 22.82
C LEU G 26 10.92 0.46 22.87
N GLY G 27 11.43 -0.76 23.04
CA GLY G 27 10.55 -1.90 23.10
C GLY G 27 9.48 -1.74 24.15
N ALA G 28 9.88 -1.45 25.38
CA ALA G 28 8.91 -1.19 26.43
C ALA G 28 7.88 -0.16 25.98
N ALA G 29 8.34 0.96 25.39
CA ALA G 29 7.39 1.96 24.91
C ALA G 29 6.39 1.34 23.95
N TYR G 30 6.88 0.61 22.96
CA TYR G 30 5.97 -0.11 22.07
C TYR G 30 5.05 -1.03 22.87
N GLY G 31 5.62 -1.80 23.78
CA GLY G 31 4.80 -2.65 24.62
C GLY G 31 3.78 -1.85 25.42
N THR G 32 4.17 -0.66 25.88
CA THR G 32 3.23 0.17 26.61
C THR G 32 2.26 0.85 25.67
N ALA G 33 2.66 1.09 24.43
CA ALA G 33 1.78 1.78 23.49
C ALA G 33 0.72 0.86 22.94
N LYS G 34 1.14 -0.19 22.22
CA LYS G 34 0.17 -1.05 21.56
C LYS G 34 -0.75 -1.72 22.56
N SER G 35 -0.21 -2.19 23.68
CA SER G 35 -1.08 -2.67 24.75
C SER G 35 -1.92 -1.55 25.31
N GLY G 36 -1.31 -0.39 25.57
CA GLY G 36 -2.04 0.70 26.19
C GLY G 36 -3.30 1.05 25.42
N VAL G 37 -3.15 1.37 24.14
CA VAL G 37 -4.33 1.66 23.33
C VAL G 37 -5.31 0.51 23.40
N GLY G 38 -4.82 -0.73 23.28
CA GLY G 38 -5.70 -1.87 23.41
C GLY G 38 -6.52 -1.79 24.68
N ILE G 39 -5.86 -1.57 25.82
CA ILE G 39 -6.58 -1.47 27.07
C ILE G 39 -7.66 -0.40 26.96
N CYS G 40 -7.28 0.78 26.45
CA CYS G 40 -8.27 1.83 26.28
C CYS G 40 -9.42 1.34 25.43
N ALA G 41 -9.12 0.77 24.25
CA ALA G 41 -10.18 0.30 23.38
C ALA G 41 -11.06 -0.70 24.12
N THR G 42 -10.44 -1.53 24.96
CA THR G 42 -11.19 -2.54 25.70
C THR G 42 -11.94 -1.92 26.86
N CYS G 43 -11.35 -0.91 27.50
CA CYS G 43 -11.89 -0.42 28.76
C CYS G 43 -13.10 0.48 28.56
N VAL G 44 -13.36 0.91 27.32
CA VAL G 44 -14.52 1.77 27.07
C VAL G 44 -15.81 1.04 27.39
N LEU G 45 -15.91 -0.21 26.97
CA LEU G 45 -17.11 -1.02 27.19
C LEU G 45 -17.02 -1.85 28.47
N ARG G 46 -15.81 -2.22 28.88
CA ARG G 46 -15.60 -3.11 30.01
C ARG G 46 -14.65 -2.42 30.99
N PRO G 47 -15.09 -1.36 31.64
CA PRO G 47 -14.20 -0.66 32.59
C PRO G 47 -13.77 -1.52 33.75
N ASP G 48 -14.51 -2.58 34.07
CA ASP G 48 -14.07 -3.50 35.10
C ASP G 48 -12.79 -4.21 34.70
N LEU G 49 -12.65 -4.54 33.41
CA LEU G 49 -11.42 -5.15 32.90
C LEU G 49 -10.38 -4.07 32.60
N LEU G 50 -9.97 -3.37 33.66
CA LEU G 50 -8.95 -2.33 33.57
C LEU G 50 -7.73 -2.73 34.39
N PHE G 51 -7.92 -3.14 35.64
CA PHE G 51 -6.81 -3.62 36.46
C PHE G 51 -6.53 -5.10 36.21
N LYS G 52 -7.28 -5.75 35.34
CA LYS G 52 -6.95 -7.10 34.90
C LYS G 52 -6.23 -7.08 33.57
N ASN G 53 -6.60 -6.14 32.69
CA ASN G 53 -6.01 -6.04 31.37
C ASN G 53 -4.71 -5.26 31.35
N ILE G 54 -4.30 -4.69 32.48
CA ILE G 54 -3.11 -3.85 32.50
C ILE G 54 -1.83 -4.65 32.66
N VAL G 55 -1.93 -5.97 32.77
CA VAL G 55 -0.74 -6.81 32.89
C VAL G 55 0.19 -6.64 31.69
N PRO G 56 -0.28 -6.67 30.45
CA PRO G 56 0.65 -6.48 29.32
C PRO G 56 1.44 -5.19 29.40
N VAL G 57 0.86 -4.14 29.98
CA VAL G 57 1.64 -2.93 30.23
C VAL G 57 2.70 -3.20 31.30
N ILE G 58 2.28 -3.78 32.42
CA ILE G 58 3.23 -4.06 33.50
C ILE G 58 4.46 -4.77 32.95
N MET G 59 4.25 -5.89 32.28
CA MET G 59 5.38 -6.66 31.77
C MET G 59 6.23 -5.84 30.81
N ALA G 60 5.59 -5.03 29.95
CA ALA G 60 6.37 -4.18 29.07
C ALA G 60 7.29 -3.29 29.90
N GLY G 61 6.77 -2.71 30.97
CA GLY G 61 7.62 -1.90 31.85
C GLY G 61 8.79 -2.69 32.37
N ILE G 62 8.57 -3.96 32.73
CA ILE G 62 9.66 -4.78 33.23
C ILE G 62 10.80 -4.83 32.23
N ILE G 63 10.46 -4.86 30.94
CA ILE G 63 11.49 -4.90 29.92
C ILE G 63 12.42 -3.71 30.08
N ALA G 64 11.85 -2.51 30.27
CA ALA G 64 12.69 -1.34 30.46
C ALA G 64 13.66 -1.53 31.61
N ILE G 65 13.20 -2.14 32.70
CA ILE G 65 14.09 -2.36 33.84
C ILE G 65 15.26 -3.23 33.43
N TYR G 66 15.01 -4.28 32.64
CA TYR G 66 16.10 -5.12 32.17
C TYR G 66 17.17 -4.28 31.51
N GLY G 67 16.76 -3.24 30.77
CA GLY G 67 17.74 -2.33 30.21
C GLY G 67 18.43 -1.51 31.29
N LEU G 68 17.63 -0.85 32.14
CA LEU G 68 18.20 0.03 33.14
C LEU G 68 19.26 -0.69 33.96
N VAL G 69 18.90 -1.85 34.51
CA VAL G 69 19.86 -2.63 35.28
C VAL G 69 21.18 -2.74 34.52
N VAL G 70 21.13 -3.27 33.30
CA VAL G 70 22.36 -3.45 32.55
C VAL G 70 23.04 -2.12 32.31
N SER G 71 22.27 -1.10 31.94
CA SER G 71 22.87 0.21 31.71
C SER G 71 23.61 0.69 32.94
N VAL G 72 23.09 0.37 34.13
CA VAL G 72 23.80 0.73 35.35
C VAL G 72 25.08 -0.09 35.49
N LEU G 73 24.98 -1.40 35.28
CA LEU G 73 26.14 -2.26 35.49
C LEU G 73 27.25 -1.95 34.49
N VAL G 74 26.89 -1.66 33.24
CA VAL G 74 27.90 -1.26 32.25
C VAL G 74 28.15 0.23 32.26
N CYS G 75 27.60 0.96 33.23
CA CYS G 75 27.92 2.37 33.43
C CYS G 75 28.96 2.56 34.51
N TYR G 76 28.97 1.68 35.51
CA TYR G 76 29.92 1.80 36.60
C TYR G 76 31.24 1.13 36.31
N SER G 77 31.35 0.39 35.21
CA SER G 77 32.61 -0.19 34.77
C SER G 77 33.30 0.65 33.70
N LEU G 78 32.81 1.84 33.41
CA LEU G 78 33.40 2.71 32.41
C LEU G 78 34.55 3.48 33.05
N GLY G 79 35.76 3.26 32.53
CA GLY G 79 36.91 4.05 32.88
C GLY G 79 37.48 4.73 31.65
N GLN G 80 38.24 5.81 31.88
CA GLN G 80 38.87 6.49 30.76
C GLN G 80 39.91 5.60 30.10
N LYS G 81 40.81 5.03 30.91
CA LYS G 81 41.84 4.12 30.42
C LYS G 81 41.39 2.69 30.71
N GLN G 82 40.44 2.22 29.90
CA GLN G 82 39.90 0.88 30.03
C GLN G 82 40.26 0.07 28.80
N ALA G 83 40.50 -1.22 28.99
CA ALA G 83 40.93 -2.08 27.90
C ALA G 83 39.87 -2.14 26.83
N LEU G 84 40.30 -2.34 25.59
CA LEU G 84 39.36 -2.50 24.49
C LEU G 84 38.52 -3.76 24.67
N TYR G 85 39.08 -4.78 25.31
CA TYR G 85 38.29 -5.97 25.64
C TYR G 85 37.10 -5.62 26.51
N THR G 86 37.33 -4.81 27.55
CA THR G 86 36.23 -4.39 28.42
C THR G 86 35.22 -3.55 27.64
N GLY G 87 35.70 -2.66 26.78
CA GLY G 87 34.79 -1.85 26.01
C GLY G 87 33.87 -2.69 25.14
N PHE G 88 34.42 -3.72 24.51
CA PHE G 88 33.59 -4.57 23.66
C PHE G 88 32.71 -5.52 24.46
N ILE G 89 33.15 -5.93 25.64
CA ILE G 89 32.25 -6.67 26.53
C ILE G 89 31.04 -5.81 26.89
N GLN G 90 31.28 -4.55 27.23
CA GLN G 90 30.17 -3.67 27.57
C GLN G 90 29.27 -3.41 26.37
N LEU G 91 29.86 -3.23 25.18
CA LEU G 91 29.04 -3.04 23.99
C LEU G 91 28.21 -4.30 23.71
N GLY G 92 28.82 -5.47 23.85
CA GLY G 92 28.07 -6.70 23.61
C GLY G 92 26.94 -6.88 24.60
N ALA G 93 27.19 -6.62 25.87
CA ALA G 93 26.13 -6.71 26.88
C ALA G 93 25.01 -5.74 26.57
N GLY G 94 25.36 -4.48 26.29
CA GLY G 94 24.34 -3.49 26.00
C GLY G 94 23.54 -3.83 24.76
N LEU G 95 24.21 -4.25 23.70
CA LEU G 95 23.51 -4.60 22.47
C LEU G 95 22.64 -5.83 22.65
N SER G 96 23.12 -6.84 23.36
CA SER G 96 22.31 -8.03 23.58
C SER G 96 21.06 -7.69 24.38
N VAL G 97 21.22 -6.99 25.50
CA VAL G 97 20.04 -6.67 26.31
C VAL G 97 19.11 -5.76 25.54
N GLY G 98 19.65 -4.77 24.83
CA GLY G 98 18.83 -3.86 24.07
C GLY G 98 18.02 -4.54 22.99
N LEU G 99 18.66 -5.39 22.19
CA LEU G 99 17.95 -6.06 21.12
C LEU G 99 16.94 -7.07 21.67
N SER G 100 17.33 -7.84 22.69
CA SER G 100 16.42 -8.80 23.28
C SER G 100 15.21 -8.11 23.88
N GLY G 101 15.43 -7.02 24.62
CA GLY G 101 14.33 -6.29 25.22
C GLY G 101 13.48 -5.55 24.21
N LEU G 102 14.09 -5.09 23.12
CA LEU G 102 13.32 -4.48 22.05
C LEU G 102 12.36 -5.48 21.44
N ALA G 103 12.86 -6.67 21.11
CA ALA G 103 12.00 -7.72 20.57
C ALA G 103 10.94 -8.14 21.58
N ALA G 104 11.33 -8.31 22.85
CA ALA G 104 10.37 -8.73 23.85
C ALA G 104 9.30 -7.67 24.05
N GLY G 105 9.66 -6.39 24.03
CA GLY G 105 8.68 -5.34 24.17
C GLY G 105 7.73 -5.27 22.98
N PHE G 106 8.26 -5.45 21.78
CA PHE G 106 7.39 -5.47 20.60
C PHE G 106 6.41 -6.64 20.68
N ALA G 107 6.91 -7.82 21.04
CA ALA G 107 6.05 -8.99 21.13
C ALA G 107 5.01 -8.83 22.24
N ILE G 108 5.43 -8.28 23.38
CA ILE G 108 4.49 -8.04 24.47
C ILE G 108 3.43 -7.04 24.03
N GLY G 109 3.83 -5.99 23.31
CA GLY G 109 2.84 -5.04 22.84
C GLY G 109 1.82 -5.69 21.93
N ILE G 110 2.27 -6.46 20.95
CA ILE G 110 1.34 -7.06 20.01
C ILE G 110 0.45 -8.08 20.70
N VAL G 111 1.04 -8.97 21.51
CA VAL G 111 0.25 -10.00 22.17
C VAL G 111 -0.71 -9.39 23.18
N GLY G 112 -0.28 -8.34 23.89
CA GLY G 112 -1.18 -7.69 24.83
C GLY G 112 -2.31 -6.96 24.14
N ASP G 113 -2.02 -6.32 23.01
CA ASP G 113 -3.09 -5.67 22.26
C ASP G 113 -4.11 -6.69 21.79
N ALA G 114 -3.65 -7.87 21.36
CA ALA G 114 -4.58 -8.93 20.99
C ALA G 114 -5.32 -9.47 22.21
N GLY G 115 -4.62 -9.63 23.33
CA GLY G 115 -5.17 -10.37 24.44
C GLY G 115 -6.14 -9.56 25.28
N VAL G 116 -5.89 -8.26 25.43
CA VAL G 116 -6.81 -7.43 26.17
C VAL G 116 -8.16 -7.35 25.47
N ARG G 117 -8.19 -7.60 24.17
CA ARG G 117 -9.46 -7.64 23.43
C ARG G 117 -10.06 -9.05 23.49
N GLY G 118 -9.24 -10.07 23.23
CA GLY G 118 -9.74 -11.43 23.28
C GLY G 118 -10.30 -11.80 24.65
N SER G 119 -9.69 -11.29 25.71
CA SER G 119 -10.16 -11.58 27.06
C SER G 119 -11.52 -10.97 27.32
N SER G 120 -11.82 -9.80 26.75
CA SER G 120 -13.11 -9.18 26.92
C SER G 120 -14.19 -9.82 26.05
N GLN G 121 -13.85 -10.25 24.85
CA GLN G 121 -14.81 -11.04 24.08
C GLN G 121 -14.89 -12.48 24.57
N GLN G 122 -13.80 -13.00 25.14
CA GLN G 122 -13.74 -14.38 25.61
C GLN G 122 -12.89 -14.40 26.88
N PRO G 123 -13.52 -14.42 28.06
CA PRO G 123 -12.72 -14.37 29.29
C PRO G 123 -11.71 -15.50 29.41
N ARG G 124 -12.02 -16.69 28.90
CA ARG G 124 -11.12 -17.82 29.05
C ARG G 124 -9.78 -17.58 28.37
N LEU G 125 -9.66 -16.54 27.53
CA LEU G 125 -8.39 -16.24 26.90
C LEU G 125 -7.43 -15.48 27.80
N PHE G 126 -7.93 -14.82 28.85
CA PHE G 126 -7.03 -14.02 29.67
C PHE G 126 -5.83 -14.84 30.13
N VAL G 127 -6.09 -15.98 30.75
CA VAL G 127 -5.00 -16.85 31.20
C VAL G 127 -4.08 -17.15 30.03
N GLY G 128 -4.66 -17.57 28.90
CA GLY G 128 -3.86 -17.79 27.72
C GLY G 128 -2.95 -16.61 27.42
N MET G 129 -3.56 -15.43 27.30
CA MET G 129 -2.76 -14.22 27.06
C MET G 129 -1.58 -14.19 28.02
N ILE G 130 -1.84 -14.31 29.31
CA ILE G 130 -0.77 -14.17 30.29
C ILE G 130 0.36 -15.13 29.97
N LEU G 131 0.02 -16.40 29.71
CA LEU G 131 1.07 -17.37 29.42
C LEU G 131 1.93 -16.88 28.26
N ILE G 132 1.29 -16.49 27.15
CA ILE G 132 2.06 -16.03 26.01
C ILE G 132 2.95 -14.87 26.42
N LEU G 133 2.38 -13.90 27.15
CA LEU G 133 3.19 -12.77 27.58
C LEU G 133 4.40 -13.24 28.37
N ILE G 134 4.20 -14.18 29.29
CA ILE G 134 5.33 -14.71 30.04
C ILE G 134 6.38 -15.26 29.08
N PHE G 135 5.94 -16.09 28.12
CA PHE G 135 6.88 -16.61 27.15
C PHE G 135 7.56 -15.50 26.38
N ALA G 136 6.82 -14.42 26.08
CA ALA G 136 7.42 -13.28 25.41
C ALA G 136 8.23 -12.44 26.38
N GLU G 137 7.84 -12.41 27.65
CA GLU G 137 8.52 -11.54 28.61
C GLU G 137 9.88 -12.09 29.01
N VAL G 138 9.97 -13.40 29.29
CA VAL G 138 11.25 -13.98 29.67
C VAL G 138 12.26 -13.95 28.55
N LEU G 139 11.83 -13.72 27.30
CA LEU G 139 12.79 -13.45 26.25
C LEU G 139 13.69 -12.29 26.63
N GLY G 140 13.10 -11.21 27.15
CA GLY G 140 13.92 -10.12 27.64
C GLY G 140 14.91 -10.59 28.70
N LEU G 141 14.48 -11.50 29.57
CA LEU G 141 15.40 -12.06 30.56
C LEU G 141 16.57 -12.75 29.88
N TYR G 142 16.32 -13.46 28.78
CA TYR G 142 17.43 -14.10 28.08
C TYR G 142 18.45 -13.08 27.62
N GLY G 143 17.99 -11.88 27.27
CA GLY G 143 18.93 -10.81 26.98
C GLY G 143 19.69 -10.36 28.21
N LEU G 144 18.98 -10.21 29.33
CA LEU G 144 19.63 -9.76 30.56
C LEU G 144 20.67 -10.78 31.02
N ILE G 145 20.27 -12.06 31.12
CA ILE G 145 21.17 -13.07 31.64
C ILE G 145 22.51 -13.00 30.93
N VAL G 146 22.51 -13.20 29.62
CA VAL G 146 23.77 -13.12 28.88
C VAL G 146 24.40 -11.74 29.08
N ALA G 147 23.61 -10.68 28.97
CA ALA G 147 24.15 -9.34 29.18
C ALA G 147 24.84 -9.24 30.52
N LEU G 148 24.26 -9.85 31.56
CA LEU G 148 24.95 -9.90 32.85
C LEU G 148 26.20 -10.75 32.76
N LEU G 149 26.06 -11.98 32.26
CA LEU G 149 27.20 -12.88 32.21
C LEU G 149 28.34 -12.25 31.43
N LEU G 150 28.06 -11.79 30.22
CA LEU G 150 29.06 -11.07 29.44
C LEU G 150 29.65 -9.93 30.27
N ASN G 151 28.79 -9.12 30.88
CA ASN G 151 29.27 -7.98 31.64
C ASN G 151 30.04 -8.42 32.88
N SER G 152 29.81 -9.64 33.36
CA SER G 152 30.59 -10.14 34.49
C SER G 152 32.06 -10.30 34.11
N ARG G 153 32.34 -10.50 32.82
CA ARG G 153 33.72 -10.73 32.40
C ARG G 153 34.52 -9.43 32.34
N ALA G 154 33.88 -8.33 31.98
CA ALA G 154 34.60 -7.06 31.87
C ALA G 154 35.29 -6.72 33.18
N THR G 155 36.34 -5.90 33.09
CA THR G 155 37.11 -5.46 34.24
C THR G 155 37.42 -6.61 35.19
N GLN G 156 37.68 -7.79 34.64
CA GLN G 156 38.07 -8.95 35.43
C GLN G 156 39.26 -9.62 34.76
N ASP G 157 40.37 -9.71 35.49
CA ASP G 157 41.59 -10.34 34.99
C ASP G 157 42.04 -9.69 33.68
N VAL G 158 41.86 -8.37 33.58
CA VAL G 158 42.17 -7.62 32.37
C VAL G 158 43.16 -6.52 32.72
N VAL G 159 44.23 -6.42 31.93
CA VAL G 159 45.28 -5.45 32.16
C VAL G 159 45.37 -4.52 30.96
N THR H 2 46.54 16.64 23.47
CA THR H 2 46.98 15.48 24.23
C THR H 2 46.40 14.22 23.59
N GLU H 3 47.02 13.07 23.85
CA GLU H 3 46.53 11.82 23.29
C GLU H 3 45.15 11.48 23.85
N LEU H 4 44.97 11.62 25.16
CA LEU H 4 43.68 11.31 25.77
C LEU H 4 42.64 12.38 25.52
N CYS H 5 43.06 13.64 25.40
CA CYS H 5 42.15 14.78 25.24
C CYS H 5 42.33 15.40 23.86
N PRO H 6 41.88 14.73 22.81
CA PRO H 6 42.05 15.27 21.46
C PRO H 6 41.17 16.49 21.23
N VAL H 7 41.49 17.21 20.15
CA VAL H 7 40.76 18.44 19.84
C VAL H 7 39.32 18.15 19.45
N TYR H 8 39.06 16.98 18.87
CA TYR H 8 37.71 16.60 18.49
C TYR H 8 36.91 16.03 19.66
N ALA H 9 37.51 15.92 20.83
CA ALA H 9 36.79 15.41 22.00
C ALA H 9 35.53 16.20 22.31
N PRO H 10 35.56 17.55 22.40
CA PRO H 10 34.33 18.28 22.70
C PRO H 10 33.25 18.11 21.65
N PHE H 11 33.56 17.57 20.47
CA PHE H 11 32.52 17.35 19.47
C PHE H 11 31.44 16.42 20.00
N PHE H 12 31.85 15.31 20.60
CA PHE H 12 30.87 14.35 21.09
C PHE H 12 30.12 14.91 22.29
N GLY H 13 30.78 15.73 23.11
CA GLY H 13 30.05 16.40 24.18
C GLY H 13 28.98 17.34 23.65
N ALA H 14 29.33 18.13 22.63
CA ALA H 14 28.37 19.05 22.04
C ALA H 14 27.22 18.29 21.40
N ILE H 15 27.52 17.19 20.71
CA ILE H 15 26.47 16.40 20.08
C ILE H 15 25.59 15.73 21.12
N GLY H 16 26.17 15.26 22.22
CA GLY H 16 25.35 14.71 23.29
C GLY H 16 24.44 15.76 23.91
N CYS H 17 24.97 16.96 24.15
CA CYS H 17 24.16 18.05 24.66
C CYS H 17 23.02 18.35 23.69
N ALA H 18 23.33 18.45 22.40
CA ALA H 18 22.31 18.74 21.41
C ALA H 18 21.26 17.65 21.37
N SER H 19 21.68 16.39 21.39
CA SER H 19 20.74 15.28 21.28
C SER H 19 19.84 15.18 22.51
N ALA H 20 20.40 15.39 23.70
CA ALA H 20 19.60 15.28 24.92
C ALA H 20 18.34 16.12 24.82
N ILE H 21 18.45 17.31 24.22
CA ILE H 21 17.29 18.18 24.10
C ILE H 21 16.55 17.93 22.79
N ILE H 22 17.26 17.62 21.71
CA ILE H 22 16.62 17.46 20.41
C ILE H 22 15.66 16.28 20.45
N PHE H 23 16.13 15.13 20.91
CA PHE H 23 15.30 13.93 20.87
C PHE H 23 14.21 13.95 21.94
N THR H 24 14.51 14.51 23.12
CA THR H 24 13.47 14.69 24.11
C THR H 24 12.40 15.68 23.64
N SER H 25 12.80 16.71 22.89
CA SER H 25 11.81 17.63 22.35
C SER H 25 11.02 17.00 21.21
N LEU H 26 11.64 16.11 20.44
CA LEU H 26 10.88 15.35 19.45
C LEU H 26 9.85 14.45 20.13
N GLY H 27 10.28 13.74 21.17
CA GLY H 27 9.33 12.90 21.89
C GLY H 27 8.22 13.68 22.54
N ALA H 28 8.57 14.81 23.18
CA ALA H 28 7.56 15.66 23.78
C ALA H 28 6.66 16.30 22.74
N ALA H 29 7.20 16.63 21.56
CA ALA H 29 6.38 17.19 20.51
C ALA H 29 5.38 16.16 19.99
N TYR H 30 5.83 14.91 19.83
CA TYR H 30 4.89 13.87 19.42
C TYR H 30 3.84 13.63 20.50
N GLY H 31 4.26 13.57 21.76
CA GLY H 31 3.31 13.35 22.84
C GLY H 31 2.32 14.50 22.98
N THR H 32 2.77 15.72 22.71
CA THR H 32 1.87 16.87 22.75
C THR H 32 0.96 16.89 21.54
N ALA H 33 1.47 16.56 20.35
CA ALA H 33 0.65 16.61 19.14
C ALA H 33 -0.46 15.56 19.18
N LYS H 34 -0.10 14.31 19.46
CA LYS H 34 -1.12 13.26 19.50
C LYS H 34 -2.14 13.54 20.60
N SER H 35 -1.65 13.86 21.80
CA SER H 35 -2.55 14.13 22.91
C SER H 35 -3.40 15.36 22.63
N GLY H 36 -2.86 16.34 21.92
CA GLY H 36 -3.61 17.55 21.64
C GLY H 36 -4.70 17.33 20.60
N VAL H 37 -4.40 16.55 19.56
CA VAL H 37 -5.44 16.23 18.59
C VAL H 37 -6.54 15.43 19.28
N GLY H 38 -6.16 14.49 20.15
CA GLY H 38 -7.18 13.75 20.91
C GLY H 38 -8.02 14.66 21.79
N ILE H 39 -7.35 15.56 22.52
CA ILE H 39 -8.05 16.45 23.44
C ILE H 39 -9.00 17.37 22.69
N CYS H 40 -8.53 17.96 21.60
CA CYS H 40 -9.39 18.83 20.80
C CYS H 40 -10.52 18.08 20.13
N ALA H 41 -10.31 16.80 19.80
CA ALA H 41 -11.39 16.00 19.24
C ALA H 41 -12.45 15.70 20.28
N THR H 42 -12.03 15.41 21.51
CA THR H 42 -12.99 15.04 22.55
C THR H 42 -13.56 16.25 23.28
N CYS H 43 -12.75 17.27 23.53
CA CYS H 43 -13.24 18.43 24.27
C CYS H 43 -14.20 19.27 23.46
N VAL H 44 -14.36 19.00 22.16
CA VAL H 44 -15.42 19.64 21.41
C VAL H 44 -16.78 19.17 21.91
N LEU H 45 -16.92 17.87 22.16
CA LEU H 45 -18.19 17.32 22.60
C LEU H 45 -18.42 17.57 24.09
N ARG H 46 -17.44 17.24 24.92
CA ARG H 46 -17.54 17.37 26.37
C ARG H 46 -16.35 18.17 26.87
N PRO H 47 -16.40 19.50 26.74
CA PRO H 47 -15.23 20.33 27.07
C PRO H 47 -14.87 20.35 28.55
N ASP H 48 -15.78 19.98 29.46
CA ASP H 48 -15.46 20.03 30.88
C ASP H 48 -14.29 19.11 31.21
N LEU H 49 -13.98 18.15 30.34
CA LEU H 49 -12.85 17.26 30.56
C LEU H 49 -11.52 17.89 30.21
N LEU H 50 -11.50 19.17 29.83
CA LEU H 50 -10.29 19.78 29.32
C LEU H 50 -9.13 19.63 30.29
N PHE H 51 -9.22 20.30 31.44
CA PHE H 51 -8.15 20.21 32.43
C PHE H 51 -8.06 18.84 33.06
N LYS H 52 -8.88 17.90 32.63
CA LYS H 52 -8.77 16.51 33.05
C LYS H 52 -8.02 15.70 32.00
N ASN H 53 -8.19 16.06 30.72
CA ASN H 53 -7.55 15.35 29.62
C ASN H 53 -6.18 15.91 29.28
N ILE H 54 -5.70 16.90 30.02
CA ILE H 54 -4.44 17.55 29.68
C ILE H 54 -3.24 16.80 30.26
N VAL H 55 -3.47 15.71 30.98
CA VAL H 55 -2.37 15.00 31.64
C VAL H 55 -1.34 14.50 30.65
N PRO H 56 -1.70 13.84 29.55
CA PRO H 56 -0.66 13.37 28.62
C PRO H 56 0.22 14.49 28.09
N VAL H 57 -0.35 15.68 27.86
CA VAL H 57 0.45 16.81 27.41
C VAL H 57 1.45 17.21 28.48
N ILE H 58 1.02 17.24 29.74
CA ILE H 58 1.93 17.59 30.83
C ILE H 58 3.05 16.57 30.94
N MET H 59 2.73 15.28 30.76
CA MET H 59 3.76 14.26 30.89
C MET H 59 4.75 14.29 29.73
N ALA H 60 4.25 14.55 28.52
CA ALA H 60 5.15 14.77 27.40
C ALA H 60 6.06 15.96 27.66
N GLY H 61 5.52 17.02 28.28
CA GLY H 61 6.36 18.15 28.66
C GLY H 61 7.40 17.79 29.70
N ILE H 62 7.05 16.88 30.62
CA ILE H 62 8.02 16.41 31.60
C ILE H 62 9.16 15.68 30.91
N ILE H 63 8.87 14.96 29.83
CA ILE H 63 9.93 14.34 29.05
C ILE H 63 10.91 15.40 28.55
N ALA H 64 10.39 16.48 27.98
CA ALA H 64 11.25 17.55 27.51
C ALA H 64 12.03 18.19 28.65
N ILE H 65 11.45 18.25 29.84
CA ILE H 65 12.17 18.77 31.00
C ILE H 65 13.34 17.85 31.36
N TYR H 66 13.12 16.54 31.30
CA TYR H 66 14.24 15.62 31.49
C TYR H 66 15.36 15.91 30.51
N GLY H 67 15.00 16.03 29.24
CA GLY H 67 16.01 16.35 28.23
C GLY H 67 16.73 17.64 28.51
N LEU H 68 16.00 18.69 28.91
CA LEU H 68 16.63 19.96 29.22
C LEU H 68 17.60 19.83 30.39
N VAL H 69 17.20 19.08 31.42
CA VAL H 69 18.08 18.92 32.57
C VAL H 69 19.38 18.25 32.14
N VAL H 70 19.27 17.17 31.37
CA VAL H 70 20.48 16.46 30.96
C VAL H 70 21.34 17.33 30.06
N SER H 71 20.71 18.07 29.14
CA SER H 71 21.49 18.92 28.24
C SER H 71 22.20 20.02 29.00
N VAL H 72 21.56 20.61 29.99
CA VAL H 72 22.22 21.65 30.79
C VAL H 72 23.40 21.06 31.56
N LEU H 73 23.19 19.90 32.17
CA LEU H 73 24.28 19.28 32.92
C LEU H 73 25.45 18.93 32.02
N VAL H 74 25.17 18.43 30.81
CA VAL H 74 26.23 18.13 29.86
C VAL H 74 26.93 19.41 29.42
N CYS H 75 26.15 20.45 29.11
CA CYS H 75 26.71 21.71 28.63
C CYS H 75 27.66 22.31 29.64
N TYR H 76 27.37 22.15 30.92
CA TYR H 76 28.23 22.77 31.91
C TYR H 76 29.48 21.94 32.21
N SER H 77 29.67 20.80 31.56
CA SER H 77 30.89 20.02 31.70
C SER H 77 31.67 19.95 30.39
N LEU H 78 31.30 20.75 29.40
CA LEU H 78 32.04 20.81 28.15
C LEU H 78 33.26 21.70 28.30
N GLY H 79 34.39 21.24 27.80
CA GLY H 79 35.61 22.02 27.83
C GLY H 79 36.38 21.83 26.54
N GLN H 80 37.27 22.77 26.27
CA GLN H 80 38.12 22.66 25.10
C GLN H 80 39.19 21.58 25.31
N LYS H 81 39.74 21.49 26.51
CA LYS H 81 40.65 20.43 26.89
C LYS H 81 39.92 19.20 27.41
N GLN H 82 38.65 19.05 27.07
CA GLN H 82 37.87 17.91 27.51
C GLN H 82 38.48 16.62 27.00
N ALA H 83 38.46 15.60 27.85
CA ALA H 83 38.95 14.28 27.45
C ALA H 83 37.99 13.64 26.47
N LEU H 84 38.52 12.73 25.64
CA LEU H 84 37.64 12.00 24.72
C LEU H 84 36.71 11.08 25.49
N TYR H 85 37.16 10.56 26.64
CA TYR H 85 36.29 9.74 27.47
C TYR H 85 35.10 10.54 27.97
N THR H 86 35.36 11.79 28.39
CA THR H 86 34.26 12.65 28.81
C THR H 86 33.33 12.93 27.64
N GLY H 87 33.87 13.12 26.44
CA GLY H 87 33.04 13.30 25.28
C GLY H 87 32.14 12.11 25.01
N PHE H 88 32.70 10.91 25.11
CA PHE H 88 31.90 9.70 24.91
C PHE H 88 30.85 9.55 26.00
N ILE H 89 31.19 9.89 27.24
CA ILE H 89 30.21 9.79 28.32
C ILE H 89 29.08 10.78 28.10
N GLN H 90 29.39 12.00 27.66
CA GLN H 90 28.35 12.97 27.40
C GLN H 90 27.49 12.57 26.20
N LEU H 91 28.10 11.99 25.17
CA LEU H 91 27.33 11.47 24.06
C LEU H 91 26.41 10.34 24.53
N GLY H 92 26.92 9.44 25.36
CA GLY H 92 26.11 8.37 25.86
C GLY H 92 24.95 8.86 26.70
N ALA H 93 25.21 9.85 27.56
CA ALA H 93 24.13 10.41 28.38
C ALA H 93 23.09 11.12 27.52
N GLY H 94 23.56 11.90 26.54
CA GLY H 94 22.62 12.58 25.67
C GLY H 94 21.78 11.62 24.87
N LEU H 95 22.40 10.60 24.26
CA LEU H 95 21.63 9.60 23.53
C LEU H 95 20.69 8.85 24.44
N SER H 96 21.14 8.46 25.64
CA SER H 96 20.26 7.79 26.58
C SER H 96 19.02 8.62 26.85
N VAL H 97 19.20 9.82 27.40
CA VAL H 97 18.03 10.62 27.75
C VAL H 97 17.20 10.92 26.53
N GLY H 98 17.82 11.32 25.42
CA GLY H 98 17.09 11.71 24.24
C GLY H 98 16.27 10.61 23.60
N LEU H 99 16.88 9.45 23.34
CA LEU H 99 16.14 8.39 22.67
C LEU H 99 15.20 7.65 23.63
N SER H 100 15.56 7.51 24.90
CA SER H 100 14.61 6.98 25.86
C SER H 100 13.40 7.91 26.01
N GLY H 101 13.61 9.23 26.03
CA GLY H 101 12.49 10.15 26.06
C GLY H 101 11.72 10.20 24.75
N LEU H 102 12.39 9.92 23.63
CA LEU H 102 11.67 9.78 22.38
C LEU H 102 10.71 8.59 22.43
N ALA H 103 11.18 7.46 22.94
CA ALA H 103 10.31 6.30 23.13
C ALA H 103 9.19 6.61 24.10
N ALA H 104 9.53 7.31 25.19
CA ALA H 104 8.52 7.70 26.17
C ALA H 104 7.48 8.64 25.59
N GLY H 105 7.88 9.55 24.71
CA GLY H 105 6.94 10.47 24.10
C GLY H 105 6.10 9.82 23.03
N PHE H 106 6.64 8.81 22.36
CA PHE H 106 5.81 7.98 21.48
C PHE H 106 4.73 7.27 22.28
N ALA H 107 5.14 6.57 23.34
CA ALA H 107 4.16 5.85 24.15
C ALA H 107 3.15 6.80 24.77
N ILE H 108 3.62 7.92 25.32
CA ILE H 108 2.72 8.87 25.95
C ILE H 108 1.77 9.46 24.93
N GLY H 109 2.29 9.81 23.75
CA GLY H 109 1.42 10.37 22.73
C GLY H 109 0.32 9.43 22.33
N ILE H 110 0.67 8.17 22.02
CA ILE H 110 -0.33 7.21 21.57
C ILE H 110 -1.32 6.91 22.68
N VAL H 111 -0.83 6.63 23.88
CA VAL H 111 -1.72 6.28 24.98
C VAL H 111 -2.58 7.46 25.38
N GLY H 112 -2.04 8.68 25.33
CA GLY H 112 -2.84 9.84 25.67
C GLY H 112 -3.93 10.10 24.65
N ASP H 113 -3.62 9.96 23.37
CA ASP H 113 -4.66 10.08 22.36
C ASP H 113 -5.76 9.06 22.62
N ALA H 114 -5.38 7.79 22.79
CA ALA H 114 -6.38 6.75 23.00
C ALA H 114 -7.18 7.00 24.28
N GLY H 115 -6.51 7.42 25.35
CA GLY H 115 -7.18 7.58 26.62
C GLY H 115 -8.08 8.80 26.70
N VAL H 116 -7.67 9.91 26.08
CA VAL H 116 -8.54 11.08 26.05
C VAL H 116 -9.70 10.84 25.12
N ARG H 117 -9.56 9.95 24.14
CA ARG H 117 -10.70 9.58 23.32
C ARG H 117 -11.62 8.60 24.06
N GLY H 118 -11.04 7.74 24.90
CA GLY H 118 -11.86 6.76 25.61
C GLY H 118 -12.50 7.30 26.86
N SER H 119 -11.96 8.38 27.42
CA SER H 119 -12.53 8.96 28.63
C SER H 119 -13.81 9.72 28.36
N SER H 120 -14.01 10.20 27.12
CA SER H 120 -15.31 10.75 26.75
C SER H 120 -16.39 9.67 26.85
N GLN H 121 -16.06 8.45 26.45
CA GLN H 121 -17.03 7.36 26.49
C GLN H 121 -17.08 6.66 27.84
N GLN H 122 -15.96 6.60 28.55
CA GLN H 122 -15.86 5.82 29.78
C GLN H 122 -15.03 6.58 30.79
N PRO H 123 -15.67 7.34 31.68
CA PRO H 123 -14.89 8.11 32.67
C PRO H 123 -14.04 7.24 33.56
N ARG H 124 -14.49 6.04 33.90
CA ARG H 124 -13.70 5.14 34.75
C ARG H 124 -12.37 4.78 34.11
N LEU H 125 -12.23 4.97 32.80
CA LEU H 125 -10.97 4.70 32.13
C LEU H 125 -9.89 5.73 32.45
N PHE H 126 -10.26 6.90 32.98
CA PHE H 126 -9.26 7.95 33.18
C PHE H 126 -8.09 7.43 33.99
N VAL H 127 -8.32 7.04 35.24
CA VAL H 127 -7.24 6.50 36.05
C VAL H 127 -6.49 5.42 35.27
N GLY H 128 -7.23 4.56 34.58
CA GLY H 128 -6.58 3.58 33.74
C GLY H 128 -5.47 4.17 32.90
N MET H 129 -5.83 5.09 31.99
CA MET H 129 -4.80 5.66 31.13
C MET H 129 -3.69 6.27 31.95
N ILE H 130 -4.02 6.90 33.08
CA ILE H 130 -2.99 7.54 33.88
C ILE H 130 -1.92 6.52 34.23
N LEU H 131 -2.33 5.36 34.74
CA LEU H 131 -1.35 4.32 35.04
C LEU H 131 -0.49 4.04 33.84
N ILE H 132 -1.12 3.77 32.70
CA ILE H 132 -0.35 3.47 31.49
C ILE H 132 0.58 4.64 31.18
N LEU H 133 0.07 5.87 31.27
CA LEU H 133 0.92 7.01 30.98
C LEU H 133 2.15 7.00 31.89
N ILE H 134 1.95 6.75 33.18
CA ILE H 134 3.08 6.69 34.09
C ILE H 134 4.07 5.63 33.62
N PHE H 135 3.57 4.46 33.25
CA PHE H 135 4.47 3.40 32.80
C PHE H 135 5.22 3.82 31.55
N ALA H 136 4.60 4.67 30.72
CA ALA H 136 5.33 5.24 29.60
C ALA H 136 6.30 6.31 30.07
N GLU H 137 5.85 7.17 30.99
CA GLU H 137 6.67 8.30 31.40
C GLU H 137 7.95 7.83 32.10
N VAL H 138 7.86 6.77 32.92
CA VAL H 138 9.06 6.26 33.56
C VAL H 138 10.07 5.77 32.53
N LEU H 139 9.63 5.36 31.34
CA LEU H 139 10.59 4.97 30.32
C LEU H 139 11.53 6.11 30.00
N GLY H 140 11.07 7.35 30.14
CA GLY H 140 11.93 8.49 30.01
C GLY H 140 12.74 8.71 31.27
N LEU H 141 12.12 8.50 32.42
CA LEU H 141 12.83 8.66 33.69
C LEU H 141 14.05 7.77 33.75
N TYR H 142 13.90 6.50 33.35
CA TYR H 142 15.06 5.63 33.26
C TYR H 142 16.14 6.25 32.37
N GLY H 143 15.75 6.77 31.20
CA GLY H 143 16.71 7.44 30.36
C GLY H 143 17.39 8.58 31.08
N LEU H 144 16.64 9.33 31.89
CA LEU H 144 17.25 10.37 32.71
C LEU H 144 18.24 9.76 33.69
N ILE H 145 17.86 8.67 34.36
CA ILE H 145 18.71 8.10 35.39
C ILE H 145 20.06 7.71 34.80
N VAL H 146 20.04 6.96 33.70
CA VAL H 146 21.28 6.58 33.04
C VAL H 146 22.04 7.81 32.60
N ALA H 147 21.32 8.83 32.12
CA ALA H 147 22.00 10.05 31.71
C ALA H 147 22.65 10.74 32.90
N LEU H 148 22.03 10.65 34.08
CA LEU H 148 22.63 11.26 35.26
C LEU H 148 23.79 10.44 35.80
N LEU H 149 23.66 9.10 35.77
CA LEU H 149 24.77 8.26 36.20
C LEU H 149 25.97 8.42 35.28
N LEU H 150 25.75 8.26 33.97
CA LEU H 150 26.82 8.45 33.01
C LEU H 150 27.45 9.82 33.19
N ASN H 151 26.63 10.87 33.20
CA ASN H 151 27.14 12.22 33.34
C ASN H 151 27.84 12.44 34.67
N SER H 152 27.56 11.62 35.69
CA SER H 152 28.30 11.75 36.94
C SER H 152 29.71 11.18 36.81
N ARG H 153 29.91 10.21 35.92
CA ARG H 153 31.21 9.63 35.68
C ARG H 153 32.01 10.38 34.62
N ALA H 154 31.42 11.39 34.00
CA ALA H 154 32.07 12.04 32.86
C ALA H 154 33.39 12.67 33.25
N THR H 155 33.44 13.36 34.38
CA THR H 155 34.64 14.04 34.83
C THR H 155 35.30 13.38 36.04
N GLN H 156 34.83 12.22 36.47
CA GLN H 156 35.41 11.54 37.61
C GLN H 156 36.66 10.78 37.21
N ASP H 157 37.76 11.07 37.89
CA ASP H 157 39.03 10.37 37.67
C ASP H 157 39.38 10.34 36.19
N VAL H 158 39.51 11.54 35.63
CA VAL H 158 39.80 11.71 34.21
C VAL H 158 41.01 12.63 34.09
N VAL H 159 41.97 12.24 33.26
CA VAL H 159 43.20 13.01 33.10
C VAL H 159 43.41 13.35 31.63
N THR I 2 47.42 26.65 16.00
CA THR I 2 46.46 26.26 14.99
C THR I 2 46.15 24.77 15.07
N GLU I 3 46.37 24.17 16.25
CA GLU I 3 45.93 22.81 16.52
C GLU I 3 44.53 22.80 17.12
N LEU I 4 44.32 23.61 18.16
CA LEU I 4 42.99 23.78 18.72
C LEU I 4 42.13 24.71 17.88
N CYS I 5 42.72 25.41 16.92
CA CYS I 5 42.00 26.37 16.10
C CYS I 5 42.26 26.10 14.62
N PRO I 6 41.91 24.92 14.13
CA PRO I 6 42.21 24.57 12.73
C PRO I 6 41.39 25.40 11.76
N VAL I 7 41.85 25.41 10.51
CA VAL I 7 41.21 26.24 9.50
C VAL I 7 39.78 25.81 9.21
N TYR I 8 39.43 24.55 9.47
CA TYR I 8 38.06 24.10 9.24
C TYR I 8 37.16 24.32 10.44
N ALA I 9 37.69 24.85 11.55
CA ALA I 9 36.85 25.08 12.71
C ALA I 9 35.68 26.02 12.45
N PRO I 10 35.84 27.13 11.71
CA PRO I 10 34.67 27.98 11.44
C PRO I 10 33.59 27.29 10.63
N PHE I 11 33.88 26.16 9.98
CA PHE I 11 32.83 25.47 9.23
C PHE I 11 31.69 25.04 10.14
N PHE I 12 32.02 24.44 11.28
CA PHE I 12 30.98 24.00 12.20
C PHE I 12 30.21 25.18 12.78
N GLY I 13 30.89 26.30 13.04
CA GLY I 13 30.19 27.48 13.51
C GLY I 13 29.24 28.02 12.46
N ALA I 14 29.67 28.06 11.20
CA ALA I 14 28.81 28.54 10.13
C ALA I 14 27.64 27.60 9.90
N ILE I 15 27.86 26.29 10.01
CA ILE I 15 26.76 25.34 9.89
C ILE I 15 25.81 25.48 11.07
N GLY I 16 26.31 25.77 12.27
CA GLY I 16 25.42 26.01 13.39
C GLY I 16 24.59 27.26 13.20
N CYS I 17 25.22 28.33 12.71
CA CYS I 17 24.48 29.55 12.41
C CYS I 17 23.41 29.29 11.35
N ALA I 18 23.76 28.53 10.31
CA ALA I 18 22.79 28.20 9.28
C ALA I 18 21.67 27.33 9.84
N SER I 19 22.00 26.36 10.68
CA SER I 19 21.00 25.41 11.17
C SER I 19 20.02 26.09 12.12
N ALA I 20 20.52 26.94 13.02
CA ALA I 20 19.65 27.56 14.00
C ALA I 20 18.50 28.30 13.34
N ILE I 21 18.71 28.84 12.15
CA ILE I 21 17.65 29.50 11.42
C ILE I 21 16.95 28.56 10.44
N ILE I 22 17.68 27.68 9.75
CA ILE I 22 17.06 26.79 8.77
C ILE I 22 16.01 25.92 9.44
N PHE I 23 16.39 25.25 10.52
CA PHE I 23 15.48 24.29 11.15
C PHE I 23 14.39 24.98 11.95
N THR I 24 14.70 26.08 12.63
CA THR I 24 13.64 26.84 13.29
C THR I 24 12.65 27.37 12.28
N SER I 25 13.11 27.80 11.10
CA SER I 25 12.20 28.28 10.08
C SER I 25 11.42 27.14 9.44
N LEU I 26 12.02 25.95 9.31
CA LEU I 26 11.26 24.81 8.84
C LEU I 26 10.15 24.45 9.81
N GLY I 27 10.45 24.44 11.10
CA GLY I 27 9.43 24.18 12.11
C GLY I 27 8.35 25.23 12.14
N ALA I 28 8.76 26.51 12.12
CA ALA I 28 7.79 27.59 12.11
C ALA I 28 6.99 27.59 10.82
N ALA I 29 7.58 27.15 9.71
CA ALA I 29 6.85 27.08 8.45
C ALA I 29 5.84 25.96 8.47
N TYR I 30 6.19 24.81 9.04
CA TYR I 30 5.21 23.74 9.20
C TYR I 30 4.06 24.20 10.10
N GLY I 31 4.40 24.82 11.24
CA GLY I 31 3.36 25.32 12.11
C GLY I 31 2.47 26.35 11.43
N THR I 32 3.08 27.31 10.75
CA THR I 32 2.31 28.34 10.07
C THR I 32 1.44 27.77 8.98
N ALA I 33 1.97 26.84 8.19
CA ALA I 33 1.21 26.27 7.08
C ALA I 33 0.03 25.46 7.60
N LYS I 34 0.26 24.57 8.56
CA LYS I 34 -0.83 23.74 9.04
C LYS I 34 -1.87 24.57 9.78
N SER I 35 -1.42 25.47 10.66
CA SER I 35 -2.36 26.34 11.34
C SER I 35 -3.08 27.26 10.36
N GLY I 36 -2.43 27.62 9.25
CA GLY I 36 -3.06 28.50 8.29
C GLY I 36 -4.14 27.79 7.50
N VAL I 37 -3.88 26.54 7.10
CA VAL I 37 -4.96 25.79 6.45
C VAL I 37 -6.10 25.59 7.44
N GLY I 38 -5.80 25.32 8.71
CA GLY I 38 -6.86 25.21 9.69
C GLY I 38 -7.66 26.49 9.84
N ILE I 39 -6.97 27.63 9.91
CA ILE I 39 -7.65 28.91 10.10
C ILE I 39 -8.51 29.23 8.88
N CYS I 40 -7.96 29.05 7.68
CA CYS I 40 -8.71 29.34 6.47
C CYS I 40 -9.87 28.38 6.27
N ALA I 41 -9.78 27.15 6.80
CA ALA I 41 -10.90 26.24 6.73
C ALA I 41 -12.00 26.64 7.71
N THR I 42 -11.61 26.98 8.94
CA THR I 42 -12.60 27.29 9.97
C THR I 42 -13.19 28.68 9.77
N CYS I 43 -12.36 29.64 9.37
CA CYS I 43 -12.78 31.04 9.33
C CYS I 43 -13.65 31.37 8.13
N VAL I 44 -13.83 30.44 7.20
CA VAL I 44 -14.72 30.70 6.07
C VAL I 44 -16.14 30.96 6.56
N LEU I 45 -16.59 30.16 7.53
CA LEU I 45 -17.95 30.28 8.04
C LEU I 45 -18.03 30.95 9.41
N ARG I 46 -16.89 31.11 10.10
CA ARG I 46 -16.83 31.91 11.33
C ARG I 46 -15.62 32.83 11.25
N PRO I 47 -15.66 33.81 10.35
CA PRO I 47 -14.48 34.71 10.19
C PRO I 47 -14.14 35.49 11.44
N ASP I 48 -15.12 35.83 12.28
CA ASP I 48 -14.84 36.69 13.43
C ASP I 48 -13.83 36.07 14.37
N LEU I 49 -13.62 34.76 14.29
CA LEU I 49 -12.66 34.08 15.15
C LEU I 49 -11.22 34.29 14.73
N LEU I 50 -10.97 34.96 13.60
CA LEU I 50 -9.60 35.09 13.13
C LEU I 50 -8.68 35.61 14.22
N PHE I 51 -9.06 36.70 14.88
CA PHE I 51 -8.18 37.33 15.85
C PHE I 51 -7.75 36.34 16.93
N LYS I 52 -8.58 35.35 17.23
CA LYS I 52 -8.17 34.30 18.15
C LYS I 52 -7.52 33.14 17.41
N ASN I 53 -8.11 32.70 16.30
CA ASN I 53 -7.59 31.55 15.59
C ASN I 53 -6.20 31.80 15.02
N ILE I 54 -5.75 33.05 14.99
CA ILE I 54 -4.41 33.37 14.53
C ILE I 54 -3.35 33.05 15.57
N VAL I 55 -3.74 32.57 16.75
CA VAL I 55 -2.80 32.31 17.83
C VAL I 55 -1.75 31.30 17.40
N PRO I 56 -2.11 30.14 16.86
CA PRO I 56 -1.07 29.13 16.57
C PRO I 56 -0.03 29.61 15.60
N VAL I 57 -0.39 30.49 14.67
CA VAL I 57 0.60 31.05 13.76
C VAL I 57 1.59 31.91 14.52
N ILE I 58 1.10 32.84 15.35
CA ILE I 58 2.00 33.72 16.09
C ILE I 58 2.99 32.90 16.89
N MET I 59 2.49 31.91 17.64
CA MET I 59 3.39 31.06 18.40
C MET I 59 4.38 30.35 17.49
N ALA I 60 3.91 29.82 16.35
CA ALA I 60 4.84 29.24 15.40
C ALA I 60 5.86 30.28 14.98
N GLY I 61 5.42 31.51 14.70
CA GLY I 61 6.36 32.55 14.36
C GLY I 61 7.40 32.75 15.45
N ILE I 62 6.99 32.66 16.71
CA ILE I 62 7.93 32.85 17.80
C ILE I 62 9.05 31.84 17.69
N ILE I 63 8.73 30.61 17.29
CA ILE I 63 9.77 29.59 17.16
C ILE I 63 10.85 30.07 16.21
N ALA I 64 10.46 30.70 15.11
CA ALA I 64 11.44 31.25 14.18
C ALA I 64 12.35 32.26 14.85
N ILE I 65 11.79 33.15 15.68
CA ILE I 65 12.62 34.12 16.38
C ILE I 65 13.54 33.45 17.39
N TYR I 66 13.23 32.24 17.83
CA TYR I 66 14.16 31.51 18.67
C TYR I 66 15.39 31.10 17.86
N GLY I 67 15.20 30.81 16.58
CA GLY I 67 16.34 30.51 15.73
C GLY I 67 17.13 31.76 15.39
N LEU I 68 16.45 32.76 14.81
CA LEU I 68 17.13 34.01 14.48
C LEU I 68 18.06 34.44 15.59
N VAL I 69 17.52 34.62 16.79
CA VAL I 69 18.33 35.04 17.93
C VAL I 69 19.59 34.20 18.00
N VAL I 70 19.44 32.89 18.15
CA VAL I 70 20.61 32.02 18.27
C VAL I 70 21.54 32.24 17.09
N SER I 71 21.00 32.21 15.88
CA SER I 71 21.83 32.42 14.71
C SER I 71 22.63 33.71 14.85
N VAL I 72 21.94 34.82 15.15
CA VAL I 72 22.66 36.08 15.31
C VAL I 72 23.73 35.94 16.37
N LEU I 73 23.39 35.35 17.51
CA LEU I 73 24.38 35.17 18.57
C LEU I 73 25.54 34.30 18.09
N VAL I 74 25.24 33.25 17.33
CA VAL I 74 26.31 32.44 16.76
C VAL I 74 27.05 33.24 15.70
N CYS I 75 26.33 34.07 14.93
CA CYS I 75 26.97 34.77 13.82
C CYS I 75 28.07 35.68 14.30
N TYR I 76 27.84 36.40 15.41
CA TYR I 76 28.86 37.27 15.95
C TYR I 76 29.90 36.52 16.76
N SER I 77 29.72 35.23 16.99
CA SER I 77 30.72 34.42 17.65
C SER I 77 31.67 33.74 16.68
N LEU I 78 31.46 33.90 15.39
CA LEU I 78 32.33 33.28 14.40
C LEU I 78 33.61 34.09 14.22
N GLY I 79 34.62 33.43 13.69
CA GLY I 79 35.89 34.09 13.43
C GLY I 79 36.78 33.15 12.65
N GLN I 80 37.71 33.76 11.90
CA GLN I 80 38.58 32.96 11.04
C GLN I 80 39.46 32.04 11.86
N LYS I 81 39.95 32.52 12.99
CA LYS I 81 40.88 31.77 13.83
C LYS I 81 40.23 31.34 15.14
N GLN I 82 38.95 30.97 15.07
CA GLN I 82 38.26 30.49 16.25
C GLN I 82 38.66 29.04 16.55
N ALA I 83 38.59 28.69 17.83
CA ALA I 83 38.91 27.34 18.25
C ALA I 83 38.00 26.34 17.56
N LEU I 84 38.40 25.07 17.59
CA LEU I 84 37.52 24.01 17.12
C LEU I 84 36.43 23.72 18.12
N TYR I 85 36.74 23.87 19.41
CA TYR I 85 35.73 23.71 20.45
C TYR I 85 34.64 24.75 20.29
N THR I 86 35.01 25.98 19.94
CA THR I 86 34.01 27.00 19.67
C THR I 86 33.12 26.58 18.51
N GLY I 87 33.71 26.00 17.46
CA GLY I 87 32.90 25.54 16.34
C GLY I 87 31.94 24.45 16.73
N PHE I 88 32.42 23.48 17.50
CA PHE I 88 31.55 22.39 17.95
C PHE I 88 30.43 22.91 18.85
N ILE I 89 30.75 23.86 19.72
CA ILE I 89 29.74 24.41 20.61
C ILE I 89 28.69 25.19 19.83
N GLN I 90 29.12 25.97 18.84
CA GLN I 90 28.16 26.70 18.01
C GLN I 90 27.31 25.73 17.21
N LEU I 91 27.90 24.66 16.70
CA LEU I 91 27.11 23.65 16.00
C LEU I 91 26.10 23.00 16.94
N GLY I 92 26.51 22.71 18.17
CA GLY I 92 25.59 22.14 19.13
C GLY I 92 24.44 23.08 19.47
N ALA I 93 24.75 24.36 19.65
CA ALA I 93 23.71 25.35 19.89
C ALA I 93 22.76 25.45 18.71
N GLY I 94 23.32 25.48 17.50
CA GLY I 94 22.48 25.55 16.31
C GLY I 94 21.57 24.33 16.18
N LEU I 95 22.13 23.15 16.36
CA LEU I 95 21.32 21.94 16.27
C LEU I 95 20.26 21.91 17.36
N SER I 96 20.63 22.25 18.60
CA SER I 96 19.66 22.29 19.67
C SER I 96 18.49 23.20 19.31
N VAL I 97 18.77 24.48 19.09
CA VAL I 97 17.67 25.41 18.83
C VAL I 97 16.90 24.98 17.58
N GLY I 98 17.60 24.66 16.50
CA GLY I 98 16.95 24.33 15.25
C GLY I 98 16.04 23.13 15.34
N LEU I 99 16.54 22.00 15.80
CA LEU I 99 15.73 20.79 15.80
C LEU I 99 14.73 20.76 16.95
N SER I 100 15.04 21.36 18.10
CA SER I 100 14.03 21.51 19.14
C SER I 100 12.89 22.39 18.65
N GLY I 101 13.21 23.50 17.97
CA GLY I 101 12.17 24.34 17.42
C GLY I 101 11.47 23.71 16.24
N LEU I 102 12.11 22.78 15.55
CA LEU I 102 11.44 22.02 14.50
C LEU I 102 10.40 21.08 15.11
N ALA I 103 10.77 20.38 16.19
CA ALA I 103 9.79 19.56 16.89
C ALA I 103 8.67 20.42 17.46
N ALA I 104 9.02 21.58 18.03
CA ALA I 104 8.00 22.48 18.56
C ALA I 104 7.08 22.99 17.45
N GLY I 105 7.64 23.28 16.28
CA GLY I 105 6.82 23.73 15.18
C GLY I 105 5.90 22.65 14.66
N PHE I 106 6.38 21.41 14.59
CA PHE I 106 5.51 20.31 14.20
C PHE I 106 4.36 20.14 15.20
N ALA I 107 4.68 20.15 16.50
CA ALA I 107 3.63 20.02 17.50
C ALA I 107 2.66 21.19 17.43
N ILE I 108 3.17 22.41 17.24
CA ILE I 108 2.30 23.58 17.16
C ILE I 108 1.41 23.49 15.93
N GLY I 109 1.96 23.05 14.80
CA GLY I 109 1.15 22.92 13.61
C GLY I 109 0.02 21.93 13.81
N ILE I 110 0.35 20.75 14.32
CA ILE I 110 -0.68 19.72 14.51
C ILE I 110 -1.74 20.21 15.49
N VAL I 111 -1.30 20.68 16.65
CA VAL I 111 -2.24 21.08 17.71
C VAL I 111 -3.02 22.31 17.29
N GLY I 112 -2.39 23.25 16.59
CA GLY I 112 -3.08 24.44 16.17
C GLY I 112 -4.12 24.15 15.10
N ASP I 113 -3.81 23.29 14.15
CA ASP I 113 -4.82 22.88 13.18
C ASP I 113 -6.01 22.25 13.89
N ALA I 114 -5.74 21.27 14.76
CA ALA I 114 -6.83 20.61 15.47
C ALA I 114 -7.63 21.59 16.31
N GLY I 115 -6.94 22.48 17.02
CA GLY I 115 -7.61 23.37 17.94
C GLY I 115 -8.42 24.45 17.23
N VAL I 116 -7.88 25.02 16.16
CA VAL I 116 -8.63 26.03 15.43
C VAL I 116 -9.82 25.40 14.75
N ARG I 117 -9.70 24.16 14.28
CA ARG I 117 -10.86 23.47 13.72
C ARG I 117 -11.92 23.22 14.79
N GLY I 118 -11.50 22.74 15.96
CA GLY I 118 -12.45 22.43 17.01
C GLY I 118 -13.11 23.65 17.62
N SER I 119 -12.34 24.71 17.83
CA SER I 119 -12.80 25.85 18.62
C SER I 119 -13.99 26.56 18.00
N SER I 120 -14.11 26.58 16.68
CA SER I 120 -15.32 27.13 16.08
C SER I 120 -16.55 26.37 16.53
N GLN I 121 -16.41 25.06 16.75
CA GLN I 121 -17.50 24.24 17.22
C GLN I 121 -17.60 24.20 18.76
N GLN I 122 -16.61 24.75 19.45
CA GLN I 122 -16.57 24.68 20.91
C GLN I 122 -15.71 25.84 21.42
N PRO I 123 -16.30 26.98 21.74
CA PRO I 123 -15.47 28.09 22.24
C PRO I 123 -14.69 27.75 23.49
N ARG I 124 -15.25 26.94 24.38
CA ARG I 124 -14.54 26.58 25.61
C ARG I 124 -13.26 25.81 25.34
N LEU I 125 -13.08 25.28 24.14
CA LEU I 125 -11.84 24.60 23.78
C LEU I 125 -10.68 25.57 23.54
N PHE I 126 -10.97 26.86 23.36
CA PHE I 126 -9.91 27.81 23.04
C PHE I 126 -8.84 27.81 24.13
N VAL I 127 -9.26 28.02 25.39
CA VAL I 127 -8.30 28.02 26.48
C VAL I 127 -7.55 26.69 26.54
N GLY I 128 -8.15 25.63 26.04
CA GLY I 128 -7.43 24.37 25.93
C GLY I 128 -6.31 24.45 24.91
N MET I 129 -6.65 24.83 23.67
CA MET I 129 -5.66 24.84 22.61
C MET I 129 -4.45 25.64 23.01
N ILE I 130 -4.66 26.88 23.45
CA ILE I 130 -3.54 27.72 23.85
C ILE I 130 -2.69 26.99 24.88
N LEU I 131 -3.32 26.44 25.91
CA LEU I 131 -2.55 25.74 26.92
C LEU I 131 -1.68 24.67 26.27
N ILE I 132 -2.28 23.82 25.44
CA ILE I 132 -1.49 22.78 24.77
C ILE I 132 -0.42 23.44 23.92
N LEU I 133 -0.77 24.49 23.17
CA LEU I 133 0.24 25.17 22.37
C LEU I 133 1.40 25.63 23.23
N ILE I 134 1.12 26.13 24.44
CA ILE I 134 2.22 26.57 25.29
C ILE I 134 3.15 25.40 25.58
N PHE I 135 2.59 24.24 25.89
CA PHE I 135 3.43 23.08 26.14
C PHE I 135 4.24 22.70 24.91
N ALA I 136 3.72 22.97 23.72
CA ALA I 136 4.52 22.81 22.52
C ALA I 136 5.51 23.95 22.38
N GLU I 137 5.07 25.18 22.66
CA GLU I 137 5.95 26.33 22.47
C GLU I 137 7.21 26.20 23.31
N VAL I 138 7.07 25.80 24.57
CA VAL I 138 8.23 25.69 25.43
C VAL I 138 9.23 24.68 24.90
N LEU I 139 8.79 23.70 24.11
CA LEU I 139 9.75 22.78 23.52
C LEU I 139 10.80 23.53 22.73
N GLY I 140 10.38 24.56 21.97
CA GLY I 140 11.35 25.43 21.33
C GLY I 140 12.14 26.24 22.34
N LEU I 141 11.45 26.79 23.34
CA LEU I 141 12.13 27.62 24.34
C LEU I 141 13.21 26.83 25.07
N TYR I 142 12.92 25.60 25.47
CA TYR I 142 13.97 24.75 26.02
C TYR I 142 15.16 24.69 25.07
N GLY I 143 14.88 24.40 23.79
CA GLY I 143 15.95 24.36 22.82
C GLY I 143 16.71 25.68 22.77
N LEU I 144 16.00 26.79 22.93
CA LEU I 144 16.66 28.08 23.00
C LEU I 144 17.57 28.16 24.21
N ILE I 145 17.07 27.76 25.37
CA ILE I 145 17.85 27.93 26.60
C ILE I 145 19.18 27.21 26.47
N VAL I 146 19.14 25.92 26.11
CA VAL I 146 20.38 25.20 25.88
C VAL I 146 21.21 25.93 24.84
N ALA I 147 20.61 26.30 23.72
CA ALA I 147 21.36 26.97 22.66
C ALA I 147 21.99 28.25 23.17
N LEU I 148 21.36 28.93 24.13
CA LEU I 148 22.00 30.10 24.71
C LEU I 148 23.13 29.67 25.65
N LEU I 149 22.87 28.71 26.53
CA LEU I 149 23.91 28.26 27.45
C LEU I 149 25.13 27.78 26.68
N LEU I 150 24.93 26.87 25.73
CA LEU I 150 26.03 26.42 24.89
C LEU I 150 26.76 27.61 24.29
N ASN I 151 26.01 28.61 23.81
CA ASN I 151 26.66 29.76 23.18
C ASN I 151 27.57 30.48 24.18
N SER I 152 27.12 30.62 25.42
CA SER I 152 27.98 31.23 26.43
C SER I 152 29.24 30.41 26.64
N ARG I 153 29.14 29.09 26.56
CA ARG I 153 30.31 28.23 26.69
C ARG I 153 31.25 28.37 25.51
N ALA I 154 30.77 28.94 24.40
CA ALA I 154 31.51 28.86 23.14
C ALA I 154 32.89 29.50 23.25
N THR I 155 32.97 30.69 23.84
CA THR I 155 34.23 31.42 23.91
C THR I 155 34.77 31.52 25.33
N GLN I 156 34.27 30.71 26.26
CA GLN I 156 34.76 30.74 27.62
C GLN I 156 35.92 29.77 27.80
N ASP I 157 37.03 30.28 28.33
CA ASP I 157 38.22 29.49 28.65
C ASP I 157 38.82 28.83 27.42
N VAL I 158 38.59 29.36 26.23
CA VAL I 158 39.18 28.81 25.02
C VAL I 158 40.50 29.51 24.74
N VAL I 159 41.49 28.74 24.32
CA VAL I 159 42.82 29.26 24.05
C VAL I 159 43.18 29.03 22.59
N THR J 2 47.66 29.11 0.55
CA THR J 2 48.14 28.94 1.91
C THR J 2 47.19 28.08 2.72
N GLU J 3 47.43 27.98 4.03
CA GLU J 3 46.59 27.15 4.88
C GLU J 3 45.25 27.81 5.15
N LEU J 4 45.24 29.13 5.38
CA LEU J 4 44.00 29.83 5.67
C LEU J 4 43.15 30.04 4.42
N CYS J 5 43.78 30.11 3.25
CA CYS J 5 43.09 30.41 2.00
C CYS J 5 43.42 29.34 0.96
N PRO J 6 42.98 28.11 1.18
CA PRO J 6 43.29 27.03 0.24
C PRO J 6 42.61 27.27 -1.10
N VAL J 7 43.06 26.51 -2.10
CA VAL J 7 42.51 26.67 -3.44
C VAL J 7 41.03 26.30 -3.49
N TYR J 8 40.58 25.42 -2.60
CA TYR J 8 39.20 24.96 -2.63
C TYR J 8 38.27 25.78 -1.76
N ALA J 9 38.73 26.90 -1.20
CA ALA J 9 37.84 27.75 -0.43
C ALA J 9 36.70 28.33 -1.26
N PRO J 10 36.93 28.93 -2.43
CA PRO J 10 35.81 29.54 -3.17
C PRO J 10 34.70 28.57 -3.51
N PHE J 11 34.98 27.27 -3.54
CA PHE J 11 33.91 26.30 -3.73
C PHE J 11 32.78 26.55 -2.76
N PHE J 12 33.10 26.65 -1.46
CA PHE J 12 32.07 26.87 -0.47
C PHE J 12 31.37 28.20 -0.69
N GLY J 13 32.08 29.19 -1.24
CA GLY J 13 31.41 30.42 -1.64
C GLY J 13 30.45 30.19 -2.79
N ALA J 14 30.89 29.44 -3.80
CA ALA J 14 30.03 29.19 -4.95
C ALA J 14 28.80 28.40 -4.53
N ILE J 15 28.99 27.29 -3.81
CA ILE J 15 27.85 26.55 -3.29
C ILE J 15 27.00 27.43 -2.41
N GLY J 16 27.58 28.51 -1.87
CA GLY J 16 26.75 29.53 -1.23
C GLY J 16 25.96 30.33 -2.24
N CYS J 17 26.66 30.98 -3.16
CA CYS J 17 26.01 31.83 -4.14
C CYS J 17 24.93 31.06 -4.90
N ALA J 18 25.24 29.83 -5.30
CA ALA J 18 24.23 29.00 -5.94
C ALA J 18 23.09 28.69 -4.98
N SER J 19 23.43 28.18 -3.80
CA SER J 19 22.41 27.69 -2.89
C SER J 19 21.46 28.78 -2.41
N ALA J 20 21.88 30.05 -2.48
CA ALA J 20 20.98 31.14 -2.11
C ALA J 20 19.86 31.26 -3.13
N ILE J 21 20.19 31.16 -4.42
CA ILE J 21 19.17 31.41 -5.43
C ILE J 21 18.48 30.12 -5.83
N ILE J 22 19.15 28.98 -5.71
CA ILE J 22 18.51 27.70 -5.99
C ILE J 22 17.34 27.48 -5.05
N PHE J 23 17.64 27.35 -3.76
CA PHE J 23 16.62 26.95 -2.80
C PHE J 23 15.50 27.98 -2.67
N THR J 24 15.84 29.27 -2.62
CA THR J 24 14.78 30.27 -2.66
C THR J 24 13.89 30.07 -3.88
N SER J 25 14.48 29.83 -5.05
CA SER J 25 13.66 29.54 -6.22
C SER J 25 12.83 28.29 -6.03
N LEU J 26 13.37 27.27 -5.37
CA LEU J 26 12.57 26.09 -5.07
C LEU J 26 11.45 26.43 -4.09
N GLY J 27 11.69 27.39 -3.21
CA GLY J 27 10.64 27.85 -2.31
C GLY J 27 9.64 28.70 -3.06
N ALA J 28 10.09 29.82 -3.61
CA ALA J 28 9.19 30.69 -4.34
C ALA J 28 8.40 29.93 -5.40
N ALA J 29 9.08 29.09 -6.18
CA ALA J 29 8.37 28.29 -7.19
C ALA J 29 7.22 27.52 -6.54
N TYR J 30 7.50 26.78 -5.47
CA TYR J 30 6.44 26.09 -4.76
C TYR J 30 5.37 27.08 -4.33
N GLY J 31 5.77 28.19 -3.73
CA GLY J 31 4.80 29.19 -3.34
C GLY J 31 4.00 29.68 -4.53
N THR J 32 4.65 29.85 -5.67
CA THR J 32 3.95 30.30 -6.87
C THR J 32 3.11 29.18 -7.46
N ALA J 33 3.48 27.92 -7.21
CA ALA J 33 2.76 26.80 -7.82
C ALA J 33 1.49 26.48 -7.03
N LYS J 34 1.65 26.06 -5.78
CA LYS J 34 0.49 25.66 -5.00
C LYS J 34 -0.47 26.81 -4.80
N SER J 35 0.04 28.04 -4.73
CA SER J 35 -0.87 29.19 -4.70
C SER J 35 -1.48 29.43 -6.07
N GLY J 36 -0.67 29.32 -7.13
CA GLY J 36 -1.18 29.61 -8.46
C GLY J 36 -2.41 28.80 -8.79
N VAL J 37 -2.31 27.48 -8.64
CA VAL J 37 -3.48 26.63 -8.87
C VAL J 37 -4.64 27.09 -7.98
N GLY J 38 -4.33 27.37 -6.71
CA GLY J 38 -5.38 27.83 -5.80
C GLY J 38 -6.03 29.10 -6.29
N ILE J 39 -5.27 29.99 -6.91
CA ILE J 39 -5.87 31.17 -7.53
C ILE J 39 -6.72 30.74 -8.72
N CYS J 40 -6.16 29.90 -9.59
CA CYS J 40 -6.88 29.52 -10.80
C CYS J 40 -8.15 28.75 -10.47
N ALA J 41 -8.08 27.88 -9.47
CA ALA J 41 -9.28 27.15 -9.06
C ALA J 41 -10.35 28.05 -8.46
N THR J 42 -9.98 29.26 -8.03
CA THR J 42 -10.92 30.18 -7.41
C THR J 42 -11.36 31.30 -8.33
N CYS J 43 -10.42 31.94 -9.02
CA CYS J 43 -10.76 33.02 -9.93
C CYS J 43 -11.54 32.54 -11.14
N VAL J 44 -11.62 31.23 -11.36
CA VAL J 44 -12.51 30.71 -12.41
C VAL J 44 -13.94 31.08 -12.12
N LEU J 45 -14.27 31.34 -10.85
CA LEU J 45 -15.59 31.81 -10.46
C LEU J 45 -15.59 33.31 -10.17
N ARG J 46 -14.51 33.83 -9.59
CA ARG J 46 -14.43 35.21 -9.12
C ARG J 46 -13.21 35.88 -9.72
N PRO J 47 -13.31 36.42 -10.94
CA PRO J 47 -12.15 37.08 -11.55
C PRO J 47 -11.80 38.40 -10.89
N ASP J 48 -12.79 39.16 -10.44
CA ASP J 48 -12.51 40.46 -9.84
C ASP J 48 -11.69 40.36 -8.56
N LEU J 49 -11.61 39.17 -7.96
CA LEU J 49 -10.78 38.96 -6.79
C LEU J 49 -9.33 38.67 -7.14
N LEU J 50 -8.98 38.65 -8.42
CA LEU J 50 -7.62 38.31 -8.82
C LEU J 50 -6.59 39.18 -8.09
N PHE J 51 -6.78 40.50 -8.13
CA PHE J 51 -5.82 41.41 -7.50
C PHE J 51 -5.66 41.13 -6.02
N LYS J 52 -6.67 40.55 -5.37
CA LYS J 52 -6.54 40.17 -3.97
C LYS J 52 -5.89 38.81 -3.85
N ASN J 53 -6.22 37.88 -4.74
CA ASN J 53 -5.71 36.53 -4.65
C ASN J 53 -4.31 36.37 -5.22
N ILE J 54 -3.74 37.43 -5.80
CA ILE J 54 -2.38 37.35 -6.34
C ILE J 54 -1.32 37.59 -5.28
N VAL J 55 -1.72 37.92 -4.06
CA VAL J 55 -0.79 38.30 -3.00
C VAL J 55 0.18 37.16 -2.70
N PRO J 56 -0.29 35.92 -2.52
CA PRO J 56 0.67 34.85 -2.21
C PRO J 56 1.74 34.68 -3.26
N VAL J 57 1.41 34.86 -4.53
CA VAL J 57 2.41 34.79 -5.59
C VAL J 57 3.43 35.90 -5.43
N ILE J 58 2.97 37.11 -5.07
CA ILE J 58 3.90 38.22 -4.87
C ILE J 58 4.84 37.92 -3.73
N MET J 59 4.32 37.36 -2.63
CA MET J 59 5.18 37.06 -1.49
C MET J 59 6.18 35.96 -1.83
N ALA J 60 5.74 34.95 -2.58
CA ALA J 60 6.67 33.94 -3.05
C ALA J 60 7.77 34.56 -3.91
N GLY J 61 7.41 35.51 -4.78
CA GLY J 61 8.43 36.20 -5.56
C GLY J 61 9.38 37.01 -4.70
N ILE J 62 8.87 37.59 -3.61
CA ILE J 62 9.74 38.32 -2.70
C ILE J 62 10.75 37.38 -2.05
N ILE J 63 10.34 36.15 -1.78
CA ILE J 63 11.30 35.17 -1.26
C ILE J 63 12.44 34.98 -2.24
N ALA J 64 12.12 34.81 -3.53
CA ALA J 64 13.16 34.68 -4.54
C ALA J 64 14.01 35.93 -4.64
N ILE J 65 13.42 37.10 -4.37
CA ILE J 65 14.22 38.32 -4.39
C ILE J 65 15.21 38.34 -3.23
N TYR J 66 14.80 37.83 -2.06
CA TYR J 66 15.76 37.66 -0.98
C TYR J 66 16.91 36.76 -1.41
N GLY J 67 16.57 35.62 -2.02
CA GLY J 67 17.60 34.74 -2.53
C GLY J 67 18.53 35.43 -3.50
N LEU J 68 17.98 36.20 -4.43
CA LEU J 68 18.79 36.91 -5.40
C LEU J 68 19.72 37.90 -4.73
N VAL J 69 19.21 38.65 -3.74
CA VAL J 69 20.04 39.63 -3.05
C VAL J 69 21.23 38.93 -2.40
N VAL J 70 20.97 37.86 -1.65
CA VAL J 70 22.07 37.19 -0.96
C VAL J 70 23.05 36.60 -1.96
N SER J 71 22.53 36.01 -3.04
CA SER J 71 23.41 35.38 -4.01
C SER J 71 24.30 36.41 -4.71
N VAL J 72 23.75 37.56 -5.08
CA VAL J 72 24.59 38.57 -5.73
C VAL J 72 25.62 39.13 -4.75
N LEU J 73 25.23 39.31 -3.48
CA LEU J 73 26.21 39.76 -2.50
C LEU J 73 27.34 38.76 -2.34
N VAL J 74 27.00 37.47 -2.22
CA VAL J 74 28.02 36.45 -2.08
C VAL J 74 28.92 36.40 -3.31
N CYS J 75 28.31 36.49 -4.50
CA CYS J 75 29.09 36.49 -5.73
C CYS J 75 30.07 37.64 -5.75
N TYR J 76 29.61 38.83 -5.39
CA TYR J 76 30.50 39.98 -5.31
C TYR J 76 31.51 39.87 -4.18
N SER J 77 31.32 38.91 -3.27
CA SER J 77 32.29 38.67 -2.21
C SER J 77 33.24 37.51 -2.50
N LEU J 78 33.14 36.90 -3.69
CA LEU J 78 34.00 35.76 -4.00
C LEU J 78 35.37 36.22 -4.50
N GLY J 79 36.33 35.31 -4.41
CA GLY J 79 37.66 35.59 -4.90
C GLY J 79 38.44 34.30 -5.01
N GLN J 80 39.46 34.32 -5.87
CA GLN J 80 40.26 33.11 -6.08
C GLN J 80 40.98 32.69 -4.81
N LYS J 81 41.54 33.66 -4.08
CA LYS J 81 42.33 33.38 -2.89
C LYS J 81 41.62 33.84 -1.63
N GLN J 82 40.30 33.71 -1.60
CA GLN J 82 39.54 34.05 -0.41
C GLN J 82 39.82 33.05 0.70
N ALA J 83 39.73 33.52 1.94
CA ALA J 83 40.00 32.68 3.08
C ALA J 83 38.98 31.54 3.15
N LEU J 84 39.44 30.39 3.66
CA LEU J 84 38.51 29.28 3.87
C LEU J 84 37.35 29.70 4.75
N TYR J 85 37.61 30.57 5.72
CA TYR J 85 36.55 31.08 6.58
C TYR J 85 35.53 31.86 5.77
N THR J 86 36.00 32.66 4.82
CA THR J 86 35.06 33.37 3.94
C THR J 86 34.19 32.39 3.18
N GLY J 87 34.77 31.30 2.69
CA GLY J 87 34.00 30.29 2.01
C GLY J 87 32.96 29.65 2.90
N PHE J 88 33.36 29.26 4.10
CA PHE J 88 32.42 28.62 5.03
C PHE J 88 31.29 29.56 5.39
N ILE J 89 31.60 30.83 5.64
CA ILE J 89 30.58 31.77 6.06
C ILE J 89 29.67 32.16 4.90
N GLN J 90 30.20 32.21 3.67
CA GLN J 90 29.34 32.42 2.52
C GLN J 90 28.43 31.23 2.27
N LEU J 91 28.95 30.02 2.47
CA LEU J 91 28.10 28.82 2.40
C LEU J 91 27.01 28.89 3.47
N GLY J 92 27.37 29.32 4.67
CA GLY J 92 26.37 29.45 5.72
C GLY J 92 25.31 30.47 5.39
N ALA J 93 25.71 31.63 4.86
CA ALA J 93 24.73 32.64 4.46
C ALA J 93 23.83 32.11 3.35
N GLY J 94 24.41 31.47 2.34
CA GLY J 94 23.62 30.95 1.25
C GLY J 94 22.64 29.88 1.70
N LEU J 95 23.12 28.92 2.50
CA LEU J 95 22.26 27.86 3.02
C LEU J 95 21.20 28.38 3.97
N SER J 96 21.48 29.43 4.73
CA SER J 96 20.46 30.00 5.60
C SER J 96 19.39 30.68 4.77
N VAL J 97 19.77 31.60 3.87
CA VAL J 97 18.75 32.31 3.11
C VAL J 97 17.96 31.33 2.25
N GLY J 98 18.65 30.42 1.55
CA GLY J 98 17.99 29.52 0.65
C GLY J 98 17.04 28.57 1.34
N LEU J 99 17.48 27.89 2.40
CA LEU J 99 16.61 26.91 3.04
C LEU J 99 15.54 27.57 3.91
N SER J 100 15.85 28.70 4.57
CA SER J 100 14.82 29.44 5.26
C SER J 100 13.76 29.94 4.28
N GLY J 101 14.17 30.43 3.11
CA GLY J 101 13.22 30.85 2.11
C GLY J 101 12.49 29.69 1.47
N LEU J 102 13.10 28.50 1.47
CA LEU J 102 12.38 27.32 1.00
C LEU J 102 11.27 26.94 1.96
N ALA J 103 11.56 26.97 3.26
CA ALA J 103 10.51 26.74 4.26
C ALA J 103 9.43 27.81 4.16
N ALA J 104 9.84 29.06 4.01
CA ALA J 104 8.88 30.15 3.88
C ALA J 104 8.05 29.99 2.62
N GLY J 105 8.65 29.52 1.53
CA GLY J 105 7.91 29.30 0.31
C GLY J 105 6.91 28.17 0.43
N PHE J 106 7.28 27.09 1.11
CA PHE J 106 6.31 26.03 1.37
C PHE J 106 5.14 26.56 2.19
N ALA J 107 5.43 27.29 3.25
CA ALA J 107 4.37 27.85 4.08
C ALA J 107 3.50 28.81 3.28
N ILE J 108 4.12 29.66 2.46
CA ILE J 108 3.36 30.63 1.68
C ILE J 108 2.48 29.91 0.66
N GLY J 109 3.02 28.89 0.00
CA GLY J 109 2.21 28.17 -0.96
C GLY J 109 0.99 27.54 -0.32
N ILE J 110 1.20 26.82 0.80
CA ILE J 110 0.08 26.14 1.44
C ILE J 110 -0.93 27.15 1.96
N VAL J 111 -0.46 28.16 2.69
CA VAL J 111 -1.34 29.15 3.28
C VAL J 111 -2.08 29.92 2.20
N GLY J 112 -1.39 30.31 1.12
CA GLY J 112 -2.03 31.06 0.06
C GLY J 112 -3.07 30.24 -0.68
N ASP J 113 -2.79 28.96 -0.93
CA ASP J 113 -3.79 28.10 -1.52
C ASP J 113 -5.04 28.07 -0.64
N ALA J 114 -4.87 27.75 0.64
CA ALA J 114 -6.03 27.69 1.53
C ALA J 114 -6.74 29.03 1.62
N GLY J 115 -5.97 30.12 1.66
CA GLY J 115 -6.58 31.42 1.88
C GLY J 115 -7.30 31.96 0.67
N VAL J 116 -6.80 31.68 -0.53
CA VAL J 116 -7.54 32.07 -1.73
C VAL J 116 -8.79 31.22 -1.87
N ARG J 117 -8.70 29.93 -1.56
CA ARG J 117 -9.90 29.10 -1.57
C ARG J 117 -10.94 29.64 -0.60
N GLY J 118 -10.51 30.04 0.60
CA GLY J 118 -11.45 30.60 1.57
C GLY J 118 -12.00 31.95 1.13
N SER J 119 -11.13 32.83 0.64
CA SER J 119 -11.55 34.17 0.26
C SER J 119 -12.50 34.15 -0.92
N SER J 120 -12.44 33.09 -1.74
CA SER J 120 -13.45 32.93 -2.77
C SER J 120 -14.84 32.74 -2.17
N GLN J 121 -14.90 32.42 -0.88
CA GLN J 121 -16.16 32.20 -0.18
C GLN J 121 -16.44 33.25 0.89
N GLN J 122 -15.42 33.71 1.61
CA GLN J 122 -15.58 34.63 2.73
C GLN J 122 -14.66 35.82 2.55
N PRO J 123 -15.16 36.94 2.02
CA PRO J 123 -14.27 38.09 1.78
C PRO J 123 -13.56 38.57 3.02
N ARG J 124 -14.23 38.57 4.18
CA ARG J 124 -13.57 39.01 5.41
C ARG J 124 -12.36 38.18 5.74
N LEU J 125 -12.27 36.95 5.21
CA LEU J 125 -11.12 36.10 5.46
C LEU J 125 -9.86 36.60 4.77
N PHE J 126 -9.98 37.44 3.73
CA PHE J 126 -8.81 37.84 2.98
C PHE J 126 -7.74 38.42 3.90
N VAL J 127 -8.11 39.41 4.73
CA VAL J 127 -7.11 40.00 5.61
C VAL J 127 -6.47 38.91 6.46
N GLY J 128 -7.26 37.99 7.00
CA GLY J 128 -6.68 36.90 7.75
C GLY J 128 -5.57 36.21 7.00
N MET J 129 -5.85 35.80 5.75
CA MET J 129 -4.82 35.17 4.94
C MET J 129 -3.56 36.02 4.92
N ILE J 130 -3.71 37.32 4.65
CA ILE J 130 -2.55 38.18 4.55
C ILE J 130 -1.71 38.06 5.82
N LEU J 131 -2.35 38.17 6.98
CA LEU J 131 -1.61 38.05 8.23
C LEU J 131 -0.79 36.77 8.23
N ILE J 132 -1.44 35.63 7.99
CA ILE J 132 -0.71 34.37 8.02
C ILE J 132 0.42 34.41 7.00
N LEU J 133 0.14 34.93 5.81
CA LEU J 133 1.19 34.99 4.79
C LEU J 133 2.37 35.80 5.30
N ILE J 134 2.11 36.93 5.95
CA ILE J 134 3.21 37.71 6.50
C ILE J 134 4.00 36.86 7.48
N PHE J 135 3.31 36.14 8.36
CA PHE J 135 4.00 35.30 9.33
C PHE J 135 4.76 34.17 8.66
N ALA J 136 4.41 33.83 7.42
CA ALA J 136 5.24 32.93 6.63
C ALA J 136 6.31 33.71 5.89
N GLU J 137 5.96 34.88 5.37
CA GLU J 137 6.92 35.68 4.61
C GLU J 137 8.12 36.05 5.47
N VAL J 138 7.88 36.41 6.74
CA VAL J 138 8.99 36.76 7.61
C VAL J 138 9.94 35.60 7.80
N LEU J 139 9.45 34.36 7.68
CA LEU J 139 10.37 33.24 7.78
C LEU J 139 11.48 33.33 6.74
N GLY J 140 11.18 33.85 5.56
CA GLY J 140 12.22 34.15 4.60
C GLY J 140 13.05 35.33 5.04
N LEU J 141 12.37 36.38 5.53
CA LEU J 141 13.07 37.59 5.92
C LEU J 141 14.10 37.31 7.01
N TYR J 142 13.70 36.56 8.04
CA TYR J 142 14.68 36.13 9.04
C TYR J 142 15.88 35.48 8.37
N GLY J 143 15.63 34.51 7.49
CA GLY J 143 16.74 33.85 6.81
C GLY J 143 17.61 34.85 6.07
N LEU J 144 17.00 35.88 5.50
CA LEU J 144 17.78 36.92 4.84
C LEU J 144 18.67 37.65 5.84
N ILE J 145 18.10 38.06 6.97
CA ILE J 145 18.87 38.87 7.92
C ILE J 145 20.14 38.13 8.32
N VAL J 146 19.99 36.88 8.76
CA VAL J 146 21.17 36.08 9.10
C VAL J 146 22.12 36.03 7.91
N ALA J 147 21.60 35.70 6.73
CA ALA J 147 22.46 35.60 5.56
C ALA J 147 23.17 36.91 5.29
N LEU J 148 22.54 38.04 5.62
CA LEU J 148 23.23 39.31 5.47
C LEU J 148 24.30 39.47 6.53
N LEU J 149 23.97 39.16 7.79
CA LEU J 149 24.95 39.30 8.86
C LEU J 149 26.15 38.40 8.60
N LEU J 150 25.90 37.13 8.29
CA LEU J 150 26.98 36.22 7.96
C LEU J 150 27.83 36.77 6.83
N ASN J 151 27.21 37.53 5.93
CA ASN J 151 27.97 38.10 4.82
C ASN J 151 28.82 39.29 5.29
N SER J 152 28.27 40.11 6.19
CA SER J 152 29.04 41.26 6.66
C SER J 152 30.28 40.81 7.43
N ARG J 153 30.24 39.62 8.02
CA ARG J 153 31.39 39.07 8.71
C ARG J 153 32.32 38.29 7.79
N ALA J 154 31.95 38.12 6.52
CA ALA J 154 32.70 37.22 5.65
C ALA J 154 34.14 37.67 5.46
N THR J 155 34.36 38.96 5.21
CA THR J 155 35.70 39.49 5.04
C THR J 155 36.07 40.47 6.14
N GLN J 156 35.40 40.37 7.29
CA GLN J 156 35.71 41.24 8.43
C GLN J 156 36.85 40.62 9.24
N ASP J 157 37.98 41.32 9.31
CA ASP J 157 39.14 40.85 10.06
C ASP J 157 39.61 39.48 9.56
N VAL J 158 39.57 39.31 8.24
CA VAL J 158 40.02 38.08 7.59
C VAL J 158 41.37 38.32 6.96
N VAL J 159 42.31 37.41 7.21
CA VAL J 159 43.66 37.54 6.69
C VAL J 159 43.97 36.41 5.72
N THR K 2 50.15 22.69 -11.31
CA THR K 2 49.96 23.90 -10.52
C THR K 2 48.93 23.64 -9.43
N GLU K 3 48.98 24.42 -8.35
CA GLU K 3 48.05 24.27 -7.25
C GLU K 3 46.78 25.09 -7.45
N LEU K 4 46.91 26.30 -7.99
CA LEU K 4 45.71 27.10 -8.27
C LEU K 4 44.97 26.60 -9.50
N CYS K 5 45.66 25.88 -10.39
CA CYS K 5 45.08 25.39 -11.63
C CYS K 5 45.36 23.90 -11.77
N PRO K 6 44.67 23.07 -10.98
CA PRO K 6 44.86 21.63 -11.10
C PRO K 6 44.35 21.11 -12.44
N VAL K 7 44.83 19.91 -12.80
CA VAL K 7 44.37 19.28 -14.03
C VAL K 7 42.89 18.95 -13.97
N TYR K 8 42.33 18.75 -12.79
CA TYR K 8 40.91 18.45 -12.67
C TYR K 8 40.05 19.70 -12.57
N ALA K 9 40.65 20.88 -12.67
CA ALA K 9 39.86 22.10 -12.64
C ALA K 9 38.78 22.15 -13.70
N PRO K 10 39.02 21.74 -14.96
CA PRO K 10 37.94 21.78 -15.96
C PRO K 10 36.75 20.92 -15.60
N PHE K 11 36.92 19.89 -14.77
CA PHE K 11 35.80 19.04 -14.41
C PHE K 11 34.60 19.86 -13.98
N PHE K 12 34.76 20.63 -12.91
CA PHE K 12 33.66 21.44 -12.40
C PHE K 12 33.12 22.37 -13.48
N GLY K 13 33.98 22.84 -14.38
CA GLY K 13 33.49 23.66 -15.48
C GLY K 13 32.55 22.88 -16.37
N ALA K 14 32.96 21.69 -16.81
CA ALA K 14 32.12 20.88 -17.68
C ALA K 14 30.82 20.51 -16.98
N ILE K 15 30.92 19.97 -15.76
CA ILE K 15 29.71 19.67 -14.99
C ILE K 15 28.90 20.93 -14.78
N GLY K 16 29.54 22.10 -14.73
CA GLY K 16 28.79 23.34 -14.70
C GLY K 16 28.04 23.56 -16.00
N CYS K 17 28.76 23.50 -17.13
CA CYS K 17 28.12 23.74 -18.42
C CYS K 17 26.95 22.81 -18.62
N ALA K 18 27.16 21.50 -18.45
CA ALA K 18 26.06 20.56 -18.56
C ALA K 18 24.93 20.94 -17.61
N SER K 19 25.26 21.23 -16.36
CA SER K 19 24.22 21.53 -15.38
C SER K 19 23.41 22.74 -15.80
N ALA K 20 24.01 23.64 -16.58
CA ALA K 20 23.29 24.83 -17.00
C ALA K 20 22.14 24.47 -17.93
N ILE K 21 22.34 23.48 -18.78
CA ILE K 21 21.32 23.13 -19.77
C ILE K 21 20.52 21.92 -19.36
N ILE K 22 21.13 20.96 -18.67
CA ILE K 22 20.41 19.77 -18.25
C ILE K 22 19.19 20.16 -17.43
N PHE K 23 19.43 20.78 -16.26
CA PHE K 23 18.35 21.04 -15.34
C PHE K 23 17.31 21.97 -15.93
N THR K 24 17.73 23.06 -16.57
CA THR K 24 16.76 23.88 -17.29
C THR K 24 15.98 23.04 -18.28
N SER K 25 16.67 22.23 -19.10
CA SER K 25 15.97 21.37 -20.05
C SER K 25 14.99 20.46 -19.32
N LEU K 26 15.32 20.02 -18.11
CA LEU K 26 14.34 19.28 -17.33
C LEU K 26 13.17 20.16 -16.95
N GLY K 27 13.43 21.33 -16.36
CA GLY K 27 12.34 22.22 -16.00
C GLY K 27 11.52 22.60 -17.20
N ALA K 28 12.18 23.09 -18.25
CA ALA K 28 11.47 23.43 -19.47
C ALA K 28 10.71 22.23 -20.02
N ALA K 29 11.22 21.01 -19.80
CA ALA K 29 10.46 19.83 -20.20
C ALA K 29 9.20 19.69 -19.35
N TYR K 30 9.36 19.76 -18.03
CA TYR K 30 8.19 19.64 -17.16
C TYR K 30 7.17 20.71 -17.49
N GLY K 31 7.60 21.97 -17.56
CA GLY K 31 6.68 23.03 -17.93
C GLY K 31 6.04 22.78 -19.28
N THR K 32 6.77 22.16 -20.19
CA THR K 32 6.20 21.86 -21.51
C THR K 32 5.27 20.65 -21.43
N ALA K 33 5.57 19.69 -20.56
CA ALA K 33 4.71 18.52 -20.44
C ALA K 33 3.40 18.87 -19.76
N LYS K 34 3.47 19.32 -18.51
CA LYS K 34 2.26 19.60 -17.74
C LYS K 34 1.41 20.66 -18.44
N SER K 35 2.04 21.68 -19.01
CA SER K 35 1.27 22.65 -19.78
C SER K 35 0.64 22.01 -21.01
N GLY K 36 1.39 21.20 -21.74
CA GLY K 36 0.84 20.62 -22.95
C GLY K 36 -0.42 19.84 -22.69
N VAL K 37 -0.40 18.96 -21.69
CA VAL K 37 -1.61 18.24 -21.30
C VAL K 37 -2.72 19.24 -21.01
N GLY K 38 -2.42 20.25 -20.20
CA GLY K 38 -3.42 21.25 -19.89
C GLY K 38 -3.99 21.91 -21.13
N ILE K 39 -3.12 22.14 -22.13
CA ILE K 39 -3.61 22.68 -23.39
C ILE K 39 -4.48 21.65 -24.10
N CYS K 40 -4.00 20.41 -24.20
CA CYS K 40 -4.72 19.40 -24.95
C CYS K 40 -6.01 18.98 -24.24
N ALA K 41 -6.11 19.23 -22.94
CA ALA K 41 -7.36 18.95 -22.23
C ALA K 41 -8.39 20.04 -22.48
N THR K 42 -7.95 21.22 -22.91
CA THR K 42 -8.85 22.35 -23.08
C THR K 42 -9.17 22.64 -24.54
N CYS K 43 -8.18 22.51 -25.42
CA CYS K 43 -8.35 22.86 -26.83
C CYS K 43 -9.41 22.01 -27.52
N VAL K 44 -9.76 20.85 -26.97
CA VAL K 44 -10.82 20.04 -27.57
C VAL K 44 -12.15 20.78 -27.51
N LEU K 45 -12.45 21.40 -26.37
CA LEU K 45 -13.71 22.13 -26.23
C LEU K 45 -13.59 23.57 -26.71
N ARG K 46 -12.41 24.17 -26.56
CA ARG K 46 -12.18 25.57 -26.91
C ARG K 46 -10.93 25.70 -27.77
N PRO K 47 -10.95 25.18 -28.99
CA PRO K 47 -9.77 25.28 -29.87
C PRO K 47 -9.36 26.71 -30.17
N ASP K 48 -10.30 27.65 -30.17
CA ASP K 48 -9.97 29.04 -30.51
C ASP K 48 -8.94 29.61 -29.55
N LEU K 49 -8.90 29.11 -28.31
CA LEU K 49 -7.95 29.59 -27.31
C LEU K 49 -6.60 28.91 -27.39
N LEU K 50 -6.35 28.12 -28.45
CA LEU K 50 -5.14 27.32 -28.49
C LEU K 50 -3.90 28.18 -28.36
N PHE K 51 -3.78 29.21 -29.20
CA PHE K 51 -2.65 30.13 -29.10
C PHE K 51 -2.67 30.96 -27.82
N LYS K 52 -3.83 31.11 -27.18
CA LYS K 52 -3.85 31.73 -25.86
C LYS K 52 -3.35 30.76 -24.80
N ASN K 53 -3.50 29.46 -25.04
CA ASN K 53 -3.11 28.47 -24.05
C ASN K 53 -1.67 28.02 -24.20
N ILE K 54 -0.93 28.55 -25.19
CA ILE K 54 0.45 28.13 -25.42
C ILE K 54 1.47 29.04 -24.74
N VAL K 55 1.03 30.06 -24.01
CA VAL K 55 1.97 30.93 -23.31
C VAL K 55 2.80 30.15 -22.30
N PRO K 56 2.23 29.26 -21.49
CA PRO K 56 3.08 28.50 -20.56
C PRO K 56 4.18 27.73 -21.26
N VAL K 57 3.90 27.16 -22.43
CA VAL K 57 4.93 26.44 -23.17
C VAL K 57 6.00 27.39 -23.66
N ILE K 58 5.61 28.59 -24.10
CA ILE K 58 6.59 29.57 -24.54
C ILE K 58 7.53 29.93 -23.39
N MET K 59 6.97 30.14 -22.20
CA MET K 59 7.82 30.51 -21.07
C MET K 59 8.68 29.35 -20.60
N ALA K 60 8.16 28.12 -20.70
CA ALA K 60 8.99 26.96 -20.42
C ALA K 60 10.17 26.89 -21.39
N GLY K 61 9.93 27.23 -22.66
CA GLY K 61 11.03 27.28 -23.60
C GLY K 61 12.02 28.40 -23.29
N ILE K 62 11.52 29.53 -22.79
CA ILE K 62 12.41 30.62 -22.42
C ILE K 62 13.31 30.20 -21.26
N ILE K 63 12.80 29.37 -20.34
CA ILE K 63 13.66 28.84 -19.28
C ILE K 63 14.84 28.07 -19.88
N ALA K 64 14.55 27.19 -20.84
CA ALA K 64 15.63 26.46 -21.49
C ALA K 64 16.56 27.39 -22.27
N ILE K 65 16.05 28.49 -22.79
CA ILE K 65 16.91 29.45 -23.46
C ILE K 65 17.86 30.11 -22.47
N TYR K 66 17.38 30.44 -21.28
CA TYR K 66 18.27 30.92 -20.22
C TYR K 66 19.35 29.89 -19.94
N GLY K 67 18.95 28.64 -19.75
CA GLY K 67 19.91 27.59 -19.49
C GLY K 67 20.95 27.49 -20.58
N LEU K 68 20.51 27.57 -21.84
CA LEU K 68 21.44 27.48 -22.97
C LEU K 68 22.40 28.66 -22.99
N VAL K 69 21.90 29.86 -22.70
CA VAL K 69 22.78 31.02 -22.70
C VAL K 69 23.89 30.84 -21.68
N VAL K 70 23.53 30.48 -20.46
CA VAL K 70 24.55 30.28 -19.44
C VAL K 70 25.48 29.13 -19.82
N SER K 71 24.91 28.07 -20.40
CA SER K 71 25.70 26.90 -20.73
C SER K 71 26.75 27.23 -21.79
N VAL K 72 26.37 27.98 -22.82
CA VAL K 72 27.33 28.35 -23.84
C VAL K 72 28.35 29.33 -23.30
N LEU K 73 27.95 30.26 -22.42
CA LEU K 73 28.93 31.15 -21.81
C LEU K 73 29.98 30.36 -21.04
N VAL K 74 29.52 29.41 -20.21
CA VAL K 74 30.45 28.58 -19.45
C VAL K 74 31.31 27.75 -20.39
N CYS K 75 30.70 27.17 -21.43
CA CYS K 75 31.43 26.40 -22.41
C CYS K 75 32.60 27.18 -22.99
N TYR K 76 32.34 28.41 -23.42
CA TYR K 76 33.40 29.25 -23.96
C TYR K 76 34.33 29.78 -22.88
N SER K 77 33.96 29.65 -21.61
CA SER K 77 34.87 30.01 -20.53
C SER K 77 35.79 28.86 -20.12
N LEU K 78 35.56 27.65 -20.65
CA LEU K 78 36.35 26.50 -20.24
C LEU K 78 37.76 26.58 -20.82
N GLY K 79 38.68 25.87 -20.17
CA GLY K 79 40.04 25.78 -20.65
C GLY K 79 40.78 24.70 -19.88
N GLN K 80 41.83 24.19 -20.51
CA GLN K 80 42.61 23.12 -19.88
C GLN K 80 43.35 23.65 -18.66
N LYS K 81 43.87 24.87 -18.73
CA LYS K 81 44.66 25.46 -17.66
C LYS K 81 43.82 26.29 -16.70
N GLN K 82 42.51 26.28 -16.85
CA GLN K 82 41.67 27.17 -16.05
C GLN K 82 41.87 26.91 -14.57
N ALA K 83 41.84 27.99 -13.78
CA ALA K 83 42.04 27.89 -12.35
C ALA K 83 40.90 27.10 -11.71
N LEU K 84 41.20 26.44 -10.60
CA LEU K 84 40.17 25.73 -9.88
C LEU K 84 39.05 26.66 -9.46
N TYR K 85 39.39 27.92 -9.18
CA TYR K 85 38.37 28.91 -8.85
C TYR K 85 37.42 29.12 -10.02
N THR K 86 37.96 29.17 -11.24
CA THR K 86 37.11 29.30 -12.41
C THR K 86 36.20 28.09 -12.54
N GLY K 87 36.72 26.89 -12.27
CA GLY K 87 35.87 25.71 -12.30
C GLY K 87 34.74 25.79 -11.28
N PHE K 88 35.07 26.22 -10.06
CA PHE K 88 34.05 26.36 -9.04
C PHE K 88 33.00 27.39 -9.43
N ILE K 89 33.44 28.52 -9.99
CA ILE K 89 32.50 29.57 -10.36
C ILE K 89 31.62 29.13 -11.52
N GLN K 90 32.18 28.41 -12.49
CA GLN K 90 31.38 27.89 -13.59
C GLN K 90 30.37 26.86 -13.09
N LEU K 91 30.79 26.00 -12.16
CA LEU K 91 29.85 25.06 -11.57
C LEU K 91 28.76 25.78 -10.79
N GLY K 92 29.12 26.83 -10.06
CA GLY K 92 28.12 27.60 -9.34
C GLY K 92 27.12 28.27 -10.26
N ALA K 93 27.61 28.86 -11.35
CA ALA K 93 26.72 29.49 -12.32
C ALA K 93 25.82 28.45 -12.97
N GLY K 94 26.39 27.30 -13.35
CA GLY K 94 25.59 26.25 -13.96
C GLY K 94 24.51 25.76 -13.03
N LEU K 95 24.88 25.46 -11.78
CA LEU K 95 23.87 24.99 -10.82
C LEU K 95 22.82 26.06 -10.56
N SER K 96 23.24 27.31 -10.39
CA SER K 96 22.29 28.40 -10.20
C SER K 96 21.26 28.40 -11.33
N VAL K 97 21.71 28.61 -12.56
CA VAL K 97 20.76 28.73 -13.65
C VAL K 97 19.97 27.45 -13.80
N GLY K 98 20.61 26.29 -13.73
CA GLY K 98 19.95 25.03 -13.94
C GLY K 98 18.85 24.75 -12.94
N LEU K 99 19.17 24.75 -11.65
CA LEU K 99 18.17 24.40 -10.66
C LEU K 99 17.18 25.52 -10.41
N SER K 100 17.58 26.79 -10.58
CA SER K 100 16.60 27.87 -10.54
C SER K 100 15.60 27.72 -11.69
N GLY K 101 16.08 27.39 -12.88
CA GLY K 101 15.18 27.16 -14.00
C GLY K 101 14.39 25.88 -13.84
N LEU K 102 14.91 24.92 -13.09
CA LEU K 102 14.14 23.72 -12.77
C LEU K 102 12.95 24.06 -11.88
N ALA K 103 13.19 24.84 -10.84
CA ALA K 103 12.09 25.29 -9.99
C ALA K 103 11.12 26.15 -10.79
N ALA K 104 11.64 27.03 -11.63
CA ALA K 104 10.79 27.88 -12.45
C ALA K 104 9.96 27.05 -13.42
N GLY K 105 10.56 25.99 -13.99
CA GLY K 105 9.83 25.14 -14.90
C GLY K 105 8.75 24.33 -14.22
N PHE K 106 9.02 23.83 -13.00
CA PHE K 106 7.97 23.16 -12.25
C PHE K 106 6.81 24.11 -11.95
N ALA K 107 7.14 25.32 -11.49
CA ALA K 107 6.10 26.30 -11.22
C ALA K 107 5.33 26.64 -12.47
N ILE K 108 6.01 26.83 -13.60
CA ILE K 108 5.35 27.16 -14.84
C ILE K 108 4.46 26.02 -15.30
N GLY K 109 4.92 24.77 -15.14
CA GLY K 109 4.08 23.66 -15.54
C GLY K 109 2.80 23.57 -14.74
N ILE K 110 2.92 23.63 -13.41
CA ILE K 110 1.72 23.52 -12.58
C ILE K 110 0.79 24.70 -12.82
N VAL K 111 1.35 25.92 -12.81
CA VAL K 111 0.54 27.12 -12.99
C VAL K 111 -0.09 27.14 -14.38
N GLY K 112 0.66 26.73 -15.41
CA GLY K 112 0.10 26.74 -16.75
C GLY K 112 -1.00 25.72 -16.90
N ASP K 113 -0.82 24.52 -16.36
CA ASP K 113 -1.89 23.54 -16.40
C ASP K 113 -3.16 24.10 -15.75
N ALA K 114 -3.03 24.60 -14.52
CA ALA K 114 -4.21 25.10 -13.81
C ALA K 114 -4.82 26.30 -14.52
N GLY K 115 -3.99 27.24 -14.97
CA GLY K 115 -4.48 28.45 -15.59
C GLY K 115 -5.14 28.19 -16.94
N VAL K 116 -4.57 27.28 -17.74
CA VAL K 116 -5.19 26.92 -19.00
C VAL K 116 -6.54 26.26 -18.75
N ARG K 117 -6.59 25.33 -17.80
CA ARG K 117 -7.86 24.67 -17.51
C ARG K 117 -8.91 25.67 -17.06
N GLY K 118 -8.52 26.60 -16.19
CA GLY K 118 -9.46 27.61 -15.74
C GLY K 118 -9.90 28.56 -16.84
N SER K 119 -8.94 29.03 -17.64
CA SER K 119 -9.25 30.03 -18.67
C SER K 119 -10.09 29.45 -19.77
N SER K 120 -9.97 28.14 -20.04
CA SER K 120 -10.87 27.52 -20.99
C SER K 120 -12.33 27.69 -20.57
N GLN K 121 -12.57 27.87 -19.27
CA GLN K 121 -13.92 28.07 -18.75
C GLN K 121 -14.26 29.54 -18.57
N GLN K 122 -13.27 30.41 -18.40
CA GLN K 122 -13.51 31.84 -18.20
C GLN K 122 -12.36 32.63 -18.82
N PRO K 123 -12.61 33.43 -19.86
CA PRO K 123 -11.51 34.22 -20.45
C PRO K 123 -10.81 35.14 -19.47
N ARG K 124 -11.54 35.73 -18.52
CA ARG K 124 -10.95 36.76 -17.67
C ARG K 124 -9.78 36.24 -16.85
N LEU K 125 -9.70 34.92 -16.62
CA LEU K 125 -8.58 34.38 -15.85
C LEU K 125 -7.29 34.35 -16.64
N PHE K 126 -7.36 34.37 -17.97
CA PHE K 126 -6.14 34.26 -18.77
C PHE K 126 -5.10 35.28 -18.33
N VAL K 127 -5.49 36.55 -18.27
CA VAL K 127 -4.54 37.58 -17.84
C VAL K 127 -3.96 37.22 -16.49
N GLY K 128 -4.80 36.82 -15.54
CA GLY K 128 -4.29 36.40 -14.24
C GLY K 128 -3.22 35.33 -14.40
N MET K 129 -3.51 34.30 -15.18
CA MET K 129 -2.53 33.25 -15.40
C MET K 129 -1.21 33.87 -15.84
N ILE K 130 -1.25 34.79 -16.81
CA ILE K 130 -0.01 35.37 -17.30
C ILE K 130 0.78 35.96 -16.16
N LEU K 131 0.12 36.75 -15.30
CA LEU K 131 0.83 37.33 -14.16
C LEU K 131 1.50 36.23 -13.35
N ILE K 132 0.75 35.20 -12.98
CA ILE K 132 1.35 34.14 -12.19
C ILE K 132 2.52 33.55 -12.95
N LEU K 133 2.35 33.29 -14.24
CA LEU K 133 3.43 32.71 -15.02
C LEU K 133 4.64 33.63 -15.01
N ILE K 134 4.43 34.94 -15.15
CA ILE K 134 5.56 35.86 -15.06
C ILE K 134 6.26 35.70 -13.73
N PHE K 135 5.48 35.63 -12.65
CA PHE K 135 6.10 35.50 -11.32
C PHE K 135 6.85 34.19 -11.19
N ALA K 136 6.50 33.19 -12.00
CA ALA K 136 7.30 31.98 -12.05
C ALA K 136 8.46 32.14 -13.04
N GLU K 137 8.21 32.81 -14.16
CA GLU K 137 9.26 32.96 -15.17
C GLU K 137 10.47 33.65 -14.59
N VAL K 138 10.26 34.71 -13.81
CA VAL K 138 11.38 35.46 -13.25
C VAL K 138 12.23 34.59 -12.34
N LEU K 139 11.66 33.53 -11.77
CA LEU K 139 12.48 32.63 -10.96
C LEU K 139 13.65 32.11 -11.78
N GLY K 140 13.41 31.77 -13.04
CA GLY K 140 14.53 31.43 -13.91
C GLY K 140 15.41 32.63 -14.19
N LEU K 141 14.80 33.79 -14.44
CA LEU K 141 15.58 34.98 -14.77
C LEU K 141 16.56 35.31 -13.65
N TYR K 142 16.10 35.28 -12.40
CA TYR K 142 17.03 35.45 -11.29
C TYR K 142 18.16 34.46 -11.38
N GLY K 143 17.83 33.17 -11.54
CA GLY K 143 18.87 32.17 -11.69
C GLY K 143 19.80 32.49 -12.84
N LEU K 144 19.27 33.12 -13.88
CA LEU K 144 20.12 33.54 -15.00
C LEU K 144 21.05 34.66 -14.57
N ILE K 145 20.50 35.69 -13.92
CA ILE K 145 21.31 36.85 -13.57
C ILE K 145 22.50 36.43 -12.73
N VAL K 146 22.24 35.66 -11.66
CA VAL K 146 23.33 35.16 -10.83
C VAL K 146 24.31 34.36 -11.66
N ALA K 147 23.82 33.54 -12.58
CA ALA K 147 24.71 32.75 -13.40
C ALA K 147 25.57 33.63 -14.29
N LEU K 148 25.04 34.77 -14.75
CA LEU K 148 25.87 35.70 -15.50
C LEU K 148 26.87 36.38 -14.59
N LEU K 149 26.42 36.88 -13.44
CA LEU K 149 27.34 37.56 -12.52
C LEU K 149 28.47 36.63 -12.11
N LEU K 150 28.14 35.43 -11.63
CA LEU K 150 29.17 34.44 -11.35
C LEU K 150 30.08 34.26 -12.56
N ASN K 151 29.49 34.15 -13.75
CA ASN K 151 30.30 33.96 -14.94
C ASN K 151 31.17 35.17 -15.21
N SER K 152 30.66 36.37 -14.94
CA SER K 152 31.46 37.56 -15.18
C SER K 152 32.68 37.60 -14.27
N ARG K 153 32.60 36.96 -13.10
CA ARG K 153 33.71 36.91 -12.17
C ARG K 153 34.55 35.64 -12.31
N ALA K 154 34.20 34.75 -13.23
CA ALA K 154 34.85 33.45 -13.30
C ALA K 154 36.30 33.54 -13.76
N THR K 155 36.72 34.67 -14.30
CA THR K 155 38.09 34.83 -14.76
C THR K 155 38.69 36.18 -14.40
N GLN K 156 37.95 37.05 -13.72
CA GLN K 156 38.51 38.34 -13.32
C GLN K 156 39.44 38.14 -12.12
N ASP K 157 40.63 38.73 -12.22
CA ASP K 157 41.63 38.66 -11.16
C ASP K 157 42.04 37.21 -10.85
N VAL K 158 41.98 36.34 -11.86
CA VAL K 158 42.43 34.96 -11.70
C VAL K 158 43.85 34.83 -12.23
N VAL K 159 44.67 34.02 -11.57
CA VAL K 159 46.06 33.87 -11.94
C VAL K 159 46.46 32.41 -11.92
N THR L 2 51.85 11.46 -18.23
CA THR L 2 51.74 12.91 -18.20
C THR L 2 50.67 13.32 -17.19
N GLU L 3 50.87 14.48 -16.57
CA GLU L 3 49.90 14.95 -15.58
C GLU L 3 48.65 15.51 -16.24
N LEU L 4 48.81 16.17 -17.39
CA LEU L 4 47.67 16.68 -18.13
C LEU L 4 46.94 15.59 -18.91
N CYS L 5 47.59 14.45 -19.15
CA CYS L 5 47.01 13.35 -19.91
C CYS L 5 47.17 12.05 -19.12
N PRO L 6 46.44 11.90 -18.02
CA PRO L 6 46.56 10.68 -17.22
C PRO L 6 46.13 9.46 -18.02
N VAL L 7 46.44 8.28 -17.46
CA VAL L 7 46.01 7.04 -18.09
C VAL L 7 44.49 6.94 -18.08
N TYR L 8 43.86 7.45 -17.01
CA TYR L 8 42.42 7.36 -16.86
C TYR L 8 41.67 8.49 -17.56
N ALA L 9 42.35 9.30 -18.37
CA ALA L 9 41.67 10.36 -19.08
C ALA L 9 40.58 9.85 -20.00
N PRO L 10 40.78 8.79 -20.81
CA PRO L 10 39.72 8.35 -21.72
C PRO L 10 38.44 7.92 -21.03
N PHE L 11 38.50 7.51 -19.76
CA PHE L 11 37.29 7.06 -19.08
C PHE L 11 36.17 8.06 -19.23
N PHE L 12 36.40 9.30 -18.78
CA PHE L 12 35.36 10.31 -18.85
C PHE L 12 34.89 10.52 -20.27
N GLY L 13 35.77 10.33 -21.25
CA GLY L 13 35.34 10.39 -22.64
C GLY L 13 34.43 9.23 -22.99
N ALA L 14 34.84 8.01 -22.66
CA ALA L 14 34.04 6.84 -23.01
C ALA L 14 32.66 6.91 -22.35
N ILE L 15 32.63 7.15 -21.04
CA ILE L 15 31.35 7.31 -20.35
C ILE L 15 30.59 8.51 -20.89
N GLY L 16 31.28 9.49 -21.47
CA GLY L 16 30.57 10.52 -22.22
C GLY L 16 29.96 9.97 -23.49
N CYS L 17 30.75 9.25 -24.28
CA CYS L 17 30.25 8.66 -25.52
C CYS L 17 29.00 7.84 -25.26
N ALA L 18 29.05 6.96 -24.25
CA ALA L 18 27.87 6.18 -23.89
C ALA L 18 26.73 7.09 -23.46
N SER L 19 27.01 8.06 -22.59
CA SER L 19 25.94 8.84 -22.00
C SER L 19 25.15 9.61 -23.05
N ALA L 20 25.80 10.01 -24.14
CA ALA L 20 25.07 10.71 -25.19
C ALA L 20 24.01 9.83 -25.81
N ILE L 21 24.33 8.55 -26.03
CA ILE L 21 23.39 7.67 -26.71
C ILE L 21 22.50 6.93 -25.72
N ILE L 22 22.99 6.63 -24.52
CA ILE L 22 22.16 5.97 -23.53
C ILE L 22 20.96 6.85 -23.18
N PHE L 23 21.22 8.01 -22.58
CA PHE L 23 20.15 8.83 -22.05
C PHE L 23 19.20 9.33 -23.13
N THR L 24 19.73 9.80 -24.26
CA THR L 24 18.85 10.14 -25.38
C THR L 24 17.93 8.98 -25.70
N SER L 25 18.46 7.75 -25.78
CA SER L 25 17.59 6.60 -25.98
C SER L 25 16.59 6.46 -24.85
N LEU L 26 17.05 6.58 -23.60
CA LEU L 26 16.11 6.53 -22.48
C LEU L 26 15.05 7.62 -22.62
N GLY L 27 15.37 8.70 -23.33
CA GLY L 27 14.34 9.65 -23.69
C GLY L 27 13.56 9.20 -24.91
N ALA L 28 14.28 8.87 -25.99
CA ALA L 28 13.62 8.49 -27.22
C ALA L 28 12.71 7.29 -27.03
N ALA L 29 13.12 6.35 -26.19
CA ALA L 29 12.24 5.22 -25.85
C ALA L 29 10.99 5.73 -25.16
N TYR L 30 11.15 6.53 -24.10
CA TYR L 30 9.99 7.02 -23.37
C TYR L 30 9.06 7.79 -24.30
N GLY L 31 9.62 8.74 -25.05
CA GLY L 31 8.81 9.47 -26.02
C GLY L 31 8.16 8.53 -27.02
N THR L 32 8.90 7.50 -27.44
CA THR L 32 8.32 6.54 -28.38
C THR L 32 7.39 5.57 -27.68
N ALA L 33 7.56 5.39 -26.37
CA ALA L 33 6.70 4.44 -25.65
C ALA L 33 5.38 5.08 -25.26
N LYS L 34 5.43 6.17 -24.48
CA LYS L 34 4.19 6.79 -24.04
C LYS L 34 3.38 7.34 -25.21
N SER L 35 4.06 7.70 -26.30
CA SER L 35 3.33 8.04 -27.52
C SER L 35 2.77 6.80 -28.18
N GLY L 36 3.57 5.73 -28.25
CA GLY L 36 3.13 4.53 -28.93
C GLY L 36 1.84 3.97 -28.36
N VAL L 37 1.71 3.97 -27.04
CA VAL L 37 0.44 3.56 -26.44
C VAL L 37 -0.67 4.51 -26.87
N GLY L 38 -0.42 5.82 -26.76
CA GLY L 38 -1.46 6.78 -27.07
C GLY L 38 -2.01 6.62 -28.47
N ILE L 39 -1.11 6.49 -29.45
CA ILE L 39 -1.54 6.23 -30.81
C ILE L 39 -2.39 4.97 -30.86
N CYS L 40 -1.88 3.89 -30.28
CA CYS L 40 -2.62 2.63 -30.31
C CYS L 40 -3.94 2.75 -29.56
N ALA L 41 -4.08 3.74 -28.69
CA ALA L 41 -5.33 3.92 -27.97
C ALA L 41 -6.36 4.65 -28.84
N THR L 42 -5.89 5.50 -29.76
CA THR L 42 -6.82 6.30 -30.54
C THR L 42 -7.16 5.64 -31.87
N CYS L 43 -6.17 5.10 -32.56
CA CYS L 43 -6.37 4.56 -33.90
C CYS L 43 -7.19 3.28 -33.89
N VAL L 44 -7.46 2.68 -32.73
CA VAL L 44 -8.44 1.61 -32.67
C VAL L 44 -9.82 2.15 -33.02
N LEU L 45 -10.06 3.44 -32.78
CA LEU L 45 -11.31 4.08 -33.15
C LEU L 45 -11.23 4.72 -34.55
N ARG L 46 -10.21 5.54 -34.79
CA ARG L 46 -10.06 6.24 -36.06
C ARG L 46 -8.68 5.98 -36.64
N PRO L 47 -8.53 4.97 -37.50
CA PRO L 47 -7.21 4.65 -38.05
C PRO L 47 -6.67 5.69 -39.02
N ASP L 48 -7.51 6.62 -39.50
CA ASP L 48 -7.05 7.60 -40.48
C ASP L 48 -5.94 8.50 -39.93
N LEU L 49 -5.83 8.61 -38.61
CA LEU L 49 -4.82 9.45 -38.00
C LEU L 49 -3.50 8.75 -37.78
N LEU L 50 -3.35 7.50 -38.24
CA LEU L 50 -2.15 6.74 -37.96
C LEU L 50 -0.90 7.47 -38.44
N PHE L 51 -0.94 8.03 -39.64
CA PHE L 51 0.19 8.73 -40.21
C PHE L 51 0.18 10.22 -39.93
N LYS L 52 -0.79 10.70 -39.16
CA LYS L 52 -0.75 12.03 -38.56
C LYS L 52 -0.37 11.97 -37.10
N ASN L 53 -0.71 10.89 -36.41
CA ASN L 53 -0.37 10.72 -35.01
C ASN L 53 1.02 10.11 -34.82
N ILE L 54 1.77 9.90 -35.91
CA ILE L 54 3.11 9.33 -35.80
C ILE L 54 4.15 10.39 -35.49
N VAL L 55 3.77 11.67 -35.46
CA VAL L 55 4.75 12.74 -35.26
C VAL L 55 5.46 12.61 -33.93
N PRO L 56 4.79 12.36 -32.81
CA PRO L 56 5.52 12.24 -31.54
C PRO L 56 6.63 11.21 -31.59
N VAL L 57 6.39 10.09 -32.26
CA VAL L 57 7.41 9.07 -32.39
C VAL L 57 8.59 9.59 -33.20
N ILE L 58 8.30 10.36 -34.26
CA ILE L 58 9.38 10.88 -35.09
C ILE L 58 10.23 11.87 -34.32
N MET L 59 9.61 12.72 -33.50
CA MET L 59 10.40 13.65 -32.69
C MET L 59 11.22 12.92 -31.64
N ALA L 60 10.62 11.92 -31.00
CA ALA L 60 11.36 11.13 -30.03
C ALA L 60 12.53 10.42 -30.69
N GLY L 61 12.40 10.05 -31.97
CA GLY L 61 13.50 9.45 -32.71
C GLY L 61 14.56 10.45 -33.10
N ILE L 62 14.14 11.68 -33.38
CA ILE L 62 15.13 12.73 -33.66
C ILE L 62 15.96 13.01 -32.42
N ILE L 63 15.37 12.85 -31.24
CA ILE L 63 16.16 12.97 -30.02
C ILE L 63 17.29 11.94 -30.01
N ALA L 64 16.97 10.70 -30.36
CA ALA L 64 18.01 9.67 -30.45
C ALA L 64 19.02 9.98 -31.54
N ILE L 65 18.58 10.61 -32.63
CA ILE L 65 19.53 11.03 -33.66
C ILE L 65 20.51 12.05 -33.10
N TYR L 66 20.02 13.02 -32.32
CA TYR L 66 20.92 13.96 -31.66
C TYR L 66 21.92 13.21 -30.80
N GLY L 67 21.44 12.29 -29.97
CA GLY L 67 22.33 11.53 -29.12
C GLY L 67 23.38 10.78 -29.92
N LEU L 68 22.97 10.14 -31.02
CA LEU L 68 23.90 9.39 -31.84
C LEU L 68 24.95 10.30 -32.46
N VAL L 69 24.54 11.49 -32.92
CA VAL L 69 25.50 12.42 -33.51
C VAL L 69 26.56 12.79 -32.47
N VAL L 70 26.12 13.19 -31.27
CA VAL L 70 27.08 13.60 -30.26
C VAL L 70 27.97 12.43 -29.87
N SER L 71 27.39 11.24 -29.73
CA SER L 71 28.16 10.08 -29.33
C SER L 71 29.20 9.70 -30.38
N VAL L 72 28.84 9.77 -31.65
CA VAL L 72 29.80 9.45 -32.70
C VAL L 72 30.92 10.48 -32.73
N LEU L 73 30.59 11.76 -32.57
CA LEU L 73 31.65 12.76 -32.51
C LEU L 73 32.59 12.51 -31.33
N VAL L 74 32.02 12.22 -30.16
CA VAL L 74 32.84 11.95 -28.98
C VAL L 74 33.72 10.73 -29.21
N CYS L 75 33.15 9.67 -29.80
CA CYS L 75 33.89 8.45 -30.06
C CYS L 75 35.06 8.71 -30.99
N TYR L 76 34.83 9.46 -32.06
CA TYR L 76 35.92 9.80 -32.96
C TYR L 76 36.88 10.81 -32.36
N SER L 77 36.54 11.43 -31.23
CA SER L 77 37.45 12.32 -30.53
C SER L 77 38.18 11.64 -29.37
N LEU L 78 37.99 10.33 -29.18
CA LEU L 78 38.66 9.63 -28.09
C LEU L 78 40.09 9.29 -28.47
N GLY L 79 40.93 9.13 -27.46
CA GLY L 79 42.31 8.76 -27.68
C GLY L 79 42.95 8.24 -26.41
N GLN L 80 43.94 7.35 -26.56
CA GLN L 80 44.59 6.78 -25.39
C GLN L 80 45.32 7.85 -24.58
N LYS L 81 45.95 8.80 -25.29
CA LYS L 81 46.72 9.86 -24.65
C LYS L 81 46.01 11.20 -24.71
N GLN L 82 44.69 11.20 -24.65
CA GLN L 82 43.93 12.44 -24.62
C GLN L 82 44.09 13.13 -23.26
N ALA L 83 44.12 14.45 -23.30
CA ALA L 83 44.23 15.22 -22.08
C ALA L 83 43.01 15.01 -21.19
N LEU L 84 43.22 15.11 -19.88
CA LEU L 84 42.10 14.96 -18.96
C LEU L 84 41.03 16.01 -19.22
N TYR L 85 41.45 17.19 -19.69
CA TYR L 85 40.49 18.22 -20.05
C TYR L 85 39.61 17.76 -21.20
N THR L 86 40.21 17.06 -22.17
CA THR L 86 39.41 16.48 -23.26
C THR L 86 38.41 15.48 -22.71
N GLY L 87 38.82 14.64 -21.76
CA GLY L 87 37.89 13.69 -21.18
C GLY L 87 36.75 14.36 -20.47
N PHE L 88 37.04 15.41 -19.70
CA PHE L 88 35.99 16.13 -18.99
C PHE L 88 35.07 16.85 -19.97
N ILE L 89 35.61 17.43 -21.04
CA ILE L 89 34.78 18.07 -22.04
C ILE L 89 33.86 17.06 -22.70
N GLN L 90 34.38 15.88 -23.03
CA GLN L 90 33.55 14.87 -23.66
C GLN L 90 32.49 14.34 -22.69
N LEU L 91 32.84 14.19 -21.42
CA LEU L 91 31.82 13.82 -20.43
C LEU L 91 30.75 14.89 -20.34
N GLY L 92 31.14 16.16 -20.36
CA GLY L 92 30.16 17.23 -20.32
C GLY L 92 29.25 17.23 -21.52
N ALA L 93 29.82 17.02 -22.71
CA ALA L 93 29.01 16.95 -23.92
C ALA L 93 28.06 15.77 -23.87
N GLY L 94 28.55 14.60 -23.46
CA GLY L 94 27.69 13.44 -23.38
C GLY L 94 26.56 13.62 -22.40
N LEU L 95 26.86 14.07 -21.18
CA LEU L 95 25.81 14.30 -20.20
C LEU L 95 24.85 15.36 -20.65
N SER L 96 25.35 16.46 -21.22
CA SER L 96 24.48 17.52 -21.70
C SER L 96 23.49 16.98 -22.71
N VAL L 97 23.99 16.42 -23.82
CA VAL L 97 23.08 15.95 -24.85
C VAL L 97 22.18 14.85 -24.31
N GLY L 98 22.73 13.91 -23.55
CA GLY L 98 21.95 12.79 -23.06
C GLY L 98 20.82 13.19 -22.15
N LEU L 99 21.10 13.98 -21.12
CA LEU L 99 20.05 14.35 -20.18
C LEU L 99 19.12 15.42 -20.72
N SER L 100 19.61 16.34 -21.56
CA SER L 100 18.69 17.24 -22.25
C SER L 100 17.74 16.45 -23.14
N GLY L 101 18.25 15.46 -23.86
CA GLY L 101 17.39 14.64 -24.69
C GLY L 101 16.49 13.73 -23.88
N LEU L 102 16.91 13.37 -22.67
CA LEU L 102 16.04 12.61 -21.78
C LEU L 102 14.85 13.46 -21.34
N ALA L 103 15.11 14.71 -20.95
CA ALA L 103 14.02 15.62 -20.61
C ALA L 103 13.14 15.89 -21.82
N ALA L 104 13.75 16.08 -22.99
CA ALA L 104 12.98 16.30 -24.21
C ALA L 104 12.14 15.08 -24.55
N GLY L 105 12.67 13.88 -24.34
CA GLY L 105 11.91 12.68 -24.59
C GLY L 105 10.74 12.53 -23.65
N PHE L 106 10.94 12.84 -22.37
CA PHE L 106 9.83 12.81 -21.42
C PHE L 106 8.74 13.79 -21.84
N ALA L 107 9.14 15.02 -22.16
CA ALA L 107 8.17 16.03 -22.58
C ALA L 107 7.45 15.61 -23.86
N ILE L 108 8.20 15.07 -24.83
CA ILE L 108 7.57 14.65 -26.09
C ILE L 108 6.62 13.49 -25.85
N GLY L 109 7.00 12.55 -25.00
CA GLY L 109 6.10 11.44 -24.72
C GLY L 109 4.80 11.91 -24.11
N ILE L 110 4.87 12.75 -23.07
CA ILE L 110 3.66 13.22 -22.42
C ILE L 110 2.82 14.06 -23.38
N VAL L 111 3.45 15.01 -24.06
CA VAL L 111 2.73 15.90 -24.95
C VAL L 111 2.12 15.11 -26.10
N GLY L 112 2.86 14.17 -26.68
CA GLY L 112 2.34 13.40 -27.80
C GLY L 112 1.21 12.48 -27.40
N ASP L 113 1.33 11.84 -26.24
CA ASP L 113 0.22 11.03 -25.74
C ASP L 113 -1.03 11.88 -25.60
N ALA L 114 -0.93 13.01 -24.91
CA ALA L 114 -2.10 13.87 -24.74
C ALA L 114 -2.61 14.37 -26.09
N GLY L 115 -1.71 14.75 -26.99
CA GLY L 115 -2.13 15.33 -28.25
C GLY L 115 -2.81 14.33 -29.16
N VAL L 116 -2.31 13.09 -29.20
CA VAL L 116 -2.95 12.08 -30.03
C VAL L 116 -4.30 11.69 -29.43
N ARG L 117 -4.38 11.60 -28.11
CA ARG L 117 -5.66 11.27 -27.49
C ARG L 117 -6.67 12.38 -27.69
N GLY L 118 -6.22 13.64 -27.73
CA GLY L 118 -7.15 14.75 -27.85
C GLY L 118 -7.53 15.05 -29.29
N SER L 119 -6.58 14.94 -30.21
CA SER L 119 -6.83 15.32 -31.60
C SER L 119 -7.85 14.41 -32.26
N SER L 120 -8.04 13.19 -31.77
CA SER L 120 -9.09 12.34 -32.30
C SER L 120 -10.47 12.97 -32.08
N GLN L 121 -10.58 13.89 -31.13
CA GLN L 121 -11.82 14.61 -30.88
C GLN L 121 -11.85 16.00 -31.49
N GLN L 122 -10.68 16.63 -31.68
CA GLN L 122 -10.61 17.99 -32.21
C GLN L 122 -9.46 18.07 -33.21
N PRO L 123 -9.75 17.99 -34.51
CA PRO L 123 -8.66 18.08 -35.49
C PRO L 123 -7.83 19.35 -35.38
N ARG L 124 -8.46 20.48 -35.05
CA ARG L 124 -7.72 21.73 -34.92
C ARG L 124 -6.67 21.67 -33.81
N LEU L 125 -6.81 20.70 -32.90
CA LEU L 125 -5.81 20.52 -31.85
C LEU L 125 -4.48 20.02 -32.41
N PHE L 126 -4.50 19.35 -33.56
CA PHE L 126 -3.27 18.78 -34.10
C PHE L 126 -2.18 19.85 -34.23
N VAL L 127 -2.50 20.96 -34.90
CA VAL L 127 -1.50 22.01 -35.08
C VAL L 127 -0.95 22.48 -33.75
N GLY L 128 -1.79 22.46 -32.71
CA GLY L 128 -1.27 22.76 -31.38
C GLY L 128 -0.25 21.74 -30.93
N MET L 129 -0.62 20.46 -30.95
CA MET L 129 0.30 19.43 -30.48
C MET L 129 1.64 19.54 -31.18
N ILE L 130 1.62 19.51 -32.52
CA ILE L 130 2.85 19.69 -33.28
C ILE L 130 3.65 20.86 -32.71
N LEU L 131 3.01 22.02 -32.62
CA LEU L 131 3.73 23.20 -32.15
C LEU L 131 4.30 22.95 -30.76
N ILE L 132 3.49 22.45 -29.83
CA ILE L 132 4.00 22.16 -28.50
C ILE L 132 5.14 21.16 -28.59
N LEU L 133 4.99 20.12 -29.42
CA LEU L 133 6.07 19.16 -29.58
C LEU L 133 7.33 19.86 -30.05
N ILE L 134 7.20 20.79 -31.00
CA ILE L 134 8.38 21.47 -31.51
C ILE L 134 9.11 22.17 -30.39
N PHE L 135 8.38 22.65 -29.38
CA PHE L 135 9.03 23.23 -28.22
C PHE L 135 9.77 22.17 -27.43
N ALA L 136 9.09 21.07 -27.09
CA ALA L 136 9.76 20.01 -26.35
C ALA L 136 10.94 19.44 -27.13
N GLU L 137 10.74 19.21 -28.43
CA GLU L 137 11.84 18.78 -29.28
C GLU L 137 13.02 19.75 -29.19
N VAL L 138 12.73 21.05 -29.12
CA VAL L 138 13.81 22.02 -29.06
C VAL L 138 14.66 21.82 -27.82
N LEU L 139 14.06 21.35 -26.72
CA LEU L 139 14.86 21.09 -25.53
C LEU L 139 15.98 20.10 -25.82
N GLY L 140 15.72 19.12 -26.70
CA GLY L 140 16.79 18.25 -27.14
C GLY L 140 17.82 18.98 -27.97
N LEU L 141 17.36 19.82 -28.90
CA LEU L 141 18.28 20.50 -29.81
C LEU L 141 19.28 21.35 -29.05
N TYR L 142 18.81 22.06 -28.02
CA TYR L 142 19.72 22.83 -27.18
C TYR L 142 20.80 21.93 -26.60
N GLY L 143 20.42 20.77 -26.08
CA GLY L 143 21.41 19.83 -25.59
C GLY L 143 22.42 19.46 -26.65
N LEU L 144 21.98 19.35 -27.91
CA LEU L 144 22.92 19.13 -29.00
C LEU L 144 23.78 20.36 -29.23
N ILE L 145 23.16 21.56 -29.22
CA ILE L 145 23.89 22.77 -29.53
C ILE L 145 25.03 23.00 -28.55
N VAL L 146 24.84 22.68 -27.27
CA VAL L 146 25.87 22.90 -26.28
C VAL L 146 26.56 21.58 -25.96
N ALA L 147 26.37 20.59 -26.83
CA ALA L 147 27.18 19.38 -26.80
C ALA L 147 28.12 19.28 -27.98
N LEU L 148 27.81 19.96 -29.09
CA LEU L 148 28.79 20.15 -30.15
C LEU L 148 29.76 21.27 -29.79
N LEU L 149 29.22 22.43 -29.40
CA LEU L 149 30.07 23.51 -28.95
C LEU L 149 31.03 23.03 -27.88
N LEU L 150 30.51 22.35 -26.86
CA LEU L 150 31.37 21.79 -25.83
C LEU L 150 32.37 20.82 -26.42
N ASN L 151 31.90 19.93 -27.31
CA ASN L 151 32.81 19.00 -27.96
C ASN L 151 33.79 19.73 -28.87
N SER L 152 33.43 20.93 -29.33
CA SER L 152 34.37 21.72 -30.11
C SER L 152 35.56 22.15 -29.27
N ARG L 153 35.35 22.32 -27.96
CA ARG L 153 36.43 22.70 -27.06
C ARG L 153 37.33 21.52 -26.71
N ALA L 154 36.91 20.30 -27.02
CA ALA L 154 37.58 19.12 -26.48
C ALA L 154 39.06 19.09 -26.86
N THR L 155 39.39 19.38 -28.11
CA THR L 155 40.77 19.30 -28.59
C THR L 155 41.30 20.64 -29.06
N GLN L 156 40.71 21.75 -28.64
CA GLN L 156 41.15 23.07 -29.05
C GLN L 156 42.19 23.59 -28.06
N ASP L 157 43.40 23.85 -28.54
CA ASP L 157 44.48 24.37 -27.71
C ASP L 157 44.73 23.48 -26.50
N VAL L 158 44.70 22.17 -26.72
CA VAL L 158 44.97 21.19 -25.67
C VAL L 158 46.39 20.68 -25.83
N VAL L 159 47.13 20.66 -24.72
CA VAL L 159 48.53 20.21 -24.75
C VAL L 159 48.67 18.93 -23.95
N THR M 2 52.83 -1.77 -17.13
CA THR M 2 53.02 -0.42 -17.63
C THR M 2 52.05 0.55 -16.98
N GLU M 3 52.29 1.85 -17.14
CA GLU M 3 51.35 2.84 -16.63
C GLU M 3 50.10 2.92 -17.50
N LEU M 4 50.28 2.90 -18.82
CA LEU M 4 49.16 2.91 -19.74
C LEU M 4 48.39 1.60 -19.74
N CYS M 5 48.94 0.56 -19.14
CA CYS M 5 48.38 -0.79 -19.22
C CYS M 5 48.35 -1.45 -17.84
N PRO M 6 47.51 -0.99 -16.93
CA PRO M 6 47.51 -1.55 -15.57
C PRO M 6 46.95 -2.97 -15.54
N VAL M 7 47.23 -3.65 -14.44
CA VAL M 7 46.76 -5.03 -14.28
C VAL M 7 45.24 -5.06 -14.15
N TYR M 8 44.64 -3.96 -13.71
CA TYR M 8 43.19 -3.90 -13.56
C TYR M 8 42.49 -3.44 -14.83
N ALA M 9 43.22 -3.26 -15.93
CA ALA M 9 42.59 -2.82 -17.17
C ALA M 9 41.56 -3.81 -17.69
N PRO M 10 41.80 -5.12 -17.73
CA PRO M 10 40.79 -6.04 -18.28
C PRO M 10 39.48 -6.03 -17.54
N PHE M 11 39.44 -5.59 -16.28
CA PHE M 11 38.19 -5.56 -15.55
C PHE M 11 37.12 -4.81 -16.33
N PHE M 12 37.43 -3.58 -16.74
CA PHE M 12 36.46 -2.78 -17.46
C PHE M 12 36.10 -3.42 -18.80
N GLY M 13 37.02 -4.18 -19.38
CA GLY M 13 36.67 -4.96 -20.55
C GLY M 13 35.63 -6.03 -20.22
N ALA M 14 35.87 -6.77 -19.14
CA ALA M 14 34.94 -7.84 -18.77
C ALA M 14 33.56 -7.28 -18.46
N ILE M 15 33.49 -6.22 -17.65
CA ILE M 15 32.21 -5.58 -17.38
C ILE M 15 31.64 -4.99 -18.65
N GLY M 16 32.50 -4.62 -19.61
CA GLY M 16 32.01 -4.23 -20.92
C GLY M 16 31.44 -5.40 -21.68
N CYS M 17 32.07 -6.58 -21.56
CA CYS M 17 31.52 -7.78 -22.18
C CYS M 17 30.21 -8.18 -21.53
N ALA M 18 30.16 -8.20 -20.20
CA ALA M 18 28.95 -8.60 -19.51
C ALA M 18 27.83 -7.60 -19.74
N SER M 19 28.10 -6.31 -19.51
CA SER M 19 27.05 -5.31 -19.59
C SER M 19 26.41 -5.28 -20.97
N ALA M 20 27.14 -5.68 -22.00
CA ALA M 20 26.57 -5.70 -23.34
C ALA M 20 25.42 -6.68 -23.43
N ILE M 21 25.57 -7.86 -22.83
CA ILE M 21 24.57 -8.91 -22.98
C ILE M 21 23.59 -8.86 -21.81
N ILE M 22 24.07 -8.42 -20.64
CA ILE M 22 23.17 -8.32 -19.50
C ILE M 22 22.04 -7.36 -19.82
N PHE M 23 22.36 -6.09 -20.03
CA PHE M 23 21.34 -5.05 -20.14
C PHE M 23 20.45 -5.24 -21.34
N THR M 24 21.00 -5.67 -22.48
CA THR M 24 20.13 -6.04 -23.59
C THR M 24 19.23 -7.20 -23.21
N SER M 25 19.79 -8.23 -22.58
CA SER M 25 18.97 -9.38 -22.20
C SER M 25 17.87 -8.97 -21.23
N LEU M 26 18.13 -7.98 -20.38
CA LEU M 26 17.05 -7.41 -19.58
C LEU M 26 16.03 -6.74 -20.49
N GLY M 27 16.48 -5.82 -21.34
CA GLY M 27 15.53 -5.16 -22.23
C GLY M 27 14.80 -6.14 -23.11
N ALA M 28 15.56 -6.99 -23.81
CA ALA M 28 14.92 -8.02 -24.62
C ALA M 28 13.97 -8.87 -23.81
N ALA M 29 14.26 -9.09 -22.52
CA ALA M 29 13.32 -9.81 -21.68
C ALA M 29 12.06 -9.00 -21.47
N TYR M 30 12.20 -7.74 -21.07
CA TYR M 30 11.04 -6.90 -20.87
C TYR M 30 10.21 -6.80 -22.14
N GLY M 31 10.85 -6.50 -23.26
CA GLY M 31 10.15 -6.49 -24.53
C GLY M 31 9.48 -7.82 -24.82
N THR M 32 10.16 -8.92 -24.50
CA THR M 32 9.56 -10.23 -24.70
C THR M 32 8.53 -10.54 -23.62
N ALA M 33 8.68 -9.93 -22.44
CA ALA M 33 7.75 -10.20 -21.36
C ALA M 33 6.46 -9.42 -21.54
N LYS M 34 6.55 -8.08 -21.55
CA LYS M 34 5.35 -7.27 -21.62
C LYS M 34 4.58 -7.54 -22.91
N SER M 35 5.28 -7.72 -24.04
CA SER M 35 4.60 -8.13 -25.26
C SER M 35 4.08 -9.55 -25.13
N GLY M 36 4.87 -10.44 -24.54
CA GLY M 36 4.46 -11.83 -24.46
C GLY M 36 3.14 -12.02 -23.75
N VAL M 37 2.94 -11.30 -22.65
CA VAL M 37 1.64 -11.33 -21.99
C VAL M 37 0.58 -10.75 -22.91
N GLY M 38 0.86 -9.60 -23.53
CA GLY M 38 -0.15 -8.97 -24.37
C GLY M 38 -0.63 -9.90 -25.47
N ILE M 39 0.30 -10.54 -26.16
CA ILE M 39 -0.07 -11.52 -27.16
C ILE M 39 -0.93 -12.61 -26.54
N CYS M 40 -0.47 -13.18 -25.42
CA CYS M 40 -1.25 -14.22 -24.77
C CYS M 40 -2.58 -13.70 -24.27
N ALA M 41 -2.71 -12.38 -24.11
CA ALA M 41 -3.99 -11.81 -23.68
C ALA M 41 -4.97 -11.71 -24.84
N THR M 42 -4.46 -11.54 -26.06
CA THR M 42 -5.34 -11.25 -27.20
C THR M 42 -5.55 -12.46 -28.08
N CYS M 43 -4.54 -13.31 -28.25
CA CYS M 43 -4.65 -14.46 -29.13
C CYS M 43 -5.62 -15.50 -28.61
N VAL M 44 -6.06 -15.39 -27.35
CA VAL M 44 -7.08 -16.30 -26.84
C VAL M 44 -8.36 -16.14 -27.65
N LEU M 45 -8.77 -14.89 -27.91
CA LEU M 45 -9.95 -14.64 -28.72
C LEU M 45 -9.67 -14.82 -30.20
N ARG M 46 -8.48 -14.43 -30.65
CA ARG M 46 -8.14 -14.38 -32.08
C ARG M 46 -6.83 -15.11 -32.31
N PRO M 47 -6.84 -16.44 -32.19
CA PRO M 47 -5.59 -17.20 -32.38
C PRO M 47 -4.96 -17.04 -33.76
N ASP M 48 -5.75 -16.77 -34.79
CA ASP M 48 -5.19 -16.67 -36.13
C ASP M 48 -4.17 -15.54 -36.24
N LEU M 49 -4.34 -14.49 -35.45
CA LEU M 49 -3.40 -13.37 -35.47
C LEU M 49 -2.07 -13.71 -34.83
N LEU M 50 -1.95 -14.89 -34.23
CA LEU M 50 -0.78 -15.22 -33.41
C LEU M 50 0.52 -14.87 -34.14
N PHE M 51 0.79 -15.55 -35.25
CA PHE M 51 2.07 -15.40 -35.91
C PHE M 51 2.30 -14.00 -36.46
N LYS M 52 1.25 -13.17 -36.53
CA LYS M 52 1.44 -11.76 -36.81
C LYS M 52 1.72 -10.99 -35.54
N ASN M 53 0.88 -11.17 -34.52
CA ASN M 53 1.02 -10.42 -33.27
C ASN M 53 2.32 -10.74 -32.56
N ILE M 54 3.14 -11.66 -33.09
CA ILE M 54 4.43 -11.95 -32.48
C ILE M 54 5.55 -11.12 -33.05
N VAL M 55 5.27 -10.14 -33.91
CA VAL M 55 6.33 -9.26 -34.39
C VAL M 55 6.95 -8.51 -33.21
N PRO M 56 6.20 -8.00 -32.23
CA PRO M 56 6.86 -7.25 -31.15
C PRO M 56 7.86 -8.09 -30.38
N VAL M 57 7.61 -9.39 -30.22
CA VAL M 57 8.58 -10.25 -29.55
C VAL M 57 9.84 -10.37 -30.38
N ILE M 58 9.72 -10.64 -31.67
CA ILE M 58 10.89 -10.78 -32.53
C ILE M 58 11.75 -9.53 -32.44
N MET M 59 11.13 -8.36 -32.62
CA MET M 59 11.89 -7.12 -32.59
C MET M 59 12.56 -6.92 -31.23
N ALA M 60 11.99 -7.46 -30.16
CA ALA M 60 12.68 -7.42 -28.88
C ALA M 60 13.84 -8.40 -28.84
N GLY M 61 13.63 -9.61 -29.35
CA GLY M 61 14.71 -10.57 -29.38
C GLY M 61 15.92 -10.06 -30.14
N ILE M 62 15.68 -9.36 -31.25
CA ILE M 62 16.79 -8.80 -32.02
C ILE M 62 17.66 -7.93 -31.13
N ILE M 63 17.04 -7.19 -30.22
CA ILE M 63 17.83 -6.33 -29.33
C ILE M 63 18.90 -7.15 -28.63
N ALA M 64 18.49 -8.28 -28.03
CA ALA M 64 19.46 -9.15 -27.39
C ALA M 64 20.60 -9.52 -28.32
N ILE M 65 20.30 -9.87 -29.57
CA ILE M 65 21.34 -10.24 -30.50
C ILE M 65 22.35 -9.10 -30.64
N TYR M 66 21.88 -7.86 -30.75
CA TYR M 66 22.80 -6.75 -30.76
C TYR M 66 23.80 -6.86 -29.62
N GLY M 67 23.30 -6.95 -28.39
CA GLY M 67 24.21 -7.15 -27.27
C GLY M 67 25.15 -8.30 -27.51
N LEU M 68 24.60 -9.47 -27.86
CA LEU M 68 25.46 -10.62 -28.11
C LEU M 68 26.56 -10.26 -29.10
N VAL M 69 26.19 -9.64 -30.22
CA VAL M 69 27.20 -9.24 -31.20
C VAL M 69 28.30 -8.46 -30.49
N VAL M 70 27.94 -7.34 -29.87
CA VAL M 70 28.95 -6.53 -29.17
C VAL M 70 29.65 -7.38 -28.13
N SER M 71 28.88 -8.17 -27.38
CA SER M 71 29.49 -8.96 -26.32
C SER M 71 30.59 -9.85 -26.87
N VAL M 72 30.39 -10.43 -28.05
CA VAL M 72 31.43 -11.25 -28.63
C VAL M 72 32.58 -10.38 -29.10
N LEU M 73 32.28 -9.27 -29.77
CA LEU M 73 33.35 -8.43 -30.30
C LEU M 73 34.24 -7.90 -29.18
N VAL M 74 33.64 -7.50 -28.05
CA VAL M 74 34.43 -7.12 -26.89
C VAL M 74 35.15 -8.33 -26.32
N CYS M 75 34.47 -9.48 -26.26
CA CYS M 75 35.02 -10.64 -25.58
C CYS M 75 36.33 -11.10 -26.22
N TYR M 76 36.46 -10.92 -27.53
CA TYR M 76 37.69 -11.33 -28.22
C TYR M 76 38.77 -10.27 -28.18
N SER M 77 38.44 -9.06 -27.74
CA SER M 77 39.44 -8.01 -27.58
C SER M 77 40.06 -8.00 -26.19
N LEU M 78 39.51 -8.75 -25.25
CA LEU M 78 40.09 -8.82 -23.91
C LEU M 78 41.50 -9.40 -23.97
N GLY M 79 42.38 -8.87 -23.14
CA GLY M 79 43.72 -9.40 -23.02
C GLY M 79 44.27 -9.07 -21.65
N GLN M 80 45.15 -9.94 -21.17
CA GLN M 80 45.70 -9.73 -19.83
C GLN M 80 46.47 -8.42 -19.76
N LYS M 81 47.17 -8.07 -20.83
CA LYS M 81 48.00 -6.88 -20.89
C LYS M 81 47.41 -5.85 -21.86
N GLN M 82 46.09 -5.69 -21.83
CA GLN M 82 45.45 -4.67 -22.64
C GLN M 82 45.58 -3.31 -22.00
N ALA M 83 45.73 -2.28 -22.82
CA ALA M 83 45.80 -0.92 -22.31
C ALA M 83 44.56 -0.60 -21.51
N LEU M 84 44.67 0.45 -20.69
CA LEU M 84 43.50 0.91 -19.95
C LEU M 84 42.51 1.62 -20.87
N TYR M 85 43.02 2.25 -21.92
CA TYR M 85 42.14 2.88 -22.90
C TYR M 85 41.28 1.83 -23.60
N THR M 86 41.87 0.68 -23.93
CA THR M 86 41.08 -0.41 -24.50
C THR M 86 39.99 -0.85 -23.54
N GLY M 87 40.32 -0.95 -22.24
CA GLY M 87 39.31 -1.35 -21.28
C GLY M 87 38.19 -0.35 -21.17
N PHE M 88 38.52 0.95 -21.14
CA PHE M 88 37.48 1.97 -21.07
C PHE M 88 36.62 1.95 -22.32
N ILE M 89 37.24 1.75 -23.49
CA ILE M 89 36.47 1.70 -24.73
C ILE M 89 35.54 0.49 -24.72
N GLN M 90 36.01 -0.65 -24.25
CA GLN M 90 35.14 -1.83 -24.19
C GLN M 90 34.01 -1.64 -23.20
N LEU M 91 34.29 -1.01 -22.05
CA LEU M 91 33.23 -0.69 -21.11
C LEU M 91 32.23 0.28 -21.73
N GLY M 92 32.72 1.27 -22.46
CA GLY M 92 31.82 2.22 -23.10
C GLY M 92 30.94 1.56 -24.15
N ALA M 93 31.53 0.68 -24.95
CA ALA M 93 30.74 -0.05 -25.95
C ALA M 93 29.70 -0.93 -25.28
N GLY M 94 30.11 -1.66 -24.24
CA GLY M 94 29.17 -2.51 -23.54
C GLY M 94 28.03 -1.73 -22.92
N LEU M 95 28.35 -0.66 -22.21
CA LEU M 95 27.29 0.17 -21.61
C LEU M 95 26.41 0.79 -22.66
N SER M 96 27.01 1.30 -23.75
CA SER M 96 26.21 1.94 -24.80
C SER M 96 25.21 0.96 -25.38
N VAL M 97 25.68 -0.21 -25.84
CA VAL M 97 24.76 -1.17 -26.43
C VAL M 97 23.76 -1.67 -25.39
N GLY M 98 24.23 -1.98 -24.18
CA GLY M 98 23.35 -2.54 -23.18
C GLY M 98 22.24 -1.60 -22.77
N LEU M 99 22.57 -0.34 -22.48
CA LEU M 99 21.59 0.60 -21.99
C LEU M 99 20.86 1.34 -23.10
N SER M 100 21.26 1.19 -24.36
CA SER M 100 20.37 1.55 -25.45
C SER M 100 19.41 0.43 -25.76
N GLY M 101 19.87 -0.82 -25.71
CA GLY M 101 18.97 -1.94 -25.89
C GLY M 101 17.98 -2.10 -24.76
N LEU M 102 18.36 -1.67 -23.54
CA LEU M 102 17.41 -1.68 -22.44
C LEU M 102 16.25 -0.73 -22.70
N ALA M 103 16.57 0.50 -23.13
CA ALA M 103 15.52 1.46 -23.46
C ALA M 103 14.70 1.00 -24.66
N ALA M 104 15.38 0.47 -25.68
CA ALA M 104 14.67 -0.03 -26.85
C ALA M 104 13.77 -1.20 -26.50
N GLY M 105 14.20 -2.08 -25.59
CA GLY M 105 13.35 -3.16 -25.13
C GLY M 105 12.17 -2.68 -24.32
N PHE M 106 12.35 -1.67 -23.46
CA PHE M 106 11.21 -1.10 -22.76
C PHE M 106 10.20 -0.53 -23.75
N ALA M 107 10.68 0.25 -24.71
CA ALA M 107 9.78 0.83 -25.70
C ALA M 107 9.11 -0.25 -26.52
N ILE M 108 9.86 -1.27 -26.93
CA ILE M 108 9.28 -2.35 -27.72
C ILE M 108 8.22 -3.09 -26.92
N GLY M 109 8.49 -3.37 -25.65
CA GLY M 109 7.50 -4.06 -24.84
C GLY M 109 6.22 -3.26 -24.69
N ILE M 110 6.35 -1.98 -24.32
CA ILE M 110 5.16 -1.16 -24.11
C ILE M 110 4.38 -1.01 -25.40
N VAL M 111 5.07 -0.62 -26.48
CA VAL M 111 4.40 -0.41 -27.75
C VAL M 111 3.82 -1.71 -28.28
N GLY M 112 4.53 -2.83 -28.11
CA GLY M 112 4.02 -4.10 -28.61
C GLY M 112 2.78 -4.56 -27.87
N ASP M 113 2.79 -4.43 -26.54
CA ASP M 113 1.59 -4.76 -25.79
C ASP M 113 0.41 -3.91 -26.27
N ALA M 114 0.59 -2.60 -26.31
CA ALA M 114 -0.50 -1.73 -26.73
C ALA M 114 -0.92 -2.02 -28.15
N GLY M 115 0.02 -2.28 -29.05
CA GLY M 115 -0.26 -2.47 -30.45
C GLY M 115 -0.91 -3.79 -30.77
N VAL M 116 -0.50 -4.87 -30.12
CA VAL M 116 -1.19 -6.14 -30.34
C VAL M 116 -2.60 -6.07 -29.77
N ARG M 117 -2.76 -5.43 -28.60
CA ARG M 117 -4.10 -5.31 -28.05
C ARG M 117 -4.98 -4.40 -28.91
N GLY M 118 -4.38 -3.43 -29.60
CA GLY M 118 -5.15 -2.58 -30.48
C GLY M 118 -5.42 -3.20 -31.84
N SER M 119 -4.51 -4.08 -32.29
CA SER M 119 -4.69 -4.76 -33.56
C SER M 119 -5.70 -5.88 -33.48
N SER M 120 -5.78 -6.57 -32.34
CA SER M 120 -6.87 -7.53 -32.16
C SER M 120 -8.22 -6.87 -32.35
N GLN M 121 -8.32 -5.58 -32.04
CA GLN M 121 -9.57 -4.84 -32.22
C GLN M 121 -9.66 -4.19 -33.59
N GLN M 122 -8.54 -3.70 -34.11
CA GLN M 122 -8.52 -2.97 -35.38
C GLN M 122 -7.48 -3.59 -36.30
N PRO M 123 -7.91 -4.35 -37.32
CA PRO M 123 -6.93 -5.06 -38.14
C PRO M 123 -5.93 -4.16 -38.85
N ARG M 124 -6.33 -2.95 -39.24
CA ARG M 124 -5.42 -2.09 -40.00
C ARG M 124 -4.48 -1.30 -39.11
N LEU M 125 -4.61 -1.41 -37.79
CA LEU M 125 -3.66 -0.75 -36.90
C LEU M 125 -2.31 -1.47 -36.87
N PHE M 126 -2.23 -2.68 -37.43
CA PHE M 126 -0.97 -3.42 -37.37
C PHE M 126 0.16 -2.63 -37.99
N VAL M 127 -0.02 -2.16 -39.23
CA VAL M 127 1.04 -1.38 -39.88
C VAL M 127 1.45 -0.20 -39.01
N GLY M 128 0.55 0.28 -38.15
CA GLY M 128 0.94 1.29 -37.19
C GLY M 128 1.94 0.75 -36.18
N MET M 129 1.53 -0.27 -35.41
CA MET M 129 2.38 -0.77 -34.35
C MET M 129 3.76 -1.11 -34.87
N ILE M 130 3.83 -1.92 -35.93
CA ILE M 130 5.13 -2.31 -36.46
C ILE M 130 5.96 -1.07 -36.78
N LEU M 131 5.36 -0.08 -37.44
CA LEU M 131 6.10 1.14 -37.74
C LEU M 131 6.68 1.72 -36.46
N ILE M 132 5.85 1.92 -35.43
CA ILE M 132 6.34 2.47 -34.18
C ILE M 132 7.44 1.58 -33.62
N LEU M 133 7.26 0.26 -33.71
CA LEU M 133 8.28 -0.63 -33.17
C LEU M 133 9.61 -0.41 -33.88
N ILE M 134 9.60 -0.15 -35.18
CA ILE M 134 10.85 0.16 -35.87
C ILE M 134 11.51 1.36 -35.21
N PHE M 135 10.74 2.40 -34.93
CA PHE M 135 11.31 3.57 -34.27
C PHE M 135 11.87 3.23 -32.91
N ALA M 136 11.29 2.24 -32.22
CA ALA M 136 11.90 1.75 -30.99
C ALA M 136 13.09 0.86 -31.30
N GLU M 137 12.97 0.02 -32.34
CA GLU M 137 14.05 -0.91 -32.66
C GLU M 137 15.35 -0.16 -32.94
N VAL M 138 15.27 0.91 -33.73
CA VAL M 138 16.48 1.65 -34.07
C VAL M 138 17.16 2.19 -32.82
N LEU M 139 16.41 2.47 -31.75
CA LEU M 139 17.06 2.93 -30.54
C LEU M 139 18.12 1.94 -30.07
N GLY M 140 17.82 0.63 -30.17
CA GLY M 140 18.86 -0.36 -29.92
C GLY M 140 19.94 -0.32 -30.97
N LEU M 141 19.55 -0.24 -32.24
CA LEU M 141 20.53 -0.25 -33.32
C LEU M 141 21.53 0.88 -33.14
N TYR M 142 21.07 2.07 -32.77
CA TYR M 142 21.98 3.18 -32.53
C TYR M 142 23.02 2.80 -31.50
N GLY M 143 22.59 2.22 -30.37
CA GLY M 143 23.53 1.79 -29.37
C GLY M 143 24.53 0.79 -29.92
N LEU M 144 24.11 -0.03 -30.88
CA LEU M 144 25.05 -0.92 -31.54
C LEU M 144 26.09 -0.14 -32.32
N ILE M 145 25.64 0.83 -33.11
CA ILE M 145 26.56 1.56 -33.98
C ILE M 145 27.67 2.18 -33.15
N VAL M 146 27.29 2.92 -32.11
CA VAL M 146 28.29 3.46 -31.19
C VAL M 146 29.13 2.34 -30.61
N ALA M 147 28.47 1.29 -30.10
CA ALA M 147 29.21 0.19 -29.51
C ALA M 147 30.13 -0.48 -30.52
N LEU M 148 29.87 -0.27 -31.82
CA LEU M 148 30.79 -0.77 -32.82
C LEU M 148 31.86 0.27 -33.14
N LEU M 149 31.48 1.54 -33.24
CA LEU M 149 32.48 2.58 -33.47
C LEU M 149 33.48 2.64 -32.34
N LEU M 150 33.01 2.47 -31.10
CA LEU M 150 33.92 2.34 -29.98
C LEU M 150 34.80 1.10 -30.13
N ASN M 151 34.20 -0.02 -30.54
CA ASN M 151 34.96 -1.26 -30.61
C ASN M 151 36.10 -1.16 -31.61
N SER M 152 35.87 -0.54 -32.76
CA SER M 152 36.92 -0.37 -33.75
C SER M 152 38.04 0.53 -33.24
N ARG M 153 37.79 1.32 -32.21
CA ARG M 153 38.81 2.18 -31.62
C ARG M 153 39.48 1.56 -30.41
N ALA M 154 38.98 0.42 -29.93
CA ALA M 154 39.50 -0.14 -28.68
C ALA M 154 40.97 -0.53 -28.80
N THR M 155 41.43 -0.83 -30.01
CA THR M 155 42.80 -1.26 -30.23
C THR M 155 43.56 -0.41 -31.26
N GLN M 156 42.87 0.45 -32.00
CA GLN M 156 43.55 1.28 -32.99
C GLN M 156 44.44 2.30 -32.30
N ASP M 157 45.70 2.38 -32.72
CA ASP M 157 46.67 3.33 -32.18
C ASP M 157 46.80 3.20 -30.67
N VAL M 158 46.77 1.97 -30.17
CA VAL M 158 46.88 1.71 -28.74
C VAL M 158 48.20 1.00 -28.47
N VAL M 159 48.96 1.54 -27.51
CA VAL M 159 50.25 0.98 -27.11
C VAL M 159 50.26 0.83 -25.60
N CYS M 160 51.14 -0.05 -25.13
CA CYS M 160 51.26 -0.32 -23.70
C CYS M 160 52.70 -0.11 -23.24
N THR N 2 53.39 -12.14 -8.79
CA THR N 2 52.25 -11.76 -7.96
C THR N 2 51.78 -10.36 -8.31
N GLU N 3 52.49 -9.70 -9.22
CA GLU N 3 52.00 -8.43 -9.75
C GLU N 3 50.79 -8.64 -10.64
N LEU N 4 50.88 -9.61 -11.56
CA LEU N 4 49.74 -9.96 -12.40
C LEU N 4 48.81 -10.96 -11.73
N CYS N 5 49.22 -11.58 -10.62
CA CYS N 5 48.45 -12.61 -9.93
C CYS N 5 48.35 -12.27 -8.45
N PRO N 6 47.61 -11.23 -8.09
CA PRO N 6 47.47 -10.90 -6.67
C PRO N 6 46.79 -12.03 -5.92
N VAL N 7 47.08 -12.11 -4.62
CA VAL N 7 46.49 -13.15 -3.80
C VAL N 7 44.98 -13.00 -3.73
N TYR N 8 44.46 -11.81 -4.00
CA TYR N 8 43.01 -11.61 -4.08
C TYR N 8 42.46 -11.89 -5.47
N ALA N 9 43.29 -12.35 -6.40
CA ALA N 9 42.80 -12.67 -7.73
C ALA N 9 41.68 -13.70 -7.72
N PRO N 10 41.76 -14.78 -6.95
CA PRO N 10 40.66 -15.76 -6.96
C PRO N 10 39.33 -15.18 -6.48
N PHE N 11 39.34 -14.03 -5.82
CA PHE N 11 38.09 -13.46 -5.33
C PHE N 11 37.11 -13.22 -6.46
N PHE N 12 37.59 -12.67 -7.57
CA PHE N 12 36.70 -12.32 -8.67
C PHE N 12 36.15 -13.57 -9.36
N GLY N 13 36.96 -14.61 -9.51
CA GLY N 13 36.43 -15.85 -10.08
C GLY N 13 35.46 -16.53 -9.14
N ALA N 14 35.73 -16.51 -7.84
CA ALA N 14 34.80 -17.08 -6.87
C ALA N 14 33.48 -16.34 -6.90
N ILE N 15 33.53 -15.01 -6.98
CA ILE N 15 32.31 -14.23 -7.11
C ILE N 15 31.65 -14.46 -8.46
N GLY N 16 32.42 -14.82 -9.49
CA GLY N 16 31.82 -15.19 -10.76
C GLY N 16 30.98 -16.45 -10.65
N CYS N 17 31.54 -17.47 -10.00
CA CYS N 17 30.78 -18.69 -9.73
C CYS N 17 29.53 -18.36 -8.92
N ALA N 18 29.72 -17.60 -7.84
CA ALA N 18 28.60 -17.24 -6.98
C ALA N 18 27.53 -16.50 -7.78
N SER N 19 27.94 -15.55 -8.62
CA SER N 19 26.98 -14.78 -9.39
C SER N 19 26.23 -15.66 -10.38
N ALA N 20 26.94 -16.54 -11.09
CA ALA N 20 26.27 -17.42 -12.03
C ALA N 20 25.18 -18.21 -11.32
N ILE N 21 25.53 -18.92 -10.25
CA ILE N 21 24.53 -19.72 -9.55
C ILE N 21 23.44 -18.83 -8.97
N ILE N 22 23.83 -17.79 -8.25
CA ILE N 22 22.86 -16.92 -7.59
C ILE N 22 21.81 -16.47 -8.58
N PHE N 23 22.24 -15.80 -9.65
CA PHE N 23 21.30 -15.13 -10.54
C PHE N 23 20.57 -16.09 -11.48
N THR N 24 21.23 -17.15 -11.97
CA THR N 24 20.46 -18.13 -12.72
C THR N 24 19.42 -18.80 -11.85
N SER N 25 19.73 -19.06 -10.58
CA SER N 25 18.73 -19.65 -9.70
C SER N 25 17.61 -18.69 -9.38
N LEU N 26 17.92 -17.39 -9.20
CA LEU N 26 16.86 -16.42 -9.03
C LEU N 26 15.94 -16.39 -10.25
N GLY N 27 16.52 -16.36 -11.45
CA GLY N 27 15.69 -16.36 -12.65
C GLY N 27 14.87 -17.61 -12.79
N ALA N 28 15.50 -18.77 -12.57
CA ALA N 28 14.79 -20.04 -12.70
C ALA N 28 13.71 -20.20 -11.64
N ALA N 29 13.97 -19.73 -10.42
CA ALA N 29 12.96 -19.83 -9.37
C ALA N 29 11.80 -18.88 -9.62
N TYR N 30 12.09 -17.67 -10.11
CA TYR N 30 10.98 -16.78 -10.48
C TYR N 30 10.16 -17.38 -11.61
N GLY N 31 10.83 -17.92 -12.63
CA GLY N 31 10.11 -18.52 -13.74
C GLY N 31 9.27 -19.70 -13.30
N THR N 32 9.87 -20.60 -12.51
CA THR N 32 9.14 -21.75 -12.01
C THR N 32 7.99 -21.34 -11.11
N ALA N 33 8.19 -20.39 -10.22
CA ALA N 33 7.12 -19.96 -9.33
C ALA N 33 5.96 -19.39 -10.12
N LYS N 34 6.23 -18.43 -11.02
CA LYS N 34 5.14 -17.80 -11.75
C LYS N 34 4.44 -18.79 -12.67
N SER N 35 5.20 -19.58 -13.42
CA SER N 35 4.60 -20.52 -14.35
C SER N 35 3.82 -21.60 -13.61
N GLY N 36 4.34 -22.10 -12.49
CA GLY N 36 3.62 -23.09 -11.72
C GLY N 36 2.36 -22.52 -11.08
N VAL N 37 2.42 -21.26 -10.64
CA VAL N 37 1.23 -20.62 -10.11
C VAL N 37 0.15 -20.55 -11.18
N GLY N 38 0.54 -20.12 -12.39
CA GLY N 38 -0.42 -20.09 -13.48
C GLY N 38 -0.96 -21.46 -13.83
N ILE N 39 -0.08 -22.46 -13.91
CA ILE N 39 -0.50 -23.81 -14.24
C ILE N 39 -1.50 -24.33 -13.21
N CYS N 40 -1.18 -24.15 -11.94
CA CYS N 40 -2.05 -24.62 -10.87
C CYS N 40 -3.40 -23.91 -10.90
N ALA N 41 -3.39 -22.59 -11.12
CA ALA N 41 -4.63 -21.85 -11.25
C ALA N 41 -5.40 -22.26 -12.50
N THR N 42 -4.74 -22.90 -13.46
CA THR N 42 -5.40 -23.37 -14.67
C THR N 42 -5.65 -24.87 -14.69
N CYS N 43 -4.83 -25.65 -13.99
CA CYS N 43 -5.00 -27.11 -14.01
C CYS N 43 -6.40 -27.50 -13.56
N VAL N 44 -6.99 -26.77 -12.63
CA VAL N 44 -8.36 -27.06 -12.22
C VAL N 44 -9.30 -26.93 -13.41
N LEU N 45 -9.09 -25.93 -14.27
CA LEU N 45 -9.94 -25.78 -15.44
C LEU N 45 -9.78 -26.96 -16.39
N ARG N 46 -8.56 -27.44 -16.57
CA ARG N 46 -8.27 -28.57 -17.46
C ARG N 46 -7.40 -29.57 -16.70
N PRO N 47 -7.99 -30.65 -16.19
CA PRO N 47 -7.18 -31.58 -15.37
C PRO N 47 -6.04 -32.22 -16.13
N ASP N 48 -6.21 -32.50 -17.42
CA ASP N 48 -5.16 -33.17 -18.19
C ASP N 48 -4.26 -32.21 -18.95
N LEU N 49 -4.58 -30.91 -18.95
CA LEU N 49 -3.77 -29.95 -19.69
C LEU N 49 -2.50 -29.55 -18.94
N LEU N 50 -2.41 -29.86 -17.65
CA LEU N 50 -1.28 -29.40 -16.84
C LEU N 50 0.05 -29.88 -17.42
N PHE N 51 0.17 -31.18 -17.68
CA PHE N 51 1.42 -31.70 -18.19
C PHE N 51 1.79 -31.07 -19.53
N LYS N 52 0.80 -30.59 -20.28
CA LYS N 52 1.07 -29.83 -21.49
C LYS N 52 1.51 -28.40 -21.16
N ASN N 53 1.00 -27.85 -20.06
CA ASN N 53 1.31 -26.48 -19.69
C ASN N 53 2.56 -26.36 -18.84
N ILE N 54 3.25 -27.47 -18.56
CA ILE N 54 4.45 -27.42 -17.72
C ILE N 54 5.70 -26.97 -18.46
N VAL N 55 5.58 -26.56 -19.72
CA VAL N 55 6.78 -26.19 -20.49
C VAL N 55 7.56 -25.04 -19.87
N PRO N 56 6.93 -23.93 -19.46
CA PRO N 56 7.72 -22.82 -18.90
C PRO N 56 8.55 -23.23 -17.70
N VAL N 57 8.08 -24.16 -16.87
CA VAL N 57 8.91 -24.68 -15.79
C VAL N 57 10.15 -25.38 -16.37
N ILE N 58 9.97 -26.11 -17.46
CA ILE N 58 11.11 -26.78 -18.09
C ILE N 58 12.13 -25.76 -18.55
N MET N 59 11.67 -24.67 -19.15
CA MET N 59 12.61 -23.67 -19.66
C MET N 59 13.28 -22.91 -18.51
N ALA N 60 12.54 -22.64 -17.43
CA ALA N 60 13.16 -22.07 -16.25
C ALA N 60 14.24 -22.99 -15.70
N GLY N 61 14.00 -24.30 -15.74
CA GLY N 61 15.03 -25.24 -15.34
C GLY N 61 16.22 -25.24 -16.26
N ILE N 62 16.00 -25.08 -17.56
CA ILE N 62 17.13 -24.99 -18.49
C ILE N 62 17.98 -23.77 -18.18
N ILE N 63 17.35 -22.68 -17.73
CA ILE N 63 18.13 -21.51 -17.31
C ILE N 63 19.08 -21.88 -16.18
N ALA N 64 18.58 -22.60 -15.17
CA ALA N 64 19.44 -23.05 -14.09
C ALA N 64 20.51 -24.04 -14.56
N ILE N 65 20.21 -24.83 -15.59
CA ILE N 65 21.25 -25.68 -16.17
C ILE N 65 22.36 -24.83 -16.77
N TYR N 66 22.00 -23.76 -17.47
CA TYR N 66 23.03 -22.85 -18.00
C TYR N 66 23.88 -22.30 -16.87
N GLY N 67 23.23 -21.83 -15.81
CA GLY N 67 23.97 -21.29 -14.68
C GLY N 67 24.93 -22.32 -14.09
N LEU N 68 24.43 -23.54 -13.87
CA LEU N 68 25.28 -24.59 -13.32
C LEU N 68 26.45 -24.90 -14.23
N VAL N 69 26.21 -24.94 -15.54
CA VAL N 69 27.29 -25.26 -16.48
C VAL N 69 28.39 -24.22 -16.37
N VAL N 70 28.02 -22.94 -16.42
CA VAL N 70 29.06 -21.90 -16.38
C VAL N 70 29.76 -21.88 -15.03
N SER N 71 29.01 -22.08 -13.95
CA SER N 71 29.62 -22.08 -12.63
C SER N 71 30.61 -23.23 -12.49
N VAL N 72 30.26 -24.41 -12.97
CA VAL N 72 31.16 -25.55 -12.87
C VAL N 72 32.41 -25.31 -13.71
N LEU N 73 32.25 -24.77 -14.92
CA LEU N 73 33.42 -24.47 -15.74
C LEU N 73 34.33 -23.47 -15.04
N VAL N 74 33.75 -22.40 -14.49
CA VAL N 74 34.56 -21.39 -13.82
C VAL N 74 35.29 -21.99 -12.64
N CYS N 75 34.57 -22.72 -11.79
CA CYS N 75 35.19 -23.29 -10.60
C CYS N 75 36.22 -24.35 -10.93
N TYR N 76 36.16 -24.96 -12.10
CA TYR N 76 37.26 -25.81 -12.55
C TYR N 76 38.38 -25.00 -13.18
N SER N 77 38.13 -23.74 -13.53
CA SER N 77 39.19 -22.84 -13.98
C SER N 77 39.80 -22.00 -12.87
N LEU N 78 39.29 -22.10 -11.64
CA LEU N 78 39.84 -21.32 -10.53
C LEU N 78 41.16 -21.91 -10.07
N GLY N 79 41.99 -21.05 -9.47
CA GLY N 79 43.27 -21.48 -8.94
C GLY N 79 43.75 -20.52 -7.88
N GLN N 80 44.69 -21.00 -7.05
CA GLN N 80 45.23 -20.16 -5.99
C GLN N 80 46.11 -19.06 -6.57
N LYS N 81 47.00 -19.41 -7.50
CA LYS N 81 47.91 -18.46 -8.12
C LYS N 81 47.34 -17.91 -9.40
N GLN N 82 46.01 -17.78 -9.44
CA GLN N 82 45.29 -17.30 -10.60
C GLN N 82 45.67 -15.87 -10.94
N ALA N 83 45.73 -15.59 -12.24
CA ALA N 83 45.95 -14.21 -12.67
C ALA N 83 44.74 -13.36 -12.33
N LEU N 84 44.96 -12.05 -12.27
CA LEU N 84 43.84 -11.14 -12.04
C LEU N 84 42.98 -11.01 -13.30
N TYR N 85 43.60 -11.11 -14.47
CA TYR N 85 42.84 -11.10 -15.71
C TYR N 85 41.88 -12.29 -15.77
N THR N 86 42.34 -13.46 -15.35
CA THR N 86 41.45 -14.62 -15.29
C THR N 86 40.32 -14.37 -14.31
N GLY N 87 40.62 -13.74 -13.17
CA GLY N 87 39.57 -13.43 -12.23
C GLY N 87 38.52 -12.52 -12.81
N PHE N 88 38.96 -11.48 -13.52
CA PHE N 88 38.02 -10.57 -14.16
C PHE N 88 37.20 -11.26 -15.24
N ILE N 89 37.85 -12.12 -16.03
CA ILE N 89 37.14 -12.85 -17.07
C ILE N 89 36.09 -13.77 -16.47
N GLN N 90 36.43 -14.45 -15.38
CA GLN N 90 35.46 -15.34 -14.73
C GLN N 90 34.33 -14.56 -14.09
N LEU N 91 34.63 -13.41 -13.49
CA LEU N 91 33.56 -12.55 -12.98
C LEU N 91 32.65 -12.11 -14.10
N GLY N 92 33.22 -11.72 -15.24
CA GLY N 92 32.40 -11.32 -16.37
C GLY N 92 31.54 -12.46 -16.88
N ALA N 93 32.11 -13.66 -17.00
CA ALA N 93 31.35 -14.80 -17.46
C ALA N 93 30.22 -15.12 -16.50
N GLY N 94 30.51 -15.16 -15.21
CA GLY N 94 29.49 -15.46 -14.23
C GLY N 94 28.39 -14.41 -14.22
N LEU N 95 28.76 -13.14 -14.23
CA LEU N 95 27.75 -12.09 -14.23
C LEU N 95 26.91 -12.14 -15.49
N SER N 96 27.53 -12.33 -16.65
CA SER N 96 26.76 -12.37 -17.89
C SER N 96 25.78 -13.54 -17.87
N VAL N 97 26.25 -14.75 -17.56
CA VAL N 97 25.34 -15.89 -17.56
C VAL N 97 24.25 -15.69 -16.51
N GLY N 98 24.63 -15.26 -15.31
CA GLY N 98 23.67 -15.13 -14.23
C GLY N 98 22.61 -14.10 -14.49
N LEU N 99 22.99 -12.91 -14.95
CA LEU N 99 22.00 -11.86 -15.15
C LEU N 99 21.22 -12.03 -16.45
N SER N 100 21.84 -12.59 -17.50
CA SER N 100 21.05 -12.98 -18.65
C SER N 100 20.03 -14.06 -18.29
N GLY N 101 20.43 -15.03 -17.47
CA GLY N 101 19.48 -16.02 -16.99
C GLY N 101 18.42 -15.42 -16.09
N LEU N 102 18.77 -14.41 -15.31
CA LEU N 102 17.78 -13.69 -14.52
C LEU N 102 16.74 -13.03 -15.42
N ALA N 103 17.20 -12.33 -16.46
CA ALA N 103 16.28 -11.70 -17.39
C ALA N 103 15.42 -12.73 -18.11
N ALA N 104 16.04 -13.82 -18.57
CA ALA N 104 15.30 -14.87 -19.25
C ALA N 104 14.30 -15.52 -18.30
N GLY N 105 14.67 -15.69 -17.03
CA GLY N 105 13.75 -16.26 -16.08
C GLY N 105 12.56 -15.37 -15.78
N PHE N 106 12.79 -14.07 -15.67
CA PHE N 106 11.66 -13.15 -15.50
C PHE N 106 10.75 -13.18 -16.72
N ALA N 107 11.33 -13.16 -17.92
CA ALA N 107 10.51 -13.23 -19.13
C ALA N 107 9.73 -14.53 -19.18
N ILE N 108 10.38 -15.65 -18.84
CA ILE N 108 9.70 -16.94 -18.86
C ILE N 108 8.60 -16.97 -17.83
N GLY N 109 8.85 -16.44 -16.63
CA GLY N 109 7.81 -16.44 -15.62
C GLY N 109 6.58 -15.67 -16.06
N ILE N 110 6.79 -14.45 -16.57
CA ILE N 110 5.65 -13.63 -16.98
C ILE N 110 4.93 -14.29 -18.16
N VAL N 111 5.68 -14.70 -19.18
CA VAL N 111 5.07 -15.26 -20.38
C VAL N 111 4.34 -16.56 -20.06
N GLY N 112 4.94 -17.42 -19.23
CA GLY N 112 4.27 -18.66 -18.87
C GLY N 112 3.02 -18.42 -18.03
N ASP N 113 3.11 -17.48 -17.09
CA ASP N 113 1.93 -17.14 -16.29
C ASP N 113 0.78 -16.69 -17.17
N ALA N 114 1.08 -15.88 -18.19
CA ALA N 114 0.02 -15.46 -19.11
C ALA N 114 -0.44 -16.61 -19.99
N GLY N 115 0.51 -17.38 -20.53
CA GLY N 115 0.19 -18.33 -21.58
C GLY N 115 -0.49 -19.59 -21.08
N VAL N 116 -0.22 -20.00 -19.84
CA VAL N 116 -0.94 -21.14 -19.31
C VAL N 116 -2.42 -20.81 -19.16
N ARG N 117 -2.75 -19.62 -18.64
CA ARG N 117 -4.13 -19.19 -18.58
C ARG N 117 -4.73 -19.09 -19.97
N GLY N 118 -4.00 -18.48 -20.90
CA GLY N 118 -4.50 -18.37 -22.26
C GLY N 118 -4.81 -19.72 -22.89
N SER N 119 -3.90 -20.68 -22.73
CA SER N 119 -4.12 -22.02 -23.26
C SER N 119 -5.29 -22.70 -22.57
N SER N 120 -5.42 -22.57 -21.25
CA SER N 120 -6.60 -23.07 -20.58
C SER N 120 -7.87 -22.47 -21.17
N GLN N 121 -7.79 -21.24 -21.69
CA GLN N 121 -8.91 -20.66 -22.42
C GLN N 121 -8.93 -21.03 -23.89
N GLN N 122 -7.75 -21.12 -24.52
CA GLN N 122 -7.65 -21.32 -25.97
C GLN N 122 -6.47 -22.24 -26.27
N PRO N 123 -6.72 -23.54 -26.48
CA PRO N 123 -5.60 -24.45 -26.75
C PRO N 123 -4.75 -24.07 -27.93
N ARG N 124 -5.34 -23.44 -28.96
CA ARG N 124 -4.56 -23.05 -30.13
C ARG N 124 -3.44 -22.07 -29.78
N LEU N 125 -3.57 -21.35 -28.67
CA LEU N 125 -2.53 -20.43 -28.25
C LEU N 125 -1.28 -21.15 -27.75
N PHE N 126 -1.36 -22.45 -27.48
CA PHE N 126 -0.23 -23.15 -26.90
C PHE N 126 1.02 -22.98 -27.74
N VAL N 127 0.95 -23.27 -29.03
CA VAL N 127 2.13 -23.16 -29.87
C VAL N 127 2.67 -21.74 -29.84
N GLY N 128 1.79 -20.76 -29.71
CA GLY N 128 2.27 -19.39 -29.56
C GLY N 128 3.08 -19.21 -28.29
N MET N 129 2.53 -19.64 -27.16
CA MET N 129 3.22 -19.45 -25.88
C MET N 129 4.64 -20.01 -25.95
N ILE N 130 4.76 -21.28 -26.34
CA ILE N 130 6.08 -21.89 -26.45
C ILE N 130 6.98 -21.03 -27.32
N LEU N 131 6.47 -20.61 -28.48
CA LEU N 131 7.29 -19.78 -29.35
C LEU N 131 7.79 -18.56 -28.59
N ILE N 132 6.87 -17.82 -27.95
CA ILE N 132 7.30 -16.67 -27.16
C ILE N 132 8.31 -17.10 -26.12
N LEU N 133 8.03 -18.21 -25.42
CA LEU N 133 8.95 -18.67 -24.39
C LEU N 133 10.31 -18.96 -24.98
N ILE N 134 10.36 -19.56 -26.17
CA ILE N 134 11.66 -19.83 -26.78
C ILE N 134 12.41 -18.53 -26.97
N PHE N 135 11.71 -17.49 -27.44
CA PHE N 135 12.38 -16.21 -27.63
C PHE N 135 12.93 -15.67 -26.32
N ALA N 136 12.25 -15.97 -25.21
CA ALA N 136 12.80 -15.61 -23.91
C ALA N 136 13.91 -16.58 -23.51
N GLU N 137 13.74 -17.86 -23.83
CA GLU N 137 14.72 -18.86 -23.41
C GLU N 137 16.10 -18.54 -23.98
N VAL N 138 16.16 -18.14 -25.25
CA VAL N 138 17.44 -17.83 -25.86
C VAL N 138 18.14 -16.68 -25.15
N LEU N 139 17.39 -15.80 -24.49
CA LEU N 139 18.05 -14.75 -23.73
C LEU N 139 19.04 -15.34 -22.73
N GLY N 140 18.68 -16.46 -22.09
CA GLY N 140 19.64 -17.15 -21.27
C GLY N 140 20.77 -17.76 -22.09
N LEU N 141 20.42 -18.40 -23.20
CA LEU N 141 21.44 -19.05 -24.02
C LEU N 141 22.49 -18.06 -24.48
N TYR N 142 22.07 -16.87 -24.94
CA TYR N 142 23.04 -15.84 -25.27
C TYR N 142 23.99 -15.61 -24.11
N GLY N 143 23.45 -15.40 -22.91
CA GLY N 143 24.32 -15.21 -21.76
C GLY N 143 25.25 -16.38 -21.55
N LEU N 144 24.77 -17.60 -21.81
CA LEU N 144 25.65 -18.76 -21.75
C LEU N 144 26.75 -18.64 -22.78
N ILE N 145 26.39 -18.32 -24.03
CA ILE N 145 27.38 -18.30 -25.10
C ILE N 145 28.52 -17.36 -24.75
N VAL N 146 28.17 -16.12 -24.37
CA VAL N 146 29.19 -15.18 -23.93
C VAL N 146 29.99 -15.77 -22.77
N ALA N 147 29.29 -16.32 -21.78
CA ALA N 147 29.98 -16.87 -20.62
C ALA N 147 30.85 -18.04 -21.00
N LEU N 148 30.58 -18.69 -22.14
CA LEU N 148 31.43 -19.78 -22.58
C LEU N 148 32.56 -19.27 -23.46
N LEU N 149 32.37 -18.10 -24.10
CA LEU N 149 33.47 -17.48 -24.81
C LEU N 149 34.45 -16.84 -23.83
N LEU N 150 33.93 -16.04 -22.90
CA LEU N 150 34.79 -15.44 -21.88
C LEU N 150 35.58 -16.51 -21.14
N ASN N 151 34.90 -17.57 -20.70
CA ASN N 151 35.58 -18.65 -20.01
C ASN N 151 36.69 -19.26 -20.86
N SER N 152 36.54 -19.25 -22.18
CA SER N 152 37.59 -19.79 -23.03
C SER N 152 38.79 -18.84 -23.09
N ARG N 153 38.55 -17.54 -23.00
CA ARG N 153 39.65 -16.57 -22.99
C ARG N 153 40.34 -16.52 -21.64
N ALA N 154 39.76 -17.12 -20.61
CA ALA N 154 40.20 -16.87 -19.24
C ALA N 154 41.63 -17.35 -18.98
N THR N 155 42.15 -18.28 -19.77
CA THR N 155 43.48 -18.83 -19.53
C THR N 155 44.29 -18.92 -20.80
N GLN N 156 43.91 -18.21 -21.85
CA GLN N 156 44.64 -18.20 -23.11
C GLN N 156 45.50 -16.94 -23.17
N ASP N 157 46.78 -17.12 -23.45
CA ASP N 157 47.75 -16.01 -23.41
C ASP N 157 47.76 -15.34 -22.04
N VAL N 158 47.68 -16.16 -20.99
CA VAL N 158 47.73 -15.68 -19.62
C VAL N 158 49.10 -16.04 -19.04
N VAL N 159 49.78 -15.04 -18.50
CA VAL N 159 51.10 -15.20 -17.91
C VAL N 159 51.01 -14.86 -16.44
N CYS N 160 51.77 -15.59 -15.63
CA CYS N 160 51.72 -15.42 -14.19
C CYS N 160 52.90 -14.59 -13.70
N SER O 7 54.24 -14.19 7.39
CA SER O 7 54.69 -15.53 7.04
C SER O 7 54.39 -15.85 5.59
N ASN O 8 53.14 -16.23 5.32
CA ASN O 8 52.70 -16.63 3.99
C ASN O 8 51.76 -15.58 3.43
N ILE O 9 52.04 -15.12 2.20
CA ILE O 9 51.22 -14.09 1.60
C ILE O 9 49.95 -14.68 1.00
N TYR O 10 50.00 -15.94 0.58
CA TYR O 10 48.82 -16.61 0.03
C TYR O 10 47.89 -17.12 1.11
N ALA O 11 48.29 -17.06 2.37
CA ALA O 11 47.48 -17.49 3.50
C ALA O 11 47.48 -16.40 4.56
N PRO O 12 46.82 -15.28 4.30
CA PRO O 12 46.71 -14.23 5.32
C PRO O 12 45.89 -14.70 6.50
N LEU O 13 46.14 -14.09 7.66
CA LEU O 13 45.44 -14.50 8.87
C LEU O 13 43.98 -14.09 8.87
N TYR O 14 43.56 -13.22 7.93
CA TYR O 14 42.15 -12.86 7.83
C TYR O 14 41.37 -13.76 6.88
N ALA O 15 42.03 -14.73 6.25
CA ALA O 15 41.32 -15.64 5.34
C ALA O 15 40.16 -16.35 6.00
N PRO O 16 40.29 -16.92 7.21
CA PRO O 16 39.16 -17.65 7.79
C PRO O 16 37.89 -16.82 7.85
N PHE O 17 37.98 -15.50 8.06
CA PHE O 17 36.79 -14.66 7.97
C PHE O 17 35.95 -15.06 6.76
N PHE O 18 36.53 -14.96 5.57
CA PHE O 18 35.77 -15.30 4.37
C PHE O 18 35.29 -16.74 4.42
N GLY O 19 36.13 -17.65 4.89
CA GLY O 19 35.70 -19.03 5.02
C GLY O 19 34.45 -19.15 5.87
N PHE O 20 34.41 -18.40 6.98
CA PHE O 20 33.23 -18.42 7.82
C PHE O 20 32.04 -17.76 7.16
N ALA O 21 32.28 -16.74 6.34
CA ALA O 21 31.20 -16.18 5.54
C ALA O 21 30.62 -17.24 4.62
N GLY O 22 31.40 -18.28 4.31
CA GLY O 22 30.84 -19.41 3.59
C GLY O 22 29.82 -20.18 4.42
N CYS O 23 30.15 -20.42 5.69
CA CYS O 23 29.21 -21.13 6.56
C CYS O 23 27.96 -20.29 6.80
N ALA O 24 28.14 -19.05 7.23
CA ALA O 24 27.00 -18.20 7.57
C ALA O 24 26.07 -18.04 6.38
N ALA O 25 26.62 -17.75 5.21
CA ALA O 25 25.79 -17.66 4.02
C ALA O 25 25.19 -19.00 3.66
N ALA O 26 25.95 -20.09 3.85
CA ALA O 26 25.44 -21.41 3.48
C ALA O 26 24.22 -21.78 4.32
N MET O 27 24.30 -21.55 5.63
CA MET O 27 23.22 -21.95 6.51
C MET O 27 22.12 -20.91 6.55
N VAL O 28 22.45 -19.68 6.94
CA VAL O 28 21.42 -18.65 7.10
C VAL O 28 20.52 -18.61 5.88
N LEU O 29 21.09 -18.34 4.71
CA LEU O 29 20.28 -18.24 3.51
C LEU O 29 19.52 -19.53 3.24
N SER O 30 20.16 -20.69 3.43
CA SER O 30 19.42 -21.94 3.27
C SER O 30 18.20 -21.97 4.18
N CYS O 31 18.36 -21.58 5.44
CA CYS O 31 17.19 -21.46 6.30
C CYS O 31 16.17 -20.51 5.70
N LEU O 32 16.64 -19.35 5.24
CA LEU O 32 15.73 -18.39 4.63
C LEU O 32 14.98 -19.01 3.46
N GLY O 33 15.58 -20.01 2.82
CA GLY O 33 14.84 -20.78 1.84
C GLY O 33 13.94 -21.80 2.49
N ALA O 34 14.51 -22.66 3.33
CA ALA O 34 13.73 -23.72 3.95
C ALA O 34 12.56 -23.15 4.73
N ALA O 35 12.71 -21.97 5.32
CA ALA O 35 11.59 -21.32 5.98
C ALA O 35 10.53 -20.90 4.98
N ILE O 36 10.93 -20.19 3.93
CA ILE O 36 9.94 -19.66 2.99
C ILE O 36 9.13 -20.80 2.39
N GLY O 37 9.80 -21.90 2.02
CA GLY O 37 9.08 -23.06 1.55
C GLY O 37 8.22 -23.68 2.63
N THR O 38 8.77 -23.81 3.84
CA THR O 38 8.03 -24.46 4.92
C THR O 38 6.89 -23.58 5.40
N ALA O 39 7.14 -22.27 5.52
CA ALA O 39 6.08 -21.36 5.95
C ALA O 39 5.02 -21.21 4.88
N LYS O 40 5.41 -20.73 3.70
CA LYS O 40 4.45 -20.52 2.62
C LYS O 40 3.67 -21.80 2.33
N SER O 41 4.37 -22.90 2.08
CA SER O 41 3.68 -24.17 1.85
C SER O 41 2.74 -24.48 2.98
N GLY O 42 3.18 -24.26 4.23
CA GLY O 42 2.32 -24.53 5.36
C GLY O 42 0.99 -23.81 5.25
N ILE O 43 1.03 -22.53 4.86
CA ILE O 43 -0.21 -21.79 4.69
C ILE O 43 -1.13 -22.54 3.72
N GLY O 44 -0.59 -22.95 2.57
CA GLY O 44 -1.39 -23.71 1.65
C GLY O 44 -1.94 -24.98 2.27
N ILE O 45 -1.10 -25.71 3.00
CA ILE O 45 -1.54 -26.98 3.57
C ILE O 45 -2.60 -26.74 4.64
N ALA O 46 -2.75 -25.50 5.09
CA ALA O 46 -3.85 -25.19 6.00
C ALA O 46 -5.03 -24.60 5.26
N GLY O 47 -4.79 -23.94 4.12
CA GLY O 47 -5.90 -23.46 3.33
C GLY O 47 -6.82 -24.59 2.89
N ILE O 48 -6.24 -25.73 2.52
CA ILE O 48 -7.03 -26.91 2.21
C ILE O 48 -7.67 -27.51 3.46
N GLY O 49 -7.26 -27.05 4.65
CA GLY O 49 -7.82 -27.61 5.88
C GLY O 49 -9.31 -27.38 6.01
N THR O 50 -9.81 -26.26 5.52
CA THR O 50 -11.23 -25.95 5.66
C THR O 50 -12.10 -26.63 4.61
N PHE O 51 -11.50 -27.30 3.62
CA PHE O 51 -12.25 -27.83 2.49
C PHE O 51 -11.93 -29.27 2.13
N LYS O 52 -10.82 -29.85 2.60
CA LYS O 52 -10.50 -31.26 2.34
C LYS O 52 -9.52 -31.77 3.39
N PRO O 53 -9.97 -31.90 4.65
CA PRO O 53 -9.12 -32.49 5.69
C PRO O 53 -8.84 -33.97 5.46
N GLU O 54 -8.13 -34.28 4.38
CA GLU O 54 -7.69 -35.66 4.16
C GLU O 54 -6.62 -36.05 5.17
N LEU O 55 -6.72 -37.26 5.69
CA LEU O 55 -5.84 -37.73 6.76
C LEU O 55 -4.85 -38.80 6.32
N ILE O 56 -4.78 -39.11 5.02
CA ILE O 56 -3.87 -40.12 4.51
C ILE O 56 -3.12 -39.69 3.26
N MET O 57 -3.34 -38.48 2.76
CA MET O 57 -2.77 -38.09 1.48
C MET O 57 -1.36 -37.51 1.59
N LYS O 58 -0.90 -37.16 2.78
CA LYS O 58 0.47 -36.67 2.99
C LYS O 58 0.81 -35.54 2.02
N SER O 59 0.11 -34.42 2.21
CA SER O 59 0.39 -33.21 1.42
C SER O 59 1.63 -32.46 1.89
N LEU O 60 2.47 -33.08 2.72
CA LEU O 60 3.65 -32.41 3.25
C LEU O 60 4.85 -32.48 2.30
N ILE O 61 4.64 -32.84 1.04
CA ILE O 61 5.76 -32.92 0.11
C ILE O 61 6.51 -31.59 -0.02
N PRO O 62 5.85 -30.45 -0.23
CA PRO O 62 6.58 -29.19 -0.26
C PRO O 62 7.31 -28.87 1.03
N VAL O 63 6.74 -29.23 2.18
CA VAL O 63 7.43 -29.01 3.45
C VAL O 63 8.69 -29.87 3.52
N VAL O 64 8.61 -31.11 3.07
CA VAL O 64 9.78 -31.99 3.09
C VAL O 64 10.86 -31.45 2.16
N MET O 65 10.47 -30.95 0.98
CA MET O 65 11.46 -30.38 0.07
C MET O 65 12.09 -29.12 0.66
N SER O 66 11.28 -28.29 1.31
CA SER O 66 11.84 -27.10 1.97
C SER O 66 12.83 -27.49 3.04
N GLY O 67 12.53 -28.53 3.81
CA GLY O 67 13.49 -29.02 4.78
C GLY O 67 14.75 -29.56 4.14
N ILE O 68 14.61 -30.22 2.98
CA ILE O 68 15.78 -30.71 2.28
C ILE O 68 16.68 -29.57 1.85
N LEU O 69 16.10 -28.40 1.57
CA LEU O 69 16.94 -27.24 1.28
C LEU O 69 17.84 -26.91 2.46
N ALA O 70 17.27 -26.87 3.66
CA ALA O 70 18.09 -26.66 4.85
C ALA O 70 19.11 -27.78 5.02
N ILE O 71 18.78 -29.00 4.60
CA ILE O 71 19.75 -30.08 4.66
C ILE O 71 20.93 -29.81 3.72
N TYR O 72 20.67 -29.29 2.52
CA TYR O 72 21.76 -28.90 1.64
C TYR O 72 22.63 -27.84 2.28
N GLY O 73 21.99 -26.81 2.84
CA GLY O 73 22.74 -25.78 3.54
C GLY O 73 23.60 -26.34 4.66
N LEU O 74 23.03 -27.24 5.45
CA LEU O 74 23.77 -27.85 6.55
C LEU O 74 24.94 -28.67 6.03
N VAL O 75 24.75 -29.41 4.95
CA VAL O 75 25.83 -30.24 4.42
C VAL O 75 26.99 -29.35 4.00
N VAL O 76 26.70 -28.27 3.28
CA VAL O 76 27.78 -27.40 2.82
C VAL O 76 28.43 -26.68 3.99
N ALA O 77 27.63 -26.23 4.96
CA ALA O 77 28.20 -25.54 6.11
C ALA O 77 29.08 -26.47 6.92
N VAL O 78 28.67 -27.73 7.11
CA VAL O 78 29.50 -28.69 7.81
C VAL O 78 30.80 -28.93 7.05
N LEU O 79 30.70 -29.07 5.73
CA LEU O 79 31.90 -29.30 4.93
C LEU O 79 32.87 -28.13 5.04
N ILE O 80 32.33 -26.90 5.02
CA ILE O 80 33.19 -25.72 5.12
C ILE O 80 33.83 -25.65 6.50
N ALA O 81 33.02 -25.81 7.55
CA ALA O 81 33.53 -25.70 8.91
C ALA O 81 34.49 -26.83 9.26
N GLY O 82 34.45 -27.94 8.51
CA GLY O 82 35.42 -28.99 8.74
C GLY O 82 36.78 -28.69 8.16
N ASN O 83 36.83 -27.80 7.17
CA ASN O 83 38.08 -27.38 6.55
C ASN O 83 38.68 -26.15 7.19
N LEU O 84 38.09 -25.66 8.28
CA LEU O 84 38.58 -24.50 9.01
C LEU O 84 39.19 -24.93 10.32
N SER O 85 40.35 -24.38 10.65
CA SER O 85 41.00 -24.64 11.93
C SER O 85 41.99 -23.51 12.19
N PRO O 86 42.21 -23.14 13.45
CA PRO O 86 43.17 -22.06 13.73
C PRO O 86 44.61 -22.49 13.59
N THR O 87 44.89 -23.80 13.71
CA THR O 87 46.26 -24.28 13.60
C THR O 87 46.67 -24.54 12.16
N GLU O 88 45.74 -25.05 11.34
CA GLU O 88 46.06 -25.38 9.97
C GLU O 88 46.21 -24.13 9.12
N ASP O 89 47.14 -24.18 8.17
CA ASP O 89 47.27 -23.11 7.19
C ASP O 89 46.00 -23.05 6.33
N TYR O 90 45.51 -21.83 6.10
CA TYR O 90 44.23 -21.64 5.42
C TYR O 90 44.40 -20.51 4.41
N THR O 91 44.65 -20.87 3.16
CA THR O 91 44.96 -19.89 2.13
C THR O 91 43.76 -18.99 1.88
N LEU O 92 44.04 -17.78 1.38
CA LEU O 92 42.97 -16.85 1.04
C LEU O 92 42.14 -17.40 -0.11
N PHE O 93 42.78 -18.13 -1.03
CA PHE O 93 42.03 -18.81 -2.08
C PHE O 93 41.00 -19.73 -1.47
N ASN O 94 41.39 -20.49 -0.44
CA ASN O 94 40.45 -21.36 0.24
C ASN O 94 39.32 -20.55 0.87
N GLY O 95 39.65 -19.40 1.45
CA GLY O 95 38.62 -18.56 2.04
C GLY O 95 37.61 -18.08 1.03
N PHE O 96 38.09 -17.62 -0.12
CA PHE O 96 37.17 -17.17 -1.17
C PHE O 96 36.36 -18.33 -1.72
N MET O 97 36.98 -19.50 -1.88
CA MET O 97 36.25 -20.67 -2.37
C MET O 97 35.14 -21.05 -1.41
N HIS O 98 35.40 -20.98 -0.10
CA HIS O 98 34.36 -21.30 0.87
C HIS O 98 33.29 -20.22 0.91
N LEU O 99 33.68 -18.96 0.73
CA LEU O 99 32.70 -17.89 0.63
C LEU O 99 31.76 -18.14 -0.55
N SER O 100 32.32 -18.57 -1.68
CA SER O 100 31.50 -18.86 -2.84
C SER O 100 30.69 -20.14 -2.69
N CYS O 101 31.21 -21.16 -2.02
CA CYS O 101 30.37 -22.30 -1.65
C CYS O 101 29.16 -21.82 -0.85
N GLY O 102 29.40 -20.96 0.13
CA GLY O 102 28.30 -20.46 0.94
C GLY O 102 27.31 -19.65 0.11
N LEU O 103 27.81 -18.75 -0.72
CA LEU O 103 26.90 -17.94 -1.52
C LEU O 103 26.10 -18.80 -2.49
N CYS O 104 26.77 -19.73 -3.18
CA CYS O 104 26.07 -20.60 -4.12
C CYS O 104 24.97 -21.38 -3.42
N VAL O 105 25.31 -22.08 -2.34
CA VAL O 105 24.30 -22.90 -1.68
C VAL O 105 23.21 -22.03 -1.07
N GLY O 106 23.59 -20.96 -0.40
CA GLY O 106 22.62 -20.11 0.26
C GLY O 106 21.62 -19.53 -0.72
N PHE O 107 22.09 -18.97 -1.83
CA PHE O 107 21.16 -18.33 -2.74
C PHE O 107 20.44 -19.33 -3.63
N ALA O 108 21.08 -20.44 -4.00
CA ALA O 108 20.36 -21.48 -4.71
C ALA O 108 19.24 -22.07 -3.86
N CYS O 109 19.50 -22.29 -2.57
CA CYS O 109 18.49 -22.83 -1.68
C CYS O 109 17.45 -21.77 -1.32
N LEU O 110 17.82 -20.50 -1.31
CA LEU O 110 16.84 -19.43 -1.16
C LEU O 110 15.90 -19.40 -2.36
N SER O 111 16.44 -19.54 -3.56
CA SER O 111 15.62 -19.61 -4.76
C SER O 111 14.72 -20.83 -4.72
N SER O 112 15.26 -21.98 -4.33
CA SER O 112 14.44 -23.18 -4.20
C SER O 112 13.35 -22.98 -3.17
N GLY O 113 13.66 -22.34 -2.05
CA GLY O 113 12.65 -22.11 -1.04
C GLY O 113 11.53 -21.22 -1.55
N TYR O 114 11.88 -20.15 -2.24
CA TYR O 114 10.85 -19.27 -2.81
C TYR O 114 9.98 -20.03 -3.81
N ALA O 115 10.61 -20.74 -4.74
CA ALA O 115 9.85 -21.46 -5.77
C ALA O 115 8.98 -22.54 -5.14
N ILE O 116 9.53 -23.30 -4.19
CA ILE O 116 8.77 -24.36 -3.54
C ILE O 116 7.64 -23.78 -2.72
N GLY O 117 7.87 -22.69 -2.00
CA GLY O 117 6.83 -22.08 -1.23
C GLY O 117 5.68 -21.67 -2.12
N MET O 118 5.98 -20.98 -3.21
CA MET O 118 4.90 -20.55 -4.10
C MET O 118 4.18 -21.74 -4.72
N VAL O 119 4.93 -22.70 -5.26
CA VAL O 119 4.32 -23.79 -6.01
C VAL O 119 3.63 -24.77 -5.08
N GLY O 120 3.98 -24.77 -3.79
CA GLY O 120 3.33 -25.68 -2.87
C GLY O 120 2.14 -25.04 -2.18
N ASP O 121 2.20 -23.72 -1.96
CA ASP O 121 1.03 -23.01 -1.48
C ASP O 121 -0.07 -23.02 -2.53
N VAL O 122 0.31 -22.87 -3.80
CA VAL O 122 -0.69 -22.84 -4.86
C VAL O 122 -0.88 -24.19 -5.55
N GLY O 123 -0.04 -25.17 -5.26
CA GLY O 123 -0.13 -26.48 -5.87
C GLY O 123 -0.85 -27.45 -4.96
N VAL O 124 -0.57 -27.36 -3.66
CA VAL O 124 -1.47 -27.94 -2.69
C VAL O 124 -2.81 -27.20 -2.87
N ARG O 125 -3.86 -27.78 -2.29
CA ARG O 125 -5.24 -27.32 -2.50
C ARG O 125 -5.59 -27.24 -3.99
N LYS O 126 -4.79 -27.86 -4.85
CA LYS O 126 -5.17 -28.07 -6.25
C LYS O 126 -5.13 -29.56 -6.56
N TYR O 127 -4.02 -30.23 -6.20
CA TYR O 127 -3.96 -31.68 -6.39
C TYR O 127 -4.44 -32.44 -5.17
N MET O 128 -4.90 -31.75 -4.13
CA MET O 128 -5.72 -32.39 -3.11
C MET O 128 -7.14 -32.62 -3.62
N HIS O 129 -7.72 -31.64 -4.29
CA HIS O 129 -9.01 -31.83 -4.93
C HIS O 129 -8.93 -32.85 -6.06
N GLN O 130 -7.85 -32.81 -6.83
CA GLN O 130 -7.70 -33.61 -8.05
C GLN O 130 -6.44 -34.44 -7.93
N PRO O 131 -6.53 -35.67 -7.41
CA PRO O 131 -5.32 -36.48 -7.22
C PRO O 131 -4.53 -36.69 -8.49
N ARG O 132 -5.19 -36.70 -9.66
CA ARG O 132 -4.44 -36.88 -10.91
C ARG O 132 -3.39 -35.79 -11.09
N LEU O 133 -3.64 -34.59 -10.59
CA LEU O 133 -2.67 -33.51 -10.70
C LEU O 133 -1.44 -33.72 -9.82
N PHE O 134 -1.50 -34.65 -8.87
CA PHE O 134 -0.35 -34.91 -8.01
C PHE O 134 0.93 -35.08 -8.84
N VAL O 135 0.96 -36.11 -9.68
CA VAL O 135 2.17 -36.41 -10.45
C VAL O 135 2.61 -35.19 -11.23
N GLY O 136 1.69 -34.27 -11.53
CA GLY O 136 2.04 -33.03 -12.16
C GLY O 136 2.67 -32.06 -11.19
N ILE O 137 1.91 -31.67 -10.17
CA ILE O 137 2.38 -30.64 -9.25
C ILE O 137 3.71 -31.07 -8.62
N VAL O 138 3.78 -32.30 -8.14
CA VAL O 138 5.01 -32.78 -7.51
C VAL O 138 6.18 -32.57 -8.46
N LEU O 139 5.99 -32.86 -9.74
CA LEU O 139 7.09 -32.74 -10.68
C LEU O 139 7.61 -31.31 -10.74
N ILE O 140 6.70 -30.33 -10.73
CA ILE O 140 7.14 -28.94 -10.71
C ILE O 140 8.02 -28.70 -9.49
N LEU O 141 7.63 -29.24 -8.34
CA LEU O 141 8.46 -29.07 -7.14
C LEU O 141 9.83 -29.68 -7.34
N ILE O 142 9.92 -30.81 -8.05
CA ILE O 142 11.22 -31.41 -8.31
C ILE O 142 12.08 -30.48 -9.14
N PHE O 143 11.46 -29.62 -9.95
CA PHE O 143 12.21 -28.63 -10.71
C PHE O 143 12.61 -27.43 -9.87
N SER O 144 11.91 -27.17 -8.77
CA SER O 144 12.37 -26.17 -7.82
C SER O 144 13.39 -26.76 -6.87
N GLU O 145 13.15 -27.97 -6.40
CA GLU O 145 14.09 -28.63 -5.51
C GLU O 145 15.49 -28.65 -6.12
N VAL O 146 15.59 -29.03 -7.39
CA VAL O 146 16.89 -29.10 -8.05
C VAL O 146 17.58 -27.73 -8.12
N LEU O 147 16.83 -26.64 -8.15
CA LEU O 147 17.48 -25.33 -8.10
C LEU O 147 18.40 -25.23 -6.90
N GLY O 148 18.00 -25.80 -5.77
CA GLY O 148 18.89 -25.90 -4.64
C GLY O 148 20.01 -26.90 -4.88
N LEU O 149 19.65 -28.08 -5.38
CA LEU O 149 20.65 -29.13 -5.54
C LEU O 149 21.79 -28.68 -6.43
N TYR O 150 21.48 -28.04 -7.57
CA TYR O 150 22.54 -27.50 -8.40
C TYR O 150 23.49 -26.64 -7.58
N GLY O 151 22.94 -25.72 -6.80
CA GLY O 151 23.77 -24.95 -5.89
C GLY O 151 24.71 -25.84 -5.11
N MET O 152 24.15 -26.80 -4.37
CA MET O 152 25.00 -27.67 -3.56
C MET O 152 26.07 -28.32 -4.41
N ILE O 153 25.71 -28.79 -5.61
CA ILE O 153 26.69 -29.45 -6.45
C ILE O 153 27.89 -28.54 -6.65
N VAL O 154 27.64 -27.29 -7.03
CA VAL O 154 28.74 -26.36 -7.25
C VAL O 154 29.53 -26.18 -5.96
N ALA O 155 28.83 -26.05 -4.84
CA ALA O 155 29.51 -25.86 -3.57
C ALA O 155 30.30 -27.10 -3.17
N LEU O 156 29.89 -28.27 -3.63
CA LEU O 156 30.67 -29.47 -3.33
C LEU O 156 31.94 -29.50 -4.16
N ILE O 157 31.96 -28.75 -5.27
CA ILE O 157 33.17 -28.63 -6.08
C ILE O 157 34.05 -27.50 -5.56
N LEU O 158 33.48 -26.30 -5.49
CA LEU O 158 34.24 -25.16 -4.99
C LEU O 158 34.91 -25.48 -3.66
N ASN O 159 34.20 -26.19 -2.78
CA ASN O 159 34.80 -26.59 -1.52
C ASN O 159 36.03 -27.46 -1.76
N THR O 160 35.87 -28.58 -2.46
CA THR O 160 37.01 -29.48 -2.62
C THR O 160 38.14 -28.81 -3.39
N ARG O 161 37.81 -28.15 -4.50
CA ARG O 161 38.81 -27.38 -5.22
C ARG O 161 39.54 -26.42 -4.28
N GLY O 162 38.82 -25.81 -3.35
CA GLY O 162 39.46 -24.89 -2.43
C GLY O 162 40.49 -25.59 -1.56
N SER O 163 40.14 -26.75 -1.01
CA SER O 163 41.06 -27.41 -0.09
C SER O 163 42.26 -27.98 -0.84
N GLU O 164 42.01 -28.68 -1.94
CA GLU O 164 43.08 -29.29 -2.72
C GLU O 164 44.02 -28.23 -3.29
#